data_8IO3
#
_entry.id   8IO3
#
_cell.length_a   1.00
_cell.length_b   1.00
_cell.length_c   1.00
_cell.angle_alpha   90.00
_cell.angle_beta   90.00
_cell.angle_gamma   90.00
#
_symmetry.space_group_name_H-M   'P 1'
#
loop_
_entity.id
_entity.type
_entity.pdbx_description
1 polymer 'Potassium/sodium hyperpolarization-activated cyclic nucleotide-gated channel 3'
2 non-polymer 3-[[(3~{S})-1-[2-(3,4-dimethoxyphenyl)ethyl]piperidin-3-yl]methyl]-7,8-dimethoxy-2,5-dihydro-1~{H}-3-benzazepin-4-one
#
_entity_poly.entity_id   1
_entity_poly.type   'polypeptide(L)'
_entity_poly.pdbx_seq_one_letter_code
;MEAEQRPAAGASEGATPGLEAVPPVAPPPATAASGPIPKSGPEPKRRHLGTLLQPTVNKFSLRVFGSHKAVEIEQERVKS
AGAWIIHPYSDFRFYWDLIMLLLMVGNLIVLPVGITFFKEENSPPWIVFNVLSDTFFLLDLVLNFRTGIVVEEGAEILLA
PRAIRTRYLRTWFLVDLISSIPVDYIFLVVELEPRLDAEVYKTARALRIVRFTKILSLLRLLRLSRLIRYIHQWEEIFHM
TYDLASAVVRIFNLIGMMLLLCHWDGCLQFLVPMLQDFPPDCWVSINHMVNHSWGRQYSHALFKAMSHMLCIGYGQQAPV
GMPDVWLTMLSMIVGATCYAMFIGHATALIQSLDSSRRQYQEKYKQVEQYMSFHKLPADTRQRIHEYYEHRYQGKMFDEE
SILGELSEPLREEIINFTCRGLVAHMPLFAHADPSFVTAVLTKLRFEVFQPGDLVVREGSVGRKMYFIQHGLLSVLARGA
RDTRLTDGSYFGEICLLTRGRRTASVRADTYCRLYSLSVDHFNAVLEEFPMMRRAFETVAMDRLLRIGKKNSILQRKRSE
PSPGSSGGIMEQHLVQHDRDMARGVRGRAPSTGAQLSGKPVLWEPLVHAPLQAAAVTSNVAIALTHQRGPLPLSPDSPAT
LLARSAWRSAGSPASPLVPVRAGPWASTSRLPAPPARTLHASLSRAGRSQVSLLGPPPGGGGRRLGPRGRPLSASQPSLP
QRATGDGSPGRKGSGSERLPPSGLLAKPPRTAQPPRPPVPEPATPRGLQLSANM
;
_entity_poly.pdbx_strand_id   C,A,B,D
#
loop_
_chem_comp.id
_chem_comp.type
_chem_comp.name
_chem_comp.formula
VXI non-polymer 3-[[(3~{S})-1-[2-(3,4-dimethoxyphenyl)ethyl]piperidin-3-yl]methyl]-7,8-dimethoxy-2,5-dihydro-1~{H}-3-benzazepin-4-one 'C28 H38 N2 O5'
#
# COMPACT_ATOMS: atom_id res chain seq x y z
N GLY A 50 -31.06 -17.53 -38.17
CA GLY A 50 -30.22 -16.43 -38.61
C GLY A 50 -30.08 -15.34 -37.58
N THR A 51 -30.68 -15.54 -36.43
CA THR A 51 -30.64 -14.56 -35.35
C THR A 51 -29.42 -14.73 -34.44
N LEU A 52 -28.48 -15.61 -34.79
CA LEU A 52 -27.31 -15.81 -33.96
C LEU A 52 -26.31 -14.67 -34.08
N LEU A 53 -26.42 -13.84 -35.10
CA LEU A 53 -25.51 -12.72 -35.26
C LEU A 53 -25.91 -11.52 -34.42
N GLN A 54 -27.16 -11.46 -33.97
CA GLN A 54 -27.77 -10.40 -33.19
C GLN A 54 -27.65 -10.69 -31.71
N PRO A 55 -27.53 -9.66 -30.87
CA PRO A 55 -27.45 -9.91 -29.42
C PRO A 55 -28.80 -10.32 -28.86
N THR A 56 -28.79 -11.32 -27.99
CA THR A 56 -30.00 -11.87 -27.42
C THR A 56 -30.36 -11.12 -26.14
N VAL A 57 -31.34 -11.64 -25.40
CA VAL A 57 -31.80 -11.03 -24.16
C VAL A 57 -31.27 -11.86 -23.01
N ASN A 58 -30.21 -11.36 -22.36
CA ASN A 58 -29.62 -12.04 -21.21
C ASN A 58 -29.66 -11.13 -20.00
N LYS A 59 -29.02 -11.54 -18.91
CA LYS A 59 -28.83 -10.62 -17.79
C LYS A 59 -27.85 -9.52 -18.17
N PHE A 60 -26.83 -9.89 -18.96
CA PHE A 60 -25.80 -8.94 -19.35
C PHE A 60 -26.35 -7.89 -20.32
N SER A 61 -27.20 -8.32 -21.26
CA SER A 61 -27.77 -7.38 -22.22
C SER A 61 -28.72 -6.40 -21.54
N LEU A 62 -29.46 -6.87 -20.53
CA LEU A 62 -30.33 -5.97 -19.79
C LEU A 62 -29.54 -5.05 -18.87
N ARG A 63 -28.41 -5.50 -18.34
CA ARG A 63 -27.59 -4.59 -17.54
C ARG A 63 -26.89 -3.56 -18.41
N VAL A 64 -26.53 -3.90 -19.64
CA VAL A 64 -25.83 -2.95 -20.50
C VAL A 64 -26.81 -1.96 -21.13
N PHE A 65 -27.81 -2.48 -21.85
CA PHE A 65 -28.63 -1.57 -22.66
C PHE A 65 -29.82 -1.03 -21.89
N GLY A 66 -30.34 -1.79 -20.93
CA GLY A 66 -31.47 -1.31 -20.16
C GLY A 66 -32.66 -2.24 -20.21
N SER A 67 -33.76 -1.77 -20.79
CA SER A 67 -34.97 -2.56 -20.86
C SER A 67 -34.94 -3.43 -22.11
N HIS A 68 -36.07 -4.07 -22.44
CA HIS A 68 -36.15 -4.88 -23.65
C HIS A 68 -36.22 -4.00 -24.89
N LYS A 69 -36.68 -2.75 -24.75
CA LYS A 69 -36.82 -1.86 -25.90
C LYS A 69 -35.47 -1.47 -26.47
N ALA A 70 -34.47 -1.23 -25.62
CA ALA A 70 -33.13 -0.91 -26.12
C ALA A 70 -32.50 -2.11 -26.80
N VAL A 71 -32.79 -3.31 -26.31
CA VAL A 71 -32.28 -4.53 -26.93
C VAL A 71 -32.92 -4.74 -28.30
N GLU A 72 -34.21 -4.45 -28.42
CA GLU A 72 -34.88 -4.56 -29.71
C GLU A 72 -34.41 -3.48 -30.69
N ILE A 73 -34.08 -2.29 -30.17
CA ILE A 73 -33.48 -1.25 -31.00
C ILE A 73 -32.11 -1.69 -31.51
N GLU A 74 -31.31 -2.34 -30.66
CA GLU A 74 -30.01 -2.84 -31.10
C GLU A 74 -30.15 -3.97 -32.12
N GLN A 75 -31.16 -4.83 -31.94
CA GLN A 75 -31.40 -5.90 -32.92
C GLN A 75 -31.83 -5.32 -34.26
N GLU A 76 -32.68 -4.30 -34.25
CA GLU A 76 -33.07 -3.64 -35.49
C GLU A 76 -31.91 -2.86 -36.10
N ARG A 77 -30.98 -2.39 -35.27
CA ARG A 77 -29.80 -1.69 -35.78
C ARG A 77 -28.85 -2.67 -36.46
N VAL A 78 -28.70 -3.87 -35.90
CA VAL A 78 -27.89 -4.90 -36.55
C VAL A 78 -28.54 -5.36 -37.85
N LYS A 79 -29.85 -5.60 -37.82
CA LYS A 79 -30.58 -6.02 -39.02
C LYS A 79 -30.75 -4.91 -40.05
N SER A 80 -30.50 -3.65 -39.68
CA SER A 80 -30.65 -2.54 -40.60
C SER A 80 -29.40 -2.22 -41.40
N ALA A 81 -28.21 -2.42 -40.85
CA ALA A 81 -27.00 -2.35 -41.65
C ALA A 81 -26.97 -3.52 -42.62
N GLY A 82 -26.89 -3.21 -43.91
CA GLY A 82 -27.14 -4.24 -44.91
C GLY A 82 -25.89 -5.07 -45.17
N ALA A 83 -25.80 -6.19 -44.45
CA ALA A 83 -24.64 -7.07 -44.43
C ALA A 83 -24.99 -8.32 -43.63
N TRP A 84 -24.05 -9.26 -43.56
CA TRP A 84 -24.08 -10.31 -42.52
C TRP A 84 -23.18 -9.85 -41.37
N ILE A 85 -23.55 -8.71 -40.80
CA ILE A 85 -22.75 -8.08 -39.76
C ILE A 85 -22.85 -8.91 -38.48
N ILE A 86 -21.75 -8.98 -37.74
CA ILE A 86 -21.65 -9.84 -36.56
C ILE A 86 -21.52 -8.93 -35.35
N HIS A 87 -22.50 -8.96 -34.47
CA HIS A 87 -22.48 -8.10 -33.31
C HIS A 87 -21.56 -8.70 -32.24
N PRO A 88 -20.72 -7.90 -31.59
CA PRO A 88 -19.70 -8.47 -30.70
C PRO A 88 -20.22 -8.98 -29.37
N TYR A 89 -21.51 -8.86 -29.08
CA TYR A 89 -22.08 -9.48 -27.89
C TYR A 89 -22.99 -10.65 -28.21
N SER A 90 -23.02 -11.10 -29.46
CA SER A 90 -23.90 -12.17 -29.85
C SER A 90 -23.34 -13.52 -29.41
N ASP A 91 -24.10 -14.58 -29.70
CA ASP A 91 -23.68 -15.92 -29.31
C ASP A 91 -22.61 -16.47 -30.26
N PHE A 92 -22.57 -15.96 -31.49
CA PHE A 92 -21.66 -16.51 -32.50
C PHE A 92 -20.21 -16.19 -32.16
N ARG A 93 -19.94 -14.96 -31.70
CA ARG A 93 -18.60 -14.61 -31.29
C ARG A 93 -18.17 -15.38 -30.05
N PHE A 94 -19.12 -15.67 -29.16
CA PHE A 94 -18.80 -16.47 -27.97
C PHE A 94 -18.42 -17.89 -28.36
N TYR A 95 -19.22 -18.53 -29.22
CA TYR A 95 -18.95 -19.91 -29.62
C TYR A 95 -17.71 -19.99 -30.51
N TRP A 96 -17.38 -18.91 -31.21
CA TRP A 96 -16.17 -18.92 -32.03
C TRP A 96 -14.92 -18.71 -31.17
N ASP A 97 -14.96 -17.74 -30.25
CA ASP A 97 -13.79 -17.44 -29.44
C ASP A 97 -13.52 -18.52 -28.40
N LEU A 98 -14.54 -19.29 -28.01
CA LEU A 98 -14.30 -20.42 -27.13
C LEU A 98 -13.46 -21.50 -27.82
N ILE A 99 -13.62 -21.68 -29.12
CA ILE A 99 -12.76 -22.59 -29.86
C ILE A 99 -11.38 -21.97 -30.06
N MET A 100 -11.36 -20.67 -30.37
CA MET A 100 -10.10 -20.03 -30.72
C MET A 100 -9.16 -19.91 -29.52
N LEU A 101 -9.69 -19.74 -28.31
CA LEU A 101 -8.81 -19.68 -27.14
C LEU A 101 -8.16 -21.03 -26.86
N LEU A 102 -8.90 -22.13 -27.08
CA LEU A 102 -8.34 -23.46 -26.90
C LEU A 102 -7.26 -23.74 -27.94
N LEU A 103 -7.49 -23.34 -29.20
CA LEU A 103 -6.45 -23.52 -30.21
C LEU A 103 -5.23 -22.65 -29.93
N MET A 104 -5.43 -21.46 -29.37
CA MET A 104 -4.30 -20.60 -29.04
C MET A 104 -3.45 -21.18 -27.92
N VAL A 105 -4.09 -21.71 -26.87
CA VAL A 105 -3.33 -22.31 -25.78
C VAL A 105 -2.60 -23.56 -26.25
N GLY A 106 -3.26 -24.36 -27.10
CA GLY A 106 -2.63 -25.54 -27.66
C GLY A 106 -1.42 -25.24 -28.52
N ASN A 107 -1.53 -24.24 -29.40
CA ASN A 107 -0.40 -23.87 -30.24
C ASN A 107 0.73 -23.26 -29.43
N LEU A 108 0.41 -22.33 -28.52
CA LEU A 108 1.45 -21.65 -27.76
C LEU A 108 2.12 -22.55 -26.72
N ILE A 109 1.56 -23.71 -26.41
CA ILE A 109 2.30 -24.69 -25.62
C ILE A 109 3.06 -25.67 -26.51
N VAL A 110 2.46 -26.17 -27.58
CA VAL A 110 3.07 -27.28 -28.31
C VAL A 110 4.18 -26.82 -29.25
N LEU A 111 3.99 -25.68 -29.93
CA LEU A 111 4.89 -25.31 -31.03
C LEU A 111 6.37 -25.08 -30.69
N PRO A 112 6.77 -24.43 -29.58
CA PRO A 112 8.22 -24.34 -29.32
C PRO A 112 8.87 -25.68 -29.00
N VAL A 113 8.18 -26.55 -28.27
CA VAL A 113 8.70 -27.88 -27.98
C VAL A 113 8.80 -28.70 -29.25
N GLY A 114 7.85 -28.53 -30.16
CA GLY A 114 7.90 -29.25 -31.42
C GLY A 114 8.95 -28.74 -32.37
N ILE A 115 9.28 -27.46 -32.32
CA ILE A 115 10.30 -26.93 -33.21
C ILE A 115 11.70 -27.25 -32.70
N THR A 116 11.95 -27.01 -31.42
CA THR A 116 13.34 -27.06 -30.94
C THR A 116 13.82 -28.49 -30.73
N PHE A 117 13.10 -29.28 -29.94
CA PHE A 117 13.66 -30.54 -29.45
C PHE A 117 13.63 -31.66 -30.48
N PHE A 118 12.61 -31.72 -31.32
CA PHE A 118 12.54 -32.81 -32.30
C PHE A 118 13.50 -32.57 -33.45
N LYS A 119 13.92 -33.66 -34.08
CA LYS A 119 14.92 -33.61 -35.15
C LYS A 119 14.27 -33.52 -36.53
N GLU A 120 13.48 -34.51 -36.88
CA GLU A 120 12.84 -34.57 -38.20
C GLU A 120 11.45 -33.95 -38.10
N GLU A 121 11.24 -32.84 -38.81
CA GLU A 121 9.98 -32.12 -38.80
C GLU A 121 9.04 -32.55 -39.91
N ASN A 122 9.29 -33.69 -40.54
CA ASN A 122 8.46 -34.16 -41.64
C ASN A 122 7.51 -35.27 -41.23
N SER A 123 7.15 -35.36 -39.97
CA SER A 123 6.15 -36.33 -39.55
C SER A 123 4.77 -35.87 -40.01
N PRO A 124 3.89 -36.80 -40.41
CA PRO A 124 2.55 -36.41 -40.90
C PRO A 124 1.65 -35.69 -39.90
N PRO A 125 1.51 -36.10 -38.61
CA PRO A 125 0.53 -35.38 -37.77
C PRO A 125 0.97 -33.97 -37.43
N TRP A 126 2.28 -33.70 -37.47
CA TRP A 126 2.77 -32.34 -37.30
C TRP A 126 2.33 -31.43 -38.45
N ILE A 127 2.38 -31.95 -39.68
CA ILE A 127 1.96 -31.17 -40.85
C ILE A 127 0.45 -30.98 -40.85
N VAL A 128 -0.29 -32.02 -40.43
CA VAL A 128 -1.75 -31.90 -40.31
C VAL A 128 -2.13 -30.87 -39.27
N PHE A 129 -1.42 -30.87 -38.13
CA PHE A 129 -1.67 -29.93 -37.05
C PHE A 129 -1.40 -28.49 -37.49
N ASN A 130 -0.28 -28.27 -38.21
CA ASN A 130 0.03 -26.94 -38.70
C ASN A 130 -0.97 -26.47 -39.76
N VAL A 131 -1.42 -27.38 -40.63
CA VAL A 131 -2.37 -27.00 -41.67
C VAL A 131 -3.72 -26.62 -41.07
N LEU A 132 -4.19 -27.38 -40.08
CA LEU A 132 -5.47 -27.07 -39.45
C LEU A 132 -5.39 -25.78 -38.64
N SER A 133 -4.26 -25.55 -37.96
CA SER A 133 -4.09 -24.30 -37.23
C SER A 133 -4.06 -23.10 -38.16
N ASP A 134 -3.38 -23.23 -39.32
CA ASP A 134 -3.36 -22.14 -40.29
C ASP A 134 -4.75 -21.86 -40.87
N THR A 135 -5.54 -22.93 -41.07
CA THR A 135 -6.90 -22.76 -41.59
C THR A 135 -7.79 -22.00 -40.60
N PHE A 136 -7.78 -22.40 -39.33
CA PHE A 136 -8.63 -21.72 -38.36
C PHE A 136 -8.15 -20.29 -38.08
N PHE A 137 -6.83 -20.08 -38.01
CA PHE A 137 -6.38 -18.71 -37.79
C PHE A 137 -6.42 -17.84 -39.04
N LEU A 138 -6.76 -18.41 -40.20
CA LEU A 138 -7.10 -17.56 -41.34
C LEU A 138 -8.59 -17.22 -41.35
N LEU A 139 -9.44 -18.19 -41.00
CA LEU A 139 -10.87 -17.93 -40.92
C LEU A 139 -11.21 -16.93 -39.81
N ASP A 140 -10.40 -16.92 -38.74
CA ASP A 140 -10.62 -15.93 -37.68
C ASP A 140 -10.29 -14.52 -38.17
N LEU A 141 -9.31 -14.40 -39.07
CA LEU A 141 -9.01 -13.12 -39.68
C LEU A 141 -10.17 -12.67 -40.59
N VAL A 142 -10.73 -13.62 -41.34
CA VAL A 142 -11.86 -13.33 -42.21
C VAL A 142 -13.07 -12.86 -41.39
N LEU A 143 -13.27 -13.47 -40.22
CA LEU A 143 -14.39 -13.03 -39.37
C LEU A 143 -14.05 -11.74 -38.62
N ASN A 144 -12.77 -11.46 -38.40
CA ASN A 144 -12.38 -10.19 -37.77
C ASN A 144 -12.56 -9.03 -38.73
N PHE A 145 -12.63 -9.31 -40.03
CA PHE A 145 -13.10 -8.30 -40.97
C PHE A 145 -14.56 -7.90 -40.72
N ARG A 146 -15.35 -8.78 -40.11
CA ARG A 146 -16.79 -8.61 -40.13
C ARG A 146 -17.37 -8.28 -38.75
N THR A 147 -16.57 -8.33 -37.70
CA THR A 147 -17.11 -8.17 -36.35
C THR A 147 -17.30 -6.69 -36.01
N GLY A 148 -18.12 -6.44 -35.00
CA GLY A 148 -18.30 -5.10 -34.47
C GLY A 148 -17.25 -4.78 -33.42
N ILE A 149 -17.06 -3.48 -33.20
CA ILE A 149 -15.99 -2.97 -32.37
C ILE A 149 -16.56 -2.11 -31.25
N VAL A 150 -16.32 -2.51 -30.01
CA VAL A 150 -16.76 -1.74 -28.85
C VAL A 150 -15.73 -0.67 -28.58
N VAL A 151 -16.17 0.59 -28.56
CA VAL A 151 -15.26 1.72 -28.34
C VAL A 151 -15.57 2.38 -27.00
N GLU A 156 -21.27 0.97 -29.80
CA GLU A 156 -20.71 -0.10 -30.62
C GLU A 156 -20.79 0.27 -32.09
N ILE A 157 -19.63 0.37 -32.73
CA ILE A 157 -19.55 0.73 -34.16
C ILE A 157 -19.93 -0.50 -34.97
N LEU A 158 -21.17 -0.54 -35.46
CA LEU A 158 -21.66 -1.65 -36.25
C LEU A 158 -21.75 -1.32 -37.74
N LEU A 159 -21.21 -0.18 -38.15
CA LEU A 159 -21.20 0.19 -39.57
C LEU A 159 -20.15 -0.66 -40.28
N ALA A 160 -20.62 -1.54 -41.18
CA ALA A 160 -19.72 -2.55 -41.74
C ALA A 160 -18.72 -1.98 -42.76
N PRO A 161 -19.13 -1.34 -43.86
CA PRO A 161 -18.14 -1.12 -44.94
C PRO A 161 -17.13 -0.02 -44.69
N ARG A 162 -17.38 0.87 -43.73
CA ARG A 162 -16.54 2.05 -43.56
C ARG A 162 -15.77 2.03 -42.25
N ALA A 163 -16.45 1.89 -41.11
CA ALA A 163 -15.78 2.03 -39.82
C ALA A 163 -14.91 0.83 -39.50
N ILE A 164 -15.45 -0.38 -39.69
CA ILE A 164 -14.78 -1.59 -39.23
C ILE A 164 -13.52 -1.87 -40.04
N ARG A 165 -13.60 -1.67 -41.37
CA ARG A 165 -12.46 -1.96 -42.23
C ARG A 165 -11.30 -0.99 -41.97
N THR A 166 -11.59 0.31 -41.85
CA THR A 166 -10.54 1.28 -41.58
C THR A 166 -9.97 1.13 -40.17
N ARG A 167 -10.82 0.87 -39.18
CA ARG A 167 -10.31 0.67 -37.82
C ARG A 167 -9.49 -0.60 -37.70
N TYR A 168 -9.83 -1.64 -38.46
CA TYR A 168 -9.05 -2.88 -38.36
C TYR A 168 -7.75 -2.77 -39.14
N LEU A 169 -7.77 -2.10 -40.30
CA LEU A 169 -6.54 -1.90 -41.04
C LEU A 169 -5.60 -0.93 -40.36
N ARG A 170 -6.13 0.00 -39.55
CA ARG A 170 -5.26 0.94 -38.86
C ARG A 170 -4.58 0.33 -37.64
N THR A 171 -5.24 -0.56 -36.91
CA THR A 171 -4.76 -0.96 -35.59
C THR A 171 -4.09 -2.32 -35.64
N TRP A 172 -4.79 -3.39 -36.03
CA TRP A 172 -4.28 -4.75 -35.80
C TRP A 172 -4.43 -5.67 -37.00
N PHE A 173 -4.17 -5.18 -38.21
CA PHE A 173 -4.23 -6.07 -39.36
C PHE A 173 -2.89 -6.77 -39.58
N LEU A 174 -1.79 -6.08 -39.32
CA LEU A 174 -0.48 -6.57 -39.73
C LEU A 174 -0.02 -7.75 -38.87
N VAL A 175 -0.23 -7.66 -37.55
CA VAL A 175 0.22 -8.72 -36.65
C VAL A 175 -0.59 -9.98 -36.87
N ASP A 176 -1.90 -9.85 -37.08
CA ASP A 176 -2.73 -11.01 -37.35
C ASP A 176 -2.42 -11.60 -38.72
N LEU A 177 -2.05 -10.76 -39.69
CA LEU A 177 -1.69 -11.25 -41.01
C LEU A 177 -0.39 -12.04 -40.98
N ILE A 178 0.60 -11.57 -40.21
CA ILE A 178 1.86 -12.26 -40.05
C ILE A 178 1.64 -13.59 -39.32
N SER A 179 0.92 -13.55 -38.19
CA SER A 179 0.74 -14.77 -37.41
C SER A 179 -0.26 -15.74 -38.03
N SER A 180 -0.99 -15.34 -39.08
CA SER A 180 -1.98 -16.24 -39.66
C SER A 180 -1.35 -17.24 -40.61
N ILE A 181 -0.73 -16.76 -41.68
CA ILE A 181 -0.34 -17.60 -42.81
C ILE A 181 0.91 -18.41 -42.50
N PRO A 182 1.08 -19.60 -43.08
CA PRO A 182 2.36 -20.32 -42.92
C PRO A 182 3.46 -19.72 -43.77
N VAL A 183 4.42 -19.06 -43.12
CA VAL A 183 5.47 -18.36 -43.83
C VAL A 183 6.55 -19.33 -44.30
N ASP A 184 6.84 -20.34 -43.48
CA ASP A 184 7.98 -21.22 -43.74
C ASP A 184 7.74 -22.12 -44.95
N TYR A 185 6.50 -22.56 -45.15
CA TYR A 185 6.22 -23.48 -46.24
C TYR A 185 6.31 -22.80 -47.59
N ILE A 186 6.05 -21.49 -47.63
CA ILE A 186 6.24 -20.73 -48.86
C ILE A 186 7.71 -20.68 -49.25
N PHE A 187 8.58 -20.42 -48.27
CA PHE A 187 10.02 -20.42 -48.54
C PHE A 187 10.52 -21.81 -48.86
N LEU A 188 9.85 -22.85 -48.35
CA LEU A 188 10.25 -24.21 -48.66
C LEU A 188 9.85 -24.58 -50.09
N VAL A 189 8.69 -24.11 -50.55
CA VAL A 189 8.26 -24.38 -51.92
C VAL A 189 9.11 -23.58 -52.91
N VAL A 190 9.43 -22.33 -52.58
CA VAL A 190 10.22 -21.49 -53.48
C VAL A 190 11.67 -21.99 -53.55
N GLU A 191 12.32 -22.14 -52.40
CA GLU A 191 13.69 -22.64 -52.37
C GLU A 191 13.72 -24.16 -52.36
N ARG A 205 24.64 -26.46 -48.17
CA ARG A 205 24.10 -25.31 -47.45
C ARG A 205 22.66 -25.57 -47.04
N ALA A 206 22.31 -26.85 -46.86
CA ALA A 206 20.94 -27.20 -46.50
C ALA A 206 20.66 -26.92 -45.03
N LEU A 207 21.69 -26.98 -44.18
CA LEU A 207 21.48 -26.78 -42.74
C LEU A 207 21.13 -25.33 -42.43
N ARG A 208 21.70 -24.39 -43.17
CA ARG A 208 21.33 -22.99 -43.04
C ARG A 208 19.89 -22.77 -43.49
N ILE A 209 19.45 -23.52 -44.50
CA ILE A 209 18.06 -23.43 -44.97
C ILE A 209 17.10 -23.98 -43.91
N VAL A 210 17.49 -25.09 -43.26
CA VAL A 210 16.64 -25.68 -42.22
C VAL A 210 16.56 -24.76 -41.00
N ARG A 211 17.68 -24.17 -40.60
CA ARG A 211 17.67 -23.22 -39.49
C ARG A 211 16.88 -21.97 -39.83
N PHE A 212 16.96 -21.51 -41.08
CA PHE A 212 16.21 -20.34 -41.50
C PHE A 212 14.71 -20.63 -41.53
N THR A 213 14.32 -21.84 -41.92
CA THR A 213 12.91 -22.21 -41.87
C THR A 213 12.41 -22.39 -40.44
N LYS A 214 13.29 -22.81 -39.52
CA LYS A 214 12.88 -22.87 -38.11
C LYS A 214 12.65 -21.47 -37.55
N ILE A 215 13.53 -20.52 -37.88
CA ILE A 215 13.34 -19.15 -37.42
C ILE A 215 12.12 -18.51 -38.08
N LEU A 216 11.81 -18.88 -39.33
CA LEU A 216 10.58 -18.40 -39.94
C LEU A 216 9.33 -19.04 -39.33
N SER A 217 9.41 -20.31 -38.97
CA SER A 217 8.28 -20.99 -38.34
C SER A 217 8.04 -20.53 -36.91
N LEU A 218 9.02 -19.88 -36.29
CA LEU A 218 8.76 -19.23 -35.00
C LEU A 218 7.95 -17.94 -35.10
N LEU A 219 7.45 -17.55 -36.28
CA LEU A 219 6.55 -16.41 -36.38
C LEU A 219 5.13 -16.73 -35.96
N ARG A 220 4.83 -18.00 -35.65
CA ARG A 220 3.51 -18.37 -35.15
C ARG A 220 3.21 -17.82 -33.76
N LEU A 221 4.23 -17.38 -33.03
CA LEU A 221 4.07 -16.93 -31.65
C LEU A 221 3.57 -15.51 -31.54
N LEU A 222 3.12 -14.89 -32.63
CA LEU A 222 2.45 -13.60 -32.56
C LEU A 222 0.95 -13.73 -32.39
N ARG A 223 0.47 -14.90 -31.99
CA ARG A 223 -0.92 -15.11 -31.62
C ARG A 223 -1.19 -14.74 -30.17
N LEU A 224 -0.13 -14.43 -29.41
CA LEU A 224 -0.30 -13.95 -28.06
C LEU A 224 -0.98 -12.59 -28.01
N SER A 225 -0.76 -11.76 -29.03
CA SER A 225 -1.41 -10.46 -29.10
C SER A 225 -2.91 -10.59 -29.36
N ARG A 226 -3.34 -11.70 -29.91
CA ARG A 226 -4.76 -11.97 -30.08
C ARG A 226 -5.35 -12.61 -28.84
N LEU A 227 -4.56 -13.49 -28.19
CA LEU A 227 -5.01 -14.14 -26.96
C LEU A 227 -5.25 -13.12 -25.86
N ILE A 228 -4.34 -12.14 -25.71
CA ILE A 228 -4.50 -11.09 -24.71
C ILE A 228 -5.76 -10.27 -24.97
N ARG A 229 -6.04 -9.99 -26.25
CA ARG A 229 -7.19 -9.19 -26.61
C ARG A 229 -8.49 -9.92 -26.30
N TYR A 230 -8.61 -11.20 -26.69
CA TYR A 230 -9.84 -11.94 -26.41
C TYR A 230 -10.03 -12.21 -24.93
N ILE A 231 -8.96 -12.49 -24.18
CA ILE A 231 -9.09 -12.69 -22.74
C ILE A 231 -9.55 -11.42 -22.05
N HIS A 232 -9.00 -10.27 -22.44
CA HIS A 232 -9.44 -9.00 -21.84
C HIS A 232 -10.89 -8.67 -22.20
N GLN A 233 -11.31 -9.01 -23.42
CA GLN A 233 -12.71 -8.77 -23.80
C GLN A 233 -13.68 -9.62 -22.97
N TRP A 234 -13.41 -10.93 -22.85
CA TRP A 234 -14.32 -11.78 -22.09
C TRP A 234 -14.30 -11.47 -20.61
N GLU A 235 -13.15 -11.14 -20.04
CA GLU A 235 -13.15 -10.89 -18.61
C GLU A 235 -13.62 -9.48 -18.30
N GLU A 236 -13.65 -8.59 -19.31
CA GLU A 236 -14.34 -7.33 -19.13
C GLU A 236 -15.85 -7.52 -19.22
N ILE A 237 -16.29 -8.51 -19.99
CA ILE A 237 -17.72 -8.85 -19.99
C ILE A 237 -18.11 -9.48 -18.65
N PHE A 238 -17.27 -10.35 -18.10
CA PHE A 238 -17.69 -11.17 -16.97
C PHE A 238 -17.49 -10.47 -15.63
N HIS A 239 -17.30 -9.15 -15.62
CA HIS A 239 -17.42 -8.44 -14.35
C HIS A 239 -18.85 -8.03 -14.10
N MET A 240 -19.71 -8.15 -15.11
CA MET A 240 -21.05 -7.60 -14.98
C MET A 240 -22.07 -8.71 -14.82
N THR A 241 -21.79 -9.89 -15.38
CA THR A 241 -22.66 -11.04 -15.16
C THR A 241 -22.50 -11.58 -13.75
N TYR A 242 -21.29 -11.52 -13.21
CA TYR A 242 -21.01 -12.05 -11.88
C TYR A 242 -20.13 -11.05 -11.14
N ASP A 243 -20.32 -10.95 -9.82
CA ASP A 243 -19.47 -10.11 -9.01
C ASP A 243 -18.15 -10.82 -8.75
N LEU A 244 -17.05 -10.17 -9.12
CA LEU A 244 -15.73 -10.77 -8.98
C LEU A 244 -14.78 -9.75 -8.37
N ALA A 245 -13.91 -10.21 -7.48
CA ALA A 245 -12.83 -9.36 -7.02
C ALA A 245 -11.84 -9.13 -8.15
N SER A 246 -11.42 -7.87 -8.30
CA SER A 246 -10.59 -7.50 -9.44
C SER A 246 -9.16 -8.03 -9.30
N ALA A 247 -8.64 -8.04 -8.07
CA ALA A 247 -7.26 -8.43 -7.83
C ALA A 247 -7.03 -9.90 -8.12
N VAL A 248 -8.06 -10.73 -7.93
CA VAL A 248 -7.95 -12.15 -8.24
C VAL A 248 -7.77 -12.37 -9.74
N VAL A 249 -8.55 -11.63 -10.54
CA VAL A 249 -8.47 -11.73 -12.00
C VAL A 249 -7.11 -11.24 -12.48
N ARG A 250 -6.63 -10.12 -11.92
CA ARG A 250 -5.33 -9.58 -12.29
C ARG A 250 -4.20 -10.55 -11.94
N ILE A 251 -4.28 -11.18 -10.77
CA ILE A 251 -3.15 -11.99 -10.33
C ILE A 251 -3.14 -13.33 -11.07
N PHE A 252 -4.30 -13.86 -11.46
CA PHE A 252 -4.26 -15.10 -12.25
C PHE A 252 -3.86 -14.83 -13.69
N ASN A 253 -4.19 -13.65 -14.22
CA ASN A 253 -3.67 -13.26 -15.53
C ASN A 253 -2.14 -13.15 -15.51
N LEU A 254 -1.59 -12.60 -14.43
CA LEU A 254 -0.14 -12.48 -14.32
C LEU A 254 0.53 -13.84 -14.13
N ILE A 255 -0.10 -14.75 -13.39
CA ILE A 255 0.46 -16.09 -13.18
C ILE A 255 0.50 -16.86 -14.51
N GLY A 256 -0.56 -16.74 -15.31
CA GLY A 256 -0.55 -17.36 -16.63
C GLY A 256 0.54 -16.81 -17.54
N MET A 257 0.74 -15.48 -17.51
CA MET A 257 1.80 -14.87 -18.32
C MET A 257 3.19 -15.32 -17.87
N MET A 258 3.41 -15.42 -16.55
CA MET A 258 4.71 -15.85 -16.04
C MET A 258 5.03 -17.28 -16.39
N LEU A 259 4.04 -18.18 -16.29
CA LEU A 259 4.26 -19.57 -16.66
C LEU A 259 4.56 -19.72 -18.14
N LEU A 260 3.87 -18.92 -18.98
CA LEU A 260 4.13 -18.99 -20.42
C LEU A 260 5.52 -18.47 -20.76
N LEU A 261 5.98 -17.42 -20.07
CA LEU A 261 7.31 -16.90 -20.36
C LEU A 261 8.41 -17.85 -19.91
N CYS A 262 8.22 -18.54 -18.78
CA CYS A 262 9.21 -19.51 -18.34
C CYS A 262 9.27 -20.70 -19.30
N HIS A 263 8.11 -21.15 -19.79
CA HIS A 263 8.08 -22.23 -20.78
C HIS A 263 8.75 -21.82 -22.08
N TRP A 264 8.66 -20.56 -22.47
CA TRP A 264 9.37 -20.13 -23.66
C TRP A 264 10.88 -19.99 -23.44
N ASP A 265 11.31 -19.57 -22.24
CA ASP A 265 12.74 -19.43 -21.99
C ASP A 265 13.45 -20.78 -21.98
N GLY A 266 12.76 -21.83 -21.51
CA GLY A 266 13.36 -23.16 -21.59
C GLY A 266 13.65 -23.62 -23.00
N CYS A 267 12.66 -23.47 -23.88
CA CYS A 267 12.83 -23.85 -25.28
C CYS A 267 13.86 -22.96 -25.97
N LEU A 268 13.94 -21.69 -25.59
CA LEU A 268 14.92 -20.79 -26.20
C LEU A 268 16.34 -21.14 -25.79
N GLN A 269 16.53 -21.52 -24.52
CA GLN A 269 17.88 -21.83 -24.06
C GLN A 269 18.32 -23.22 -24.48
N PHE A 270 17.40 -24.04 -24.99
CA PHE A 270 17.89 -25.19 -25.75
C PHE A 270 18.06 -24.86 -27.23
N LEU A 271 17.30 -23.89 -27.73
CA LEU A 271 17.30 -23.61 -29.17
C LEU A 271 18.59 -22.95 -29.62
N VAL A 272 19.13 -22.06 -28.80
CA VAL A 272 20.33 -21.32 -29.21
C VAL A 272 21.58 -22.20 -29.32
N PRO A 273 21.89 -23.15 -28.39
CA PRO A 273 22.99 -24.08 -28.70
C PRO A 273 22.67 -25.07 -29.82
N MET A 274 21.40 -25.29 -30.13
CA MET A 274 20.99 -26.18 -31.20
C MET A 274 21.40 -25.67 -32.57
N LEU A 275 21.25 -24.37 -32.81
CA LEU A 275 21.55 -23.82 -34.13
C LEU A 275 23.05 -23.71 -34.41
N GLN A 276 23.89 -23.84 -33.40
CA GLN A 276 25.33 -23.74 -33.58
C GLN A 276 26.01 -25.10 -33.65
N ASP A 277 25.24 -26.17 -33.85
CA ASP A 277 25.72 -27.55 -33.92
C ASP A 277 26.49 -27.97 -32.66
N PHE A 278 26.01 -27.49 -31.50
CA PHE A 278 26.49 -27.82 -30.15
C PHE A 278 27.99 -27.60 -29.95
N PRO A 279 28.43 -26.37 -29.77
CA PRO A 279 29.86 -26.10 -29.50
C PRO A 279 30.29 -26.71 -28.18
N PRO A 280 31.59 -26.94 -27.98
CA PRO A 280 32.03 -27.58 -26.72
C PRO A 280 31.98 -26.66 -25.51
N ASP A 281 31.62 -25.38 -25.69
CA ASP A 281 31.58 -24.46 -24.56
C ASP A 281 30.20 -24.44 -23.91
N CYS A 282 29.16 -24.86 -24.64
CA CYS A 282 27.80 -24.73 -24.13
C CYS A 282 27.53 -25.79 -23.07
N TRP A 283 26.44 -25.57 -22.31
CA TRP A 283 26.16 -26.43 -21.16
C TRP A 283 25.70 -27.83 -21.58
N VAL A 284 25.14 -27.96 -22.79
CA VAL A 284 24.67 -29.25 -23.26
C VAL A 284 25.84 -30.20 -23.49
N SER A 285 26.91 -29.68 -24.10
CA SER A 285 28.09 -30.51 -24.33
C SER A 285 28.87 -30.75 -23.05
N ILE A 286 28.81 -29.84 -22.09
CA ILE A 286 29.51 -30.02 -20.82
C ILE A 286 28.82 -31.10 -19.99
N ASN A 287 27.50 -31.05 -19.90
CA ASN A 287 26.78 -32.02 -19.11
C ASN A 287 26.59 -33.37 -19.81
N HIS A 288 27.11 -33.51 -21.03
CA HIS A 288 27.11 -34.76 -21.81
C HIS A 288 25.69 -35.28 -22.04
N MET A 289 24.84 -34.41 -22.55
CA MET A 289 23.42 -34.71 -22.70
C MET A 289 22.92 -34.37 -24.10
N VAL A 290 23.72 -34.71 -25.10
CA VAL A 290 23.27 -34.52 -26.47
C VAL A 290 22.34 -35.66 -26.89
N ASN A 291 22.67 -36.89 -26.50
CA ASN A 291 21.99 -38.08 -27.00
C ASN A 291 21.01 -38.68 -25.99
N HIS A 292 20.37 -37.85 -25.18
CA HIS A 292 19.28 -38.34 -24.35
C HIS A 292 17.95 -38.08 -25.06
N SER A 293 16.85 -38.50 -24.44
CA SER A 293 15.55 -38.23 -25.01
C SER A 293 15.17 -36.76 -24.81
N TRP A 294 14.06 -36.37 -25.42
CA TRP A 294 13.69 -34.95 -25.41
C TRP A 294 13.11 -34.56 -24.06
N GLY A 295 12.60 -35.52 -23.29
CA GLY A 295 12.08 -35.21 -21.97
C GLY A 295 13.17 -34.78 -21.01
N ARG A 296 14.31 -35.48 -21.04
CA ARG A 296 15.43 -35.14 -20.17
C ARG A 296 16.00 -33.77 -20.52
N GLN A 297 16.14 -33.50 -21.81
CA GLN A 297 16.68 -32.23 -22.27
C GLN A 297 15.74 -31.09 -21.95
N TYR A 298 14.43 -31.31 -22.10
CA TYR A 298 13.45 -30.30 -21.73
C TYR A 298 13.46 -30.03 -20.23
N SER A 299 13.64 -31.07 -19.42
CA SER A 299 13.66 -30.89 -17.98
C SER A 299 14.87 -30.07 -17.54
N HIS A 300 16.05 -30.39 -18.07
CA HIS A 300 17.24 -29.61 -17.71
C HIS A 300 17.19 -28.19 -18.25
N ALA A 301 16.64 -27.99 -19.45
CA ALA A 301 16.55 -26.65 -20.00
C ALA A 301 15.55 -25.79 -19.24
N LEU A 302 14.43 -26.37 -18.83
CA LEU A 302 13.46 -25.63 -18.04
C LEU A 302 13.99 -25.33 -16.65
N PHE A 303 14.80 -26.24 -16.07
CA PHE A 303 15.43 -25.94 -14.80
C PHE A 303 16.41 -24.79 -14.91
N LYS A 304 17.20 -24.76 -16.00
CA LYS A 304 18.13 -23.66 -16.21
C LYS A 304 17.40 -22.33 -16.40
N ALA A 305 16.30 -22.35 -17.15
CA ALA A 305 15.52 -21.13 -17.38
C ALA A 305 14.85 -20.64 -16.11
N MET A 306 14.35 -21.55 -15.29
CA MET A 306 13.70 -21.13 -14.04
C MET A 306 14.73 -20.68 -13.02
N SER A 307 15.94 -21.24 -13.04
CA SER A 307 16.98 -20.77 -12.14
C SER A 307 17.49 -19.40 -12.55
N HIS A 308 17.50 -19.09 -13.85
CA HIS A 308 17.84 -17.71 -14.21
C HIS A 308 16.69 -16.76 -13.91
N MET A 309 15.45 -17.22 -14.06
CA MET A 309 14.30 -16.34 -13.88
C MET A 309 14.06 -15.99 -12.43
N LEU A 310 14.25 -16.91 -11.49
CA LEU A 310 14.07 -16.63 -10.08
C LEU A 310 15.33 -16.12 -9.40
N CYS A 311 16.35 -15.75 -10.18
CA CYS A 311 17.60 -15.14 -9.70
C CYS A 311 18.35 -16.04 -8.72
N ILE A 312 18.81 -17.18 -9.22
CA ILE A 312 19.44 -18.20 -8.38
C ILE A 312 20.95 -18.21 -8.53
N GLY A 313 21.42 -18.54 -9.73
CA GLY A 313 22.82 -18.85 -9.93
C GLY A 313 22.98 -20.31 -10.29
N TYR A 314 23.27 -20.59 -11.55
CA TYR A 314 23.04 -21.93 -12.08
C TYR A 314 24.23 -22.87 -12.00
N GLY A 315 25.31 -22.55 -12.70
CA GLY A 315 26.33 -23.55 -12.97
C GLY A 315 27.56 -23.36 -12.10
N GLN A 316 28.58 -24.19 -12.40
CA GLN A 316 29.87 -24.02 -11.75
C GLN A 316 30.58 -22.77 -12.27
N GLN A 317 30.85 -22.72 -13.57
CA GLN A 317 31.56 -21.61 -14.15
C GLN A 317 30.63 -20.47 -14.49
N ALA A 318 31.21 -19.30 -14.75
CA ALA A 318 30.50 -18.27 -15.48
C ALA A 318 30.32 -18.72 -16.93
N PRO A 319 29.28 -18.25 -17.62
CA PRO A 319 29.10 -18.64 -19.02
C PRO A 319 30.20 -18.06 -19.90
N VAL A 320 30.52 -18.77 -20.97
CA VAL A 320 31.73 -18.49 -21.75
C VAL A 320 31.36 -17.87 -23.09
N GLY A 321 30.44 -18.51 -23.82
CA GLY A 321 30.10 -18.03 -25.14
C GLY A 321 29.27 -16.76 -25.07
N MET A 322 29.30 -15.99 -26.15
CA MET A 322 28.59 -14.72 -26.20
C MET A 322 27.07 -14.83 -26.34
N PRO A 323 26.47 -15.77 -27.07
CA PRO A 323 25.02 -15.90 -26.97
C PRO A 323 24.52 -16.42 -25.63
N ASP A 324 25.38 -17.04 -24.82
CA ASP A 324 24.94 -17.48 -23.50
C ASP A 324 24.77 -16.30 -22.55
N VAL A 325 25.69 -15.34 -22.60
CA VAL A 325 25.73 -14.25 -21.64
C VAL A 325 24.53 -13.34 -21.81
N TRP A 326 24.20 -12.98 -23.06
CA TRP A 326 23.12 -12.03 -23.28
C TRP A 326 21.75 -12.65 -23.06
N LEU A 327 21.57 -13.93 -23.41
CA LEU A 327 20.32 -14.62 -23.06
C LEU A 327 20.16 -14.74 -21.56
N THR A 328 21.26 -15.01 -20.86
CA THR A 328 21.25 -15.08 -19.40
C THR A 328 20.81 -13.76 -18.79
N MET A 329 21.40 -12.65 -19.25
CA MET A 329 21.07 -11.33 -18.73
C MET A 329 19.63 -10.93 -19.07
N LEU A 330 19.17 -11.28 -20.27
CA LEU A 330 17.80 -10.98 -20.68
C LEU A 330 16.78 -11.72 -19.82
N SER A 331 17.03 -13.01 -19.57
CA SER A 331 16.12 -13.79 -18.74
C SER A 331 16.14 -13.34 -17.30
N MET A 332 17.30 -12.89 -16.80
CA MET A 332 17.39 -12.33 -15.45
C MET A 332 16.57 -11.06 -15.30
N ILE A 333 16.65 -10.16 -16.29
CA ILE A 333 15.89 -8.91 -16.22
C ILE A 333 14.38 -9.17 -16.31
N VAL A 334 13.97 -10.06 -17.22
CA VAL A 334 12.55 -10.38 -17.36
C VAL A 334 12.00 -11.03 -16.09
N GLY A 335 12.78 -11.92 -15.48
CA GLY A 335 12.33 -12.57 -14.26
C GLY A 335 12.25 -11.63 -13.08
N ALA A 336 13.19 -10.69 -12.99
CA ALA A 336 13.15 -9.71 -11.91
C ALA A 336 11.94 -8.79 -12.01
N THR A 337 11.62 -8.33 -13.23
CA THR A 337 10.47 -7.46 -13.40
C THR A 337 9.16 -8.19 -13.15
N CYS A 338 9.05 -9.45 -13.61
CA CYS A 338 7.83 -10.21 -13.38
C CYS A 338 7.64 -10.52 -11.89
N TYR A 339 8.73 -10.79 -11.17
CA TYR A 339 8.59 -11.08 -9.75
C TYR A 339 8.25 -9.82 -8.96
N ALA A 340 8.74 -8.66 -9.40
CA ALA A 340 8.36 -7.40 -8.76
C ALA A 340 6.88 -7.09 -8.96
N MET A 341 6.36 -7.33 -10.17
CA MET A 341 4.93 -7.11 -10.38
C MET A 341 4.09 -8.14 -9.62
N PHE A 342 4.62 -9.33 -9.41
CA PHE A 342 3.89 -10.32 -8.61
C PHE A 342 3.80 -9.92 -7.15
N ILE A 343 4.89 -9.36 -6.61
CA ILE A 343 4.86 -8.83 -5.24
C ILE A 343 3.87 -7.67 -5.13
N GLY A 344 3.81 -6.82 -6.17
CA GLY A 344 2.85 -5.73 -6.16
C GLY A 344 1.40 -6.19 -6.16
N HIS A 345 1.09 -7.19 -6.99
CA HIS A 345 -0.28 -7.72 -7.01
C HIS A 345 -0.62 -8.44 -5.71
N ALA A 346 0.35 -9.13 -5.10
CA ALA A 346 0.08 -9.80 -3.83
C ALA A 346 -0.20 -8.81 -2.72
N THR A 347 0.54 -7.69 -2.70
CA THR A 347 0.29 -6.66 -1.71
C THR A 347 -1.08 -6.02 -1.91
N ALA A 348 -1.43 -5.72 -3.17
CA ALA A 348 -2.74 -5.13 -3.45
C ALA A 348 -3.89 -6.08 -3.15
N LEU A 349 -3.65 -7.39 -3.24
CA LEU A 349 -4.69 -8.34 -2.85
C LEU A 349 -4.80 -8.48 -1.34
N ILE A 350 -3.68 -8.42 -0.61
CA ILE A 350 -3.73 -8.57 0.84
C ILE A 350 -4.37 -7.35 1.50
N GLN A 351 -4.13 -6.15 0.96
CA GLN A 351 -4.68 -4.95 1.59
C GLN A 351 -6.19 -4.79 1.40
N SER A 352 -6.86 -5.69 0.69
CA SER A 352 -8.29 -5.60 0.48
C SER A 352 -9.05 -6.78 1.06
N LEU A 353 -8.60 -7.35 2.17
CA LEU A 353 -9.30 -8.49 2.74
C LEU A 353 -10.14 -8.12 3.95
N ASP A 354 -9.62 -7.24 4.81
CA ASP A 354 -10.27 -6.88 6.07
C ASP A 354 -10.29 -5.38 6.26
N SER A 355 -10.78 -4.66 5.24
CA SER A 355 -10.82 -3.20 5.27
C SER A 355 -11.80 -2.68 6.32
N SER A 356 -12.88 -3.43 6.58
CA SER A 356 -13.84 -3.01 7.60
C SER A 356 -13.27 -3.14 9.00
N ARG A 357 -12.29 -4.01 9.18
CA ARG A 357 -11.59 -4.13 10.46
C ARG A 357 -10.39 -3.21 10.56
N ARG A 358 -10.08 -2.49 9.48
CA ARG A 358 -8.97 -1.56 9.44
C ARG A 358 -9.42 -0.11 9.58
N GLN A 359 -10.57 0.22 8.99
CA GLN A 359 -11.11 1.57 9.13
C GLN A 359 -11.57 1.85 10.55
N TYR A 360 -12.08 0.83 11.25
CA TYR A 360 -12.39 0.97 12.67
C TYR A 360 -11.13 1.24 13.48
N GLN A 361 -10.03 0.59 13.12
CA GLN A 361 -8.77 0.80 13.83
C GLN A 361 -8.26 2.22 13.64
N GLU A 362 -8.35 2.72 12.40
CA GLU A 362 -7.91 4.10 12.13
C GLU A 362 -8.80 5.13 12.85
N LYS A 363 -10.11 4.87 12.87
CA LYS A 363 -11.02 5.77 13.57
C LYS A 363 -10.75 5.77 15.07
N TYR A 364 -10.44 4.62 15.64
CA TYR A 364 -10.15 4.60 17.07
C TYR A 364 -8.79 5.23 17.39
N LYS A 365 -7.85 5.18 16.46
CA LYS A 365 -6.61 5.96 16.60
C LYS A 365 -6.92 7.45 16.68
N GLN A 366 -7.82 7.92 15.82
CA GLN A 366 -8.23 9.32 15.88
C GLN A 366 -8.95 9.66 17.19
N VAL A 367 -9.73 8.71 17.72
CA VAL A 367 -10.46 8.96 18.95
C VAL A 367 -9.50 9.08 20.13
N GLU A 368 -8.53 8.17 20.24
CA GLU A 368 -7.59 8.24 21.35
C GLU A 368 -6.64 9.42 21.18
N GLN A 369 -6.43 9.87 19.95
CA GLN A 369 -5.71 11.12 19.74
C GLN A 369 -6.50 12.33 20.26
N TYR A 370 -7.82 12.33 20.04
CA TYR A 370 -8.68 13.35 20.62
C TYR A 370 -8.67 13.30 22.14
N MET A 371 -8.56 12.08 22.70
CA MET A 371 -8.41 11.94 24.14
C MET A 371 -7.11 12.57 24.62
N SER A 372 -6.02 12.35 23.88
CA SER A 372 -4.72 12.84 24.31
C SER A 372 -4.59 14.35 24.15
N PHE A 373 -5.38 14.94 23.24
CA PHE A 373 -5.27 16.37 23.01
C PHE A 373 -5.83 17.19 24.16
N HIS A 374 -6.83 16.64 24.86
CA HIS A 374 -7.47 17.37 25.95
C HIS A 374 -7.07 16.88 27.33
N LYS A 375 -6.20 15.86 27.40
CA LYS A 375 -5.65 15.32 28.65
C LYS A 375 -6.75 14.81 29.59
N LEU A 376 -7.46 13.79 29.13
CA LEU A 376 -8.56 13.24 29.90
C LEU A 376 -8.01 12.23 30.91
N PRO A 377 -8.72 12.00 32.02
CA PRO A 377 -8.29 10.98 32.98
C PRO A 377 -8.45 9.57 32.41
N ALA A 378 -7.84 8.60 33.10
CA ALA A 378 -7.73 7.25 32.55
C ALA A 378 -9.04 6.50 32.61
N ASP A 379 -9.83 6.72 33.66
CA ASP A 379 -11.13 6.04 33.79
C ASP A 379 -12.10 6.49 32.70
N THR A 380 -12.05 7.78 32.33
CA THR A 380 -12.87 8.26 31.23
C THR A 380 -12.42 7.67 29.91
N ARG A 381 -11.11 7.49 29.72
CA ARG A 381 -10.60 6.93 28.48
C ARG A 381 -10.99 5.47 28.31
N GLN A 382 -10.89 4.69 29.39
CA GLN A 382 -11.33 3.29 29.29
C GLN A 382 -12.84 3.20 29.19
N ARG A 383 -13.58 4.21 29.68
CA ARG A 383 -15.02 4.22 29.50
C ARG A 383 -15.39 4.50 28.04
N ILE A 384 -14.66 5.40 27.37
CA ILE A 384 -14.86 5.61 25.94
C ILE A 384 -14.51 4.34 25.15
N HIS A 385 -13.46 3.64 25.57
CA HIS A 385 -13.06 2.40 24.91
C HIS A 385 -14.13 1.33 25.03
N GLU A 386 -14.72 1.19 26.22
CA GLU A 386 -15.82 0.23 26.40
C GLU A 386 -17.06 0.64 25.61
N TYR A 387 -17.32 1.95 25.52
CA TYR A 387 -18.47 2.42 24.75
C TYR A 387 -18.33 2.10 23.27
N TYR A 388 -17.13 2.29 22.71
CA TYR A 388 -16.97 1.98 21.30
C TYR A 388 -16.93 0.48 21.03
N GLU A 389 -16.42 -0.30 21.99
CA GLU A 389 -16.47 -1.76 21.85
C GLU A 389 -17.91 -2.25 21.83
N HIS A 390 -18.77 -1.67 22.65
CA HIS A 390 -20.14 -2.15 22.68
C HIS A 390 -21.08 -1.32 21.81
N ARG A 391 -20.56 -0.37 21.04
CA ARG A 391 -21.32 0.33 20.03
C ARG A 391 -21.05 -0.19 18.62
N TYR A 392 -19.78 -0.32 18.23
CA TYR A 392 -19.48 -0.69 16.85
C TYR A 392 -18.99 -2.12 16.69
N GLN A 393 -18.56 -2.76 17.77
CA GLN A 393 -18.15 -4.18 17.81
C GLN A 393 -17.00 -4.47 16.83
N GLY A 394 -16.02 -3.56 16.82
CA GLY A 394 -14.83 -3.73 16.03
C GLY A 394 -15.06 -3.66 14.53
N LYS A 395 -15.92 -2.74 14.10
CA LYS A 395 -16.39 -2.71 12.73
C LYS A 395 -16.93 -1.32 12.40
N MET A 396 -16.60 -0.83 11.20
CA MET A 396 -16.94 0.54 10.80
C MET A 396 -18.09 0.51 9.82
N PHE A 397 -19.13 1.29 10.10
CA PHE A 397 -20.26 1.50 9.20
C PHE A 397 -20.97 2.79 9.60
N ASP A 398 -21.64 3.41 8.63
CA ASP A 398 -22.30 4.69 8.82
C ASP A 398 -23.79 4.50 8.56
N GLU A 399 -24.58 4.40 9.65
CA GLU A 399 -25.99 4.01 9.52
C GLU A 399 -26.84 5.11 8.90
N GLU A 400 -26.33 6.34 8.86
CA GLU A 400 -27.10 7.43 8.26
C GLU A 400 -27.02 7.40 6.74
N SER A 401 -25.81 7.22 6.20
CA SER A 401 -25.63 7.28 4.76
C SER A 401 -26.18 6.03 4.07
N ILE A 402 -26.13 4.88 4.76
CA ILE A 402 -26.67 3.66 4.19
C ILE A 402 -28.19 3.75 4.07
N LEU A 403 -28.85 4.30 5.08
CA LEU A 403 -30.27 4.55 4.96
C LEU A 403 -30.56 5.71 4.02
N GLY A 404 -29.56 6.56 3.77
CA GLY A 404 -29.75 7.61 2.79
C GLY A 404 -29.74 7.09 1.36
N GLU A 405 -28.92 6.07 1.10
CA GLU A 405 -28.72 5.64 -0.29
C GLU A 405 -29.87 4.76 -0.77
N LEU A 406 -30.59 4.13 0.14
CA LEU A 406 -31.58 3.13 -0.25
C LEU A 406 -32.88 3.77 -0.70
N SER A 407 -33.76 2.95 -1.28
CA SER A 407 -35.09 3.38 -1.67
C SER A 407 -36.05 3.28 -0.50
N GLU A 408 -37.24 3.86 -0.67
CA GLU A 408 -38.14 4.05 0.47
C GLU A 408 -38.86 2.77 0.94
N PRO A 409 -39.49 1.95 0.08
CA PRO A 409 -40.21 0.78 0.66
C PRO A 409 -39.27 -0.31 1.15
N LEU A 410 -38.05 -0.34 0.63
CA LEU A 410 -37.05 -1.27 1.16
C LEU A 410 -36.60 -0.83 2.56
N ARG A 411 -36.50 0.48 2.79
CA ARG A 411 -36.29 0.98 4.15
C ARG A 411 -37.48 0.66 5.04
N GLU A 412 -38.70 0.70 4.47
CA GLU A 412 -39.88 0.30 5.23
C GLU A 412 -39.81 -1.17 5.61
N GLU A 413 -39.25 -2.02 4.73
CA GLU A 413 -39.07 -3.43 5.04
C GLU A 413 -38.07 -3.64 6.17
N ILE A 414 -36.94 -2.90 6.11
CA ILE A 414 -35.91 -3.03 7.16
C ILE A 414 -36.44 -2.55 8.51
N ILE A 415 -37.21 -1.45 8.50
CA ILE A 415 -37.80 -0.95 9.73
C ILE A 415 -38.88 -1.90 10.25
N ASN A 416 -39.67 -2.49 9.36
CA ASN A 416 -40.69 -3.44 9.80
C ASN A 416 -40.09 -4.72 10.34
N PHE A 417 -38.87 -5.06 9.92
CA PHE A 417 -38.20 -6.19 10.57
C PHE A 417 -37.65 -5.79 11.94
N THR A 418 -36.87 -4.71 12.00
CA THR A 418 -36.18 -4.39 13.26
C THR A 418 -37.15 -3.84 14.30
N CYS A 419 -37.82 -2.74 13.98
CA CYS A 419 -38.83 -2.14 14.83
C CYS A 419 -40.18 -2.77 14.50
N ARG A 420 -41.25 -2.10 14.94
CA ARG A 420 -42.66 -2.40 14.66
C ARG A 420 -43.15 -3.68 15.32
N GLY A 421 -42.29 -4.33 16.11
CA GLY A 421 -42.72 -5.34 17.06
C GLY A 421 -42.66 -4.88 18.48
N LEU A 422 -41.90 -3.81 18.74
CA LEU A 422 -41.84 -3.18 20.05
C LEU A 422 -42.95 -2.19 20.28
N VAL A 423 -43.61 -1.73 19.21
CA VAL A 423 -44.75 -0.83 19.35
C VAL A 423 -46.03 -1.64 19.14
N ALA A 424 -45.94 -2.96 19.34
CA ALA A 424 -47.11 -3.82 19.23
C ALA A 424 -48.14 -3.49 20.31
N HIS A 425 -47.67 -3.32 21.55
CA HIS A 425 -48.54 -2.79 22.59
C HIS A 425 -48.67 -1.27 22.44
N MET A 426 -49.89 -0.78 22.62
CA MET A 426 -50.32 0.58 22.27
C MET A 426 -49.98 0.89 20.81
N ASP A 433 -54.69 3.07 12.44
CA ASP A 433 -54.02 3.58 11.24
C ASP A 433 -52.62 2.97 11.14
N PRO A 434 -52.43 2.07 10.17
CA PRO A 434 -51.08 1.50 9.97
C PRO A 434 -50.08 2.50 9.43
N SER A 435 -50.53 3.48 8.64
CA SER A 435 -49.63 4.48 8.09
C SER A 435 -49.07 5.39 9.19
N PHE A 436 -49.89 5.67 10.21
CA PHE A 436 -49.43 6.35 11.41
C PHE A 436 -48.32 5.57 12.10
N VAL A 437 -48.48 4.25 12.18
CA VAL A 437 -47.50 3.39 12.82
C VAL A 437 -46.20 3.37 12.02
N THR A 438 -46.30 3.34 10.69
CA THR A 438 -45.10 3.36 9.87
C THR A 438 -44.39 4.71 9.93
N ALA A 439 -45.13 5.81 10.05
CA ALA A 439 -44.51 7.12 10.18
C ALA A 439 -43.78 7.26 11.51
N VAL A 440 -44.41 6.78 12.59
CA VAL A 440 -43.75 6.78 13.91
C VAL A 440 -42.52 5.88 13.89
N LEU A 441 -42.60 4.75 13.18
CA LEU A 441 -41.47 3.83 13.11
C LEU A 441 -40.33 4.41 12.26
N THR A 442 -40.65 5.24 11.27
CA THR A 442 -39.59 5.93 10.54
C THR A 442 -39.01 7.08 11.36
N LYS A 443 -39.76 7.60 12.32
CA LYS A 443 -39.27 8.70 13.13
C LYS A 443 -38.44 8.24 14.34
N LEU A 444 -37.83 7.05 14.31
CA LEU A 444 -37.10 6.55 15.47
C LEU A 444 -35.59 6.77 15.32
N ARG A 445 -34.86 6.52 16.41
CA ARG A 445 -33.42 6.68 16.46
C ARG A 445 -32.82 5.62 17.37
N PHE A 446 -31.59 5.20 17.08
CA PHE A 446 -30.95 4.10 17.79
C PHE A 446 -29.93 4.62 18.80
N GLU A 447 -29.97 4.09 20.03
CA GLU A 447 -29.11 4.54 21.11
C GLU A 447 -28.56 3.36 21.88
N VAL A 448 -27.33 3.52 22.40
CA VAL A 448 -26.63 2.50 23.17
C VAL A 448 -26.19 3.16 24.47
N PHE A 449 -26.53 2.55 25.61
CA PHE A 449 -26.16 3.10 26.90
C PHE A 449 -25.25 2.14 27.66
N GLN A 450 -25.00 2.46 28.92
CA GLN A 450 -23.93 1.88 29.71
C GLN A 450 -24.36 1.80 31.17
N PRO A 451 -23.93 0.79 31.93
CA PRO A 451 -24.37 0.67 33.33
C PRO A 451 -23.81 1.77 34.21
N GLY A 452 -24.65 2.25 35.13
CA GLY A 452 -24.37 3.42 35.94
C GLY A 452 -24.82 4.70 35.29
N ASP A 453 -24.91 4.74 33.97
CA ASP A 453 -25.26 5.94 33.23
C ASP A 453 -26.77 6.06 33.23
N LEU A 454 -27.29 6.79 34.23
CA LEU A 454 -28.74 6.96 34.37
C LEU A 454 -29.27 7.92 33.32
N VAL A 455 -30.44 7.59 32.76
CA VAL A 455 -31.09 8.45 31.77
C VAL A 455 -32.55 8.65 32.14
N VAL A 456 -32.78 9.66 33.00
CA VAL A 456 -33.81 10.70 32.98
C VAL A 456 -33.44 11.63 34.12
N ARG A 457 -33.84 12.89 34.03
CA ARG A 457 -33.74 13.79 35.17
C ARG A 457 -35.14 14.04 35.71
N GLU A 458 -35.24 14.10 37.04
CA GLU A 458 -36.52 14.36 37.67
C GLU A 458 -36.94 15.81 37.44
N GLY A 459 -38.05 15.99 36.74
CA GLY A 459 -38.54 17.32 36.41
C GLY A 459 -38.04 17.80 35.06
N LYS A 464 -39.25 13.29 25.79
CA LYS A 464 -38.56 12.26 25.04
C LYS A 464 -38.92 10.87 25.58
N MET A 465 -39.39 10.00 24.69
CA MET A 465 -39.90 8.68 25.07
C MET A 465 -38.95 7.60 24.54
N TYR A 466 -38.83 6.51 25.28
CA TYR A 466 -37.90 5.44 24.96
C TYR A 466 -38.61 4.12 24.75
N PHE A 467 -37.91 3.19 24.10
CA PHE A 467 -38.31 1.79 24.02
C PHE A 467 -37.11 0.92 24.37
N ILE A 468 -37.37 -0.30 24.81
CA ILE A 468 -36.31 -1.19 25.30
C ILE A 468 -36.21 -2.36 24.34
N GLN A 469 -35.00 -2.60 23.85
CA GLN A 469 -34.75 -3.81 23.06
C GLN A 469 -34.02 -4.86 23.88
N HIS A 470 -32.96 -4.47 24.59
CA HIS A 470 -32.22 -5.39 25.43
C HIS A 470 -31.88 -4.71 26.75
N GLY A 471 -31.13 -5.43 27.58
CA GLY A 471 -30.60 -4.86 28.81
C GLY A 471 -31.60 -4.83 29.94
N LEU A 472 -31.13 -4.31 31.07
CA LEU A 472 -31.91 -4.17 32.29
C LEU A 472 -31.94 -2.70 32.70
N LEU A 473 -33.11 -2.24 33.14
CA LEU A 473 -33.29 -0.86 33.58
C LEU A 473 -34.06 -0.84 34.88
N SER A 474 -33.51 -0.13 35.87
CA SER A 474 -34.12 -0.04 37.19
C SER A 474 -34.66 1.36 37.39
N VAL A 475 -35.71 1.48 38.20
CA VAL A 475 -36.32 2.77 38.48
C VAL A 475 -36.17 3.10 39.96
N LEU A 485 -37.78 -2.25 32.27
CA LEU A 485 -37.16 -3.28 33.11
C LEU A 485 -36.62 -4.42 32.25
N THR A 486 -37.52 -5.23 31.72
CA THR A 486 -37.15 -6.33 30.84
C THR A 486 -37.14 -5.83 29.40
N ASP A 487 -36.97 -6.76 28.45
CA ASP A 487 -36.94 -6.40 27.05
C ASP A 487 -38.33 -6.05 26.54
N GLY A 488 -38.53 -4.76 26.26
CA GLY A 488 -39.79 -4.29 25.72
C GLY A 488 -40.65 -3.60 26.76
N SER A 489 -40.57 -2.26 26.73
CA SER A 489 -41.34 -1.36 27.59
C SER A 489 -41.24 0.05 27.03
N TYR A 490 -41.95 1.00 27.63
CA TYR A 490 -41.83 2.38 27.18
C TYR A 490 -42.01 3.33 28.36
N PHE A 491 -41.62 4.58 28.13
CA PHE A 491 -41.59 5.61 29.17
C PHE A 491 -42.54 6.73 28.75
N GLY A 492 -43.82 6.58 29.10
CA GLY A 492 -44.88 7.45 28.61
C GLY A 492 -44.81 8.83 29.24
N GLU A 493 -44.80 9.85 28.39
CA GLU A 493 -44.74 11.23 28.84
C GLU A 493 -46.06 11.95 28.58
N SER A 505 -36.39 8.92 37.47
CA SER A 505 -35.10 8.33 37.81
C SER A 505 -35.00 6.88 37.34
N VAL A 506 -34.41 6.69 36.17
CA VAL A 506 -34.28 5.39 35.53
C VAL A 506 -32.79 5.13 35.28
N ARG A 507 -32.29 4.05 35.84
CA ARG A 507 -30.86 3.76 35.80
C ARG A 507 -30.59 2.50 35.00
N ALA A 508 -29.59 2.55 34.14
CA ALA A 508 -29.20 1.39 33.34
C ALA A 508 -28.35 0.46 34.18
N ASP A 509 -28.73 -0.82 34.23
CA ASP A 509 -27.99 -1.77 35.06
C ASP A 509 -26.97 -2.53 34.23
N THR A 510 -27.22 -2.68 32.92
CA THR A 510 -26.30 -3.34 32.01
C THR A 510 -26.22 -2.54 30.72
N TYR A 511 -25.60 -3.14 29.71
CA TYR A 511 -25.59 -2.61 28.36
C TYR A 511 -26.98 -2.65 27.77
N CYS A 512 -27.50 -1.51 27.34
CA CYS A 512 -28.88 -1.39 26.90
C CYS A 512 -28.93 -0.77 25.51
N ARG A 513 -29.71 -1.36 24.62
CA ARG A 513 -29.98 -0.79 23.32
C ARG A 513 -31.41 -0.25 23.33
N LEU A 514 -31.54 1.05 23.11
CA LEU A 514 -32.84 1.70 23.26
C LEU A 514 -33.20 2.48 22.01
N TYR A 515 -34.45 2.91 21.94
CA TYR A 515 -34.98 3.70 20.85
C TYR A 515 -35.51 5.03 21.40
N SER A 516 -35.84 5.94 20.49
CA SER A 516 -36.27 7.28 20.88
C SER A 516 -37.10 7.90 19.76
N LEU A 517 -38.12 8.68 20.15
CA LEU A 517 -39.06 9.27 19.21
C LEU A 517 -39.47 10.70 19.55
N SER A 518 -38.54 11.52 20.09
CA SER A 518 -38.76 12.80 20.77
C SER A 518 -39.81 13.73 20.17
N VAL A 519 -40.54 14.43 21.05
CA VAL A 519 -41.92 14.85 20.86
C VAL A 519 -42.17 15.74 19.64
N ASP A 520 -41.12 16.37 19.08
CA ASP A 520 -41.28 17.19 17.88
C ASP A 520 -41.66 16.35 16.67
N HIS A 521 -40.97 15.22 16.49
CA HIS A 521 -41.30 14.30 15.41
C HIS A 521 -42.68 13.68 15.61
N PHE A 522 -43.04 13.42 16.87
CA PHE A 522 -44.36 12.87 17.17
C PHE A 522 -45.46 13.87 16.85
N ASN A 523 -45.21 15.15 17.10
CA ASN A 523 -46.17 16.19 16.76
C ASN A 523 -46.27 16.38 15.25
N ALA A 524 -45.15 16.20 14.54
CA ALA A 524 -45.18 16.26 13.09
C ALA A 524 -45.98 15.10 12.50
N VAL A 525 -45.86 13.91 13.09
CA VAL A 525 -46.63 12.76 12.62
C VAL A 525 -48.11 12.93 12.96
N LEU A 526 -48.41 13.57 14.11
CA LEU A 526 -49.79 13.92 14.44
C LEU A 526 -50.36 14.94 13.47
N GLU A 527 -49.53 15.87 13.01
CA GLU A 527 -49.92 16.78 11.94
C GLU A 527 -50.17 16.05 10.62
N GLU A 528 -49.40 15.01 10.34
CA GLU A 528 -49.62 14.19 9.15
C GLU A 528 -50.83 13.26 9.35
N GLY B 50 14.78 39.29 -31.09
CA GLY B 50 15.31 39.43 -29.75
C GLY B 50 14.32 39.05 -28.67
N THR B 51 13.14 38.62 -29.08
CA THR B 51 12.09 38.23 -28.15
C THR B 51 12.19 36.77 -27.72
N LEU B 52 13.26 36.06 -28.09
CA LEU B 52 13.40 34.67 -27.71
C LEU B 52 13.77 34.50 -26.24
N LEU B 53 14.25 35.55 -25.59
CA LEU B 53 14.60 35.47 -24.19
C LEU B 53 13.40 35.60 -23.27
N GLN B 54 12.30 36.15 -23.76
CA GLN B 54 11.06 36.42 -23.07
C GLN B 54 10.09 35.26 -23.22
N PRO B 55 9.26 35.00 -22.22
CA PRO B 55 8.28 33.90 -22.35
C PRO B 55 7.16 34.27 -23.31
N THR B 56 6.80 33.33 -24.16
CA THR B 56 5.79 33.55 -25.18
C THR B 56 4.41 33.20 -24.63
N VAL B 57 3.41 33.18 -25.51
CA VAL B 57 2.04 32.88 -25.12
C VAL B 57 1.72 31.47 -25.58
N ASN B 58 1.73 30.52 -24.63
CA ASN B 58 1.41 29.14 -24.93
C ASN B 58 0.23 28.69 -24.08
N LYS B 59 -0.10 27.40 -24.13
CA LYS B 59 -1.07 26.87 -23.17
C LYS B 59 -0.50 26.87 -21.77
N PHE B 60 0.80 26.59 -21.67
CA PHE B 60 1.46 26.52 -20.37
C PHE B 60 1.57 27.90 -19.72
N SER B 61 1.88 28.92 -20.52
CA SER B 61 2.00 30.27 -19.98
C SER B 61 0.65 30.80 -19.52
N LEU B 62 -0.43 30.45 -20.23
CA LEU B 62 -1.75 30.86 -19.80
C LEU B 62 -2.22 30.07 -18.59
N ARG B 63 -1.82 28.81 -18.45
CA ARG B 63 -2.17 28.07 -17.24
C ARG B 63 -1.39 28.56 -16.03
N VAL B 64 -0.15 29.01 -16.22
CA VAL B 64 0.65 29.46 -15.09
C VAL B 64 0.26 30.88 -14.68
N PHE B 65 0.34 31.83 -15.62
CA PHE B 65 0.21 33.23 -15.21
C PHE B 65 -1.24 33.70 -15.24
N GLY B 66 -2.06 33.14 -16.12
CA GLY B 66 -3.45 33.54 -16.17
C GLY B 66 -3.87 34.02 -17.54
N SER B 67 -4.23 35.30 -17.65
CA SER B 67 -4.68 35.86 -18.90
C SER B 67 -3.49 36.34 -19.71
N HIS B 68 -3.75 37.07 -20.80
CA HIS B 68 -2.67 37.63 -21.60
C HIS B 68 -2.01 38.82 -20.90
N LYS B 69 -2.75 39.48 -20.00
CA LYS B 69 -2.21 40.65 -19.30
C LYS B 69 -1.08 40.28 -18.36
N ALA B 70 -1.18 39.15 -17.66
CA ALA B 70 -0.09 38.71 -16.79
C ALA B 70 1.13 38.32 -17.60
N VAL B 71 0.92 37.74 -18.78
CA VAL B 71 2.03 37.38 -19.66
C VAL B 71 2.73 38.63 -20.18
N GLU B 72 1.96 39.66 -20.52
CA GLU B 72 2.56 40.91 -20.96
C GLU B 72 3.28 41.64 -19.82
N ILE B 73 2.76 41.52 -18.60
CA ILE B 73 3.46 42.05 -17.43
C ILE B 73 4.78 41.32 -17.21
N GLU B 74 4.81 40.00 -17.40
CA GLU B 74 6.05 39.25 -17.27
C GLU B 74 7.04 39.61 -18.39
N GLN B 75 6.55 39.85 -19.60
CA GLN B 75 7.43 40.27 -20.69
C GLN B 75 8.02 41.64 -20.43
N GLU B 76 7.22 42.57 -19.90
CA GLU B 76 7.73 43.88 -19.53
C GLU B 76 8.67 43.80 -18.33
N ARG B 77 8.48 42.81 -17.47
CA ARG B 77 9.37 42.62 -16.34
C ARG B 77 10.73 42.09 -16.79
N VAL B 78 10.73 41.19 -17.77
CA VAL B 78 11.99 40.71 -18.35
C VAL B 78 12.69 41.83 -19.10
N LYS B 79 11.95 42.59 -19.91
CA LYS B 79 12.53 43.70 -20.66
C LYS B 79 12.89 44.89 -19.78
N SER B 80 12.42 44.95 -18.53
CA SER B 80 12.71 46.06 -17.65
C SER B 80 13.98 45.88 -16.83
N ALA B 81 14.33 44.66 -16.45
CA ALA B 81 15.64 44.41 -15.87
C ALA B 81 16.71 44.62 -16.93
N GLY B 82 17.65 45.52 -16.66
CA GLY B 82 18.52 45.98 -17.73
C GLY B 82 19.70 45.02 -17.91
N ALA B 83 19.52 44.09 -18.83
CA ALA B 83 20.45 43.00 -19.10
C ALA B 83 19.98 42.24 -20.33
N TRP B 84 20.75 41.24 -20.75
CA TRP B 84 20.25 40.19 -21.65
C TRP B 84 19.80 39.01 -20.80
N ILE B 85 18.84 39.29 -19.93
CA ILE B 85 18.36 38.30 -18.97
C ILE B 85 17.57 37.22 -19.70
N ILE B 86 17.69 35.98 -19.24
CA ILE B 86 17.11 34.83 -19.91
C ILE B 86 16.02 34.27 -19.00
N HIS B 87 14.78 34.32 -19.44
CA HIS B 87 13.69 33.85 -18.62
C HIS B 87 13.61 32.33 -18.71
N PRO B 88 13.41 31.63 -17.59
CA PRO B 88 13.51 30.17 -17.59
C PRO B 88 12.34 29.44 -18.24
N TYR B 89 11.31 30.15 -18.71
CA TYR B 89 10.24 29.52 -19.47
C TYR B 89 10.26 29.90 -20.94
N SER B 90 11.31 30.58 -21.40
CA SER B 90 11.37 31.03 -22.77
C SER B 90 11.74 29.88 -23.70
N ASP B 91 11.79 30.19 -25.00
CA ASP B 91 12.13 29.17 -25.99
C ASP B 91 13.63 28.90 -26.03
N PHE B 92 14.43 29.87 -25.60
CA PHE B 92 15.89 29.73 -25.71
C PHE B 92 16.43 28.68 -24.76
N ARG B 93 15.90 28.64 -23.53
CA ARG B 93 16.30 27.61 -22.58
C ARG B 93 15.84 26.23 -23.04
N PHE B 94 14.68 26.16 -23.69
CA PHE B 94 14.21 24.88 -24.22
C PHE B 94 15.12 24.37 -25.32
N TYR B 95 15.46 25.23 -26.29
CA TYR B 95 16.30 24.82 -27.40
C TYR B 95 17.74 24.56 -26.95
N TRP B 96 18.17 25.20 -25.86
CA TRP B 96 19.51 24.94 -25.35
C TRP B 96 19.56 23.63 -24.56
N ASP B 97 18.58 23.40 -23.69
CA ASP B 97 18.59 22.20 -22.86
C ASP B 97 18.27 20.95 -23.66
N LEU B 98 17.58 21.08 -24.79
CA LEU B 98 17.37 19.93 -25.66
C LEU B 98 18.69 19.44 -26.26
N ILE B 99 19.62 20.35 -26.55
CA ILE B 99 20.95 19.94 -27.00
C ILE B 99 21.75 19.39 -25.82
N MET B 100 21.64 20.05 -24.67
CA MET B 100 22.48 19.68 -23.54
C MET B 100 22.11 18.32 -22.97
N LEU B 101 20.84 17.92 -23.01
CA LEU B 101 20.47 16.59 -22.51
C LEU B 101 21.03 15.50 -23.41
N LEU B 102 21.06 15.74 -24.72
CA LEU B 102 21.62 14.76 -25.65
C LEU B 102 23.13 14.63 -25.45
N LEU B 103 23.82 15.76 -25.24
CA LEU B 103 25.26 15.68 -24.98
C LEU B 103 25.54 15.01 -23.64
N MET B 104 24.67 15.20 -22.64
CA MET B 104 24.87 14.55 -21.36
C MET B 104 24.70 13.04 -21.45
N VAL B 105 23.68 12.58 -22.16
CA VAL B 105 23.47 11.14 -22.32
C VAL B 105 24.61 10.52 -23.12
N GLY B 106 25.07 11.23 -24.16
CA GLY B 106 26.20 10.75 -24.95
C GLY B 106 27.49 10.63 -24.16
N ASN B 107 27.80 11.65 -23.35
CA ASN B 107 29.02 11.59 -22.54
C ASN B 107 28.92 10.54 -21.46
N LEU B 108 27.79 10.48 -20.74
CA LEU B 108 27.65 9.54 -19.64
C LEU B 108 27.52 8.09 -20.10
N ILE B 109 27.28 7.83 -21.37
CA ILE B 109 27.40 6.47 -21.88
C ILE B 109 28.79 6.20 -22.44
N VAL B 110 29.37 7.13 -23.20
CA VAL B 110 30.59 6.80 -23.94
C VAL B 110 31.84 6.86 -23.06
N LEU B 111 31.92 7.85 -22.15
CA LEU B 111 33.19 8.11 -21.46
C LEU B 111 33.75 7.00 -20.57
N PRO B 112 32.99 6.24 -19.77
CA PRO B 112 33.64 5.15 -19.02
C PRO B 112 34.16 4.02 -19.91
N VAL B 113 33.43 3.68 -20.97
CA VAL B 113 33.89 2.67 -21.90
C VAL B 113 35.14 3.14 -22.64
N GLY B 114 35.19 4.43 -22.95
CA GLY B 114 36.37 4.97 -23.61
C GLY B 114 37.58 5.08 -22.72
N ILE B 115 37.38 5.30 -21.43
CA ILE B 115 38.52 5.41 -20.53
C ILE B 115 39.06 4.04 -20.16
N THR B 116 38.19 3.11 -19.78
CA THR B 116 38.68 1.87 -19.18
C THR B 116 39.21 0.89 -20.23
N PHE B 117 38.40 0.56 -21.23
CA PHE B 117 38.72 -0.59 -22.06
C PHE B 117 39.78 -0.30 -23.12
N PHE B 118 39.82 0.91 -23.67
CA PHE B 118 40.80 1.21 -24.71
C PHE B 118 42.18 1.43 -24.10
N LYS B 119 43.20 1.16 -24.92
CA LYS B 119 44.59 1.24 -24.45
C LYS B 119 45.21 2.61 -24.71
N GLU B 120 45.27 3.00 -25.97
CA GLU B 120 45.89 4.27 -26.36
C GLU B 120 44.81 5.34 -26.44
N GLU B 121 44.91 6.35 -25.57
CA GLU B 121 43.94 7.44 -25.49
C GLU B 121 44.34 8.63 -26.34
N ASN B 122 45.27 8.47 -27.27
CA ASN B 122 45.73 9.57 -28.11
C ASN B 122 45.15 9.52 -29.51
N SER B 123 44.01 8.90 -29.70
CA SER B 123 43.37 8.93 -31.01
C SER B 123 42.76 10.31 -31.24
N PRO B 124 42.78 10.81 -32.48
CA PRO B 124 42.24 12.15 -32.76
C PRO B 124 40.74 12.35 -32.49
N PRO B 125 39.81 11.44 -32.88
CA PRO B 125 38.39 11.79 -32.64
C PRO B 125 38.01 11.79 -31.18
N TRP B 126 38.75 11.05 -30.34
CA TRP B 126 38.55 11.11 -28.90
C TRP B 126 38.89 12.49 -28.34
N ILE B 127 39.99 13.08 -28.82
CA ILE B 127 40.40 14.40 -28.37
C ILE B 127 39.44 15.47 -28.88
N VAL B 128 38.96 15.30 -30.12
CA VAL B 128 37.97 16.22 -30.68
C VAL B 128 36.67 16.16 -29.90
N PHE B 129 36.24 14.95 -29.54
CA PHE B 129 35.03 14.73 -28.75
C PHE B 129 35.13 15.37 -27.38
N ASN B 130 36.27 15.19 -26.70
CA ASN B 130 36.46 15.79 -25.39
C ASN B 130 36.53 17.32 -25.46
N VAL B 131 37.15 17.86 -26.51
CA VAL B 131 37.27 19.31 -26.64
C VAL B 131 35.90 19.93 -26.89
N LEU B 132 35.08 19.31 -27.75
CA LEU B 132 33.76 19.86 -28.02
C LEU B 132 32.84 19.73 -26.81
N SER B 133 32.95 18.63 -26.07
CA SER B 133 32.16 18.48 -24.85
C SER B 133 32.55 19.52 -23.80
N ASP B 134 33.85 19.78 -23.66
CA ASP B 134 34.30 20.81 -22.71
C ASP B 134 33.81 22.20 -23.12
N THR B 135 33.78 22.47 -24.43
CA THR B 135 33.31 23.77 -24.92
C THR B 135 31.83 23.98 -24.61
N PHE B 136 30.99 22.98 -24.92
CA PHE B 136 29.56 23.15 -24.65
C PHE B 136 29.25 23.17 -23.16
N PHE B 137 29.93 22.33 -22.37
CA PHE B 137 29.66 22.38 -20.94
C PHE B 137 30.33 23.55 -20.23
N LEU B 138 31.15 24.34 -20.93
CA LEU B 138 31.56 25.62 -20.37
C LEU B 138 30.59 26.72 -20.74
N LEU B 139 30.08 26.70 -21.98
CA LEU B 139 29.08 27.69 -22.39
C LEU B 139 27.78 27.53 -21.62
N ASP B 140 27.45 26.30 -21.20
CA ASP B 140 26.25 26.11 -20.38
C ASP B 140 26.44 26.72 -18.99
N LEU B 141 27.67 26.71 -18.47
CA LEU B 141 27.95 27.39 -17.22
C LEU B 141 27.82 28.91 -17.37
N VAL B 142 28.30 29.43 -18.50
CA VAL B 142 28.19 30.86 -18.79
C VAL B 142 26.72 31.28 -18.89
N LEU B 143 25.89 30.42 -19.48
CA LEU B 143 24.46 30.75 -19.56
C LEU B 143 23.75 30.51 -18.24
N ASN B 144 24.28 29.61 -17.40
CA ASN B 144 23.68 29.40 -16.07
C ASN B 144 23.98 30.57 -15.15
N PHE B 145 24.99 31.38 -15.48
CA PHE B 145 25.13 32.67 -14.82
C PHE B 145 23.96 33.61 -15.13
N ARG B 146 23.26 33.41 -16.25
CA ARG B 146 22.37 34.44 -16.75
C ARG B 146 20.90 34.03 -16.67
N THR B 147 20.60 32.78 -16.31
CA THR B 147 19.22 32.31 -16.36
C THR B 147 18.45 32.74 -15.12
N GLY B 148 17.12 32.71 -15.23
CA GLY B 148 16.25 32.96 -14.10
C GLY B 148 16.01 31.69 -13.30
N ILE B 149 15.59 31.89 -12.05
CA ILE B 149 15.48 30.82 -11.08
C ILE B 149 14.06 30.77 -10.53
N VAL B 150 13.38 29.65 -10.73
CA VAL B 150 12.03 29.44 -10.21
C VAL B 150 12.16 28.98 -8.76
N VAL B 151 11.54 29.72 -7.85
CA VAL B 151 11.60 29.38 -6.43
C VAL B 151 10.23 28.93 -5.93
N GLU B 156 9.28 34.02 -9.88
CA GLU B 156 10.53 33.81 -10.60
C GLU B 156 11.49 34.97 -10.36
N ILE B 157 12.64 34.67 -9.76
CA ILE B 157 13.66 35.69 -9.46
C ILE B 157 14.37 36.02 -10.76
N LEU B 158 14.01 37.15 -11.37
CA LEU B 158 14.61 37.59 -12.62
C LEU B 158 15.58 38.76 -12.42
N LEU B 159 15.90 39.09 -11.17
CA LEU B 159 16.87 40.15 -10.89
C LEU B 159 18.26 39.62 -11.20
N ALA B 160 18.90 40.20 -12.23
CA ALA B 160 20.14 39.62 -12.74
C ALA B 160 21.35 39.84 -11.81
N PRO B 161 21.76 41.07 -11.47
CA PRO B 161 23.10 41.21 -10.87
C PRO B 161 23.21 40.78 -9.42
N ARG B 162 22.11 40.63 -8.70
CA ARG B 162 22.15 40.39 -7.27
C ARG B 162 21.65 39.01 -6.87
N ALA B 163 20.42 38.66 -7.28
CA ALA B 163 19.81 37.42 -6.80
C ALA B 163 20.42 36.20 -7.47
N ILE B 164 20.58 36.24 -8.79
CA ILE B 164 20.97 35.05 -9.55
C ILE B 164 22.41 34.67 -9.26
N ARG B 165 23.31 35.66 -9.16
CA ARG B 165 24.72 35.38 -8.94
C ARG B 165 24.95 34.79 -7.54
N THR B 166 24.32 35.37 -6.52
CA THR B 166 24.49 34.86 -5.16
C THR B 166 23.82 33.50 -4.98
N ARG B 167 22.64 33.31 -5.57
CA ARG B 167 21.98 32.01 -5.46
C ARG B 167 22.73 30.93 -6.23
N TYR B 168 23.38 31.27 -7.33
CA TYR B 168 24.12 30.24 -8.07
C TYR B 168 25.45 29.95 -7.41
N LEU B 169 26.12 30.97 -6.87
CA LEU B 169 27.37 30.72 -6.15
C LEU B 169 27.15 30.00 -4.84
N ARG B 170 25.97 30.15 -4.22
CA ARG B 170 25.72 29.47 -2.97
C ARG B 170 25.39 27.99 -3.15
N THR B 171 24.68 27.63 -4.22
CA THR B 171 24.09 26.29 -4.31
C THR B 171 24.91 25.39 -5.22
N TRP B 172 25.08 25.72 -6.50
CA TRP B 172 25.58 24.74 -7.48
C TRP B 172 26.64 25.30 -8.41
N PHE B 173 27.58 26.11 -7.90
CA PHE B 173 28.65 26.58 -8.76
C PHE B 173 29.81 25.59 -8.79
N LEU B 174 30.09 24.95 -7.67
CA LEU B 174 31.32 24.18 -7.52
C LEU B 174 31.27 22.88 -8.33
N VAL B 175 30.13 22.18 -8.30
CA VAL B 175 30.01 20.91 -9.00
C VAL B 175 30.05 21.13 -10.51
N ASP B 176 29.38 22.18 -10.99
CA ASP B 176 29.40 22.48 -12.41
C ASP B 176 30.78 22.97 -12.84
N LEU B 177 31.49 23.67 -11.96
CA LEU B 177 32.84 24.13 -12.28
C LEU B 177 33.82 22.97 -12.40
N ILE B 178 33.70 21.98 -11.50
CA ILE B 178 34.53 20.79 -11.54
C ILE B 178 34.22 19.97 -12.79
N SER B 179 32.93 19.72 -13.05
CA SER B 179 32.57 18.88 -14.18
C SER B 179 32.70 19.60 -15.52
N SER B 180 32.94 20.90 -15.54
CA SER B 180 33.02 21.62 -16.81
C SER B 180 34.39 21.47 -17.45
N ILE B 181 35.43 21.94 -16.78
CA ILE B 181 36.75 22.13 -17.39
C ILE B 181 37.49 20.80 -17.53
N PRO B 182 38.36 20.65 -18.54
CA PRO B 182 39.20 19.44 -18.59
C PRO B 182 40.34 19.49 -17.59
N VAL B 183 40.24 18.67 -16.55
CA VAL B 183 41.22 18.71 -15.47
C VAL B 183 42.48 17.95 -15.86
N ASP B 184 42.32 16.85 -16.60
CA ASP B 184 43.44 15.96 -16.88
C ASP B 184 44.46 16.58 -17.83
N TYR B 185 43.99 17.38 -18.79
CA TYR B 185 44.88 17.95 -19.78
C TYR B 185 45.77 19.03 -19.18
N ILE B 186 45.28 19.70 -18.13
CA ILE B 186 46.10 20.67 -17.41
C ILE B 186 47.27 19.97 -16.72
N PHE B 187 46.99 18.85 -16.06
CA PHE B 187 48.05 18.08 -15.41
C PHE B 187 48.98 17.45 -16.44
N LEU B 188 48.48 17.18 -17.64
CA LEU B 188 49.33 16.64 -18.69
C LEU B 188 50.26 17.70 -19.25
N VAL B 189 49.77 18.94 -19.38
CA VAL B 189 50.62 20.04 -19.86
C VAL B 189 51.66 20.42 -18.80
N VAL B 190 51.25 20.44 -17.53
CA VAL B 190 52.17 20.82 -16.45
C VAL B 190 53.24 19.74 -16.25
N GLU B 191 52.80 18.50 -16.04
CA GLU B 191 53.75 17.39 -15.86
C GLU B 191 54.18 16.82 -17.21
N ARG B 205 58.23 6.03 -14.15
CA ARG B 205 57.05 6.33 -13.34
C ARG B 205 55.95 6.91 -14.21
N ALA B 206 55.96 6.56 -15.50
CA ALA B 206 54.96 7.09 -16.42
C ALA B 206 53.61 6.41 -16.25
N LEU B 207 53.60 5.15 -15.81
CA LEU B 207 52.35 4.41 -15.67
C LEU B 207 51.50 4.96 -14.53
N ARG B 208 52.15 5.41 -13.45
CA ARG B 208 51.44 6.08 -12.37
C ARG B 208 50.85 7.40 -12.85
N ILE B 209 51.55 8.09 -13.75
CA ILE B 209 51.04 9.34 -14.32
C ILE B 209 49.83 9.07 -15.20
N VAL B 210 49.87 7.99 -15.99
CA VAL B 210 48.75 7.64 -16.86
C VAL B 210 47.53 7.22 -16.04
N ARG B 211 47.74 6.43 -14.99
CA ARG B 211 46.64 6.05 -14.11
C ARG B 211 46.07 7.25 -13.36
N PHE B 212 46.93 8.19 -12.97
CA PHE B 212 46.47 9.39 -12.28
C PHE B 212 45.67 10.29 -13.21
N THR B 213 46.06 10.36 -14.49
CA THR B 213 45.28 11.12 -15.45
C THR B 213 43.96 10.44 -15.78
N LYS B 214 43.91 9.10 -15.73
CA LYS B 214 42.63 8.42 -15.91
C LYS B 214 41.68 8.71 -14.76
N ILE B 215 42.20 8.70 -13.52
CA ILE B 215 41.37 9.00 -12.37
C ILE B 215 40.94 10.48 -12.38
N LEU B 216 41.80 11.37 -12.89
CA LEU B 216 41.38 12.76 -13.04
C LEU B 216 40.35 12.95 -14.16
N SER B 217 40.48 12.19 -15.24
CA SER B 217 39.51 12.28 -16.34
C SER B 217 38.18 11.66 -15.99
N LEU B 218 38.11 10.84 -14.94
CA LEU B 218 36.81 10.39 -14.43
C LEU B 218 36.05 11.46 -13.65
N LEU B 219 36.53 12.71 -13.58
CA LEU B 219 35.74 13.78 -12.98
C LEU B 219 34.66 14.32 -13.89
N ARG B 220 34.60 13.86 -15.14
CA ARG B 220 33.53 14.26 -16.06
C ARG B 220 32.16 13.74 -15.65
N LEU B 221 32.10 12.74 -14.76
CA LEU B 221 30.85 12.10 -14.39
C LEU B 221 30.07 12.87 -13.34
N LEU B 222 30.45 14.11 -13.04
CA LEU B 222 29.64 14.97 -12.18
C LEU B 222 28.64 15.80 -12.98
N ARG B 223 28.38 15.42 -14.22
CA ARG B 223 27.33 16.02 -15.02
C ARG B 223 25.98 15.37 -14.76
N LEU B 224 25.96 14.29 -13.98
CA LEU B 224 24.71 13.68 -13.58
C LEU B 224 23.89 14.59 -12.68
N SER B 225 24.56 15.42 -11.87
CA SER B 225 23.85 16.37 -11.01
C SER B 225 23.19 17.47 -11.82
N ARG B 226 23.65 17.72 -13.03
CA ARG B 226 22.99 18.67 -13.92
C ARG B 226 21.88 17.99 -14.72
N LEU B 227 22.11 16.74 -15.11
CA LEU B 227 21.10 15.98 -15.85
C LEU B 227 19.85 15.78 -15.01
N ILE B 228 20.02 15.44 -13.72
CA ILE B 228 18.88 15.26 -12.82
C ILE B 228 18.09 16.56 -12.67
N ARG B 229 18.81 17.69 -12.60
CA ARG B 229 18.16 18.98 -12.42
C ARG B 229 17.34 19.36 -13.65
N TYR B 230 17.93 19.24 -14.84
CA TYR B 230 17.18 19.59 -16.06
C TYR B 230 16.02 18.64 -16.33
N ILE B 231 16.19 17.35 -16.06
CA ILE B 231 15.09 16.40 -16.25
C ILE B 231 13.94 16.71 -15.30
N HIS B 232 14.24 17.02 -14.04
CA HIS B 232 13.17 17.37 -13.10
C HIS B 232 12.49 18.69 -13.47
N GLN B 233 13.25 19.65 -14.01
CA GLN B 233 12.61 20.90 -14.45
C GLN B 233 11.66 20.69 -15.61
N TRP B 234 12.08 19.95 -16.65
CA TRP B 234 11.20 19.74 -17.79
C TRP B 234 10.01 18.87 -17.45
N GLU B 235 10.19 17.85 -16.61
CA GLU B 235 9.05 17.00 -16.34
C GLU B 235 8.14 17.61 -15.29
N GLU B 236 8.64 18.62 -14.55
CA GLU B 236 7.74 19.41 -13.73
C GLU B 236 6.95 20.40 -14.58
N ILE B 237 7.54 20.84 -15.70
CA ILE B 237 6.77 21.65 -16.65
C ILE B 237 5.71 20.80 -17.33
N PHE B 238 6.04 19.57 -17.71
CA PHE B 238 5.16 18.80 -18.59
C PHE B 238 4.09 18.04 -17.83
N HIS B 239 3.83 18.39 -16.57
CA HIS B 239 2.62 17.88 -15.94
C HIS B 239 1.45 18.81 -16.22
N MET B 240 1.72 20.00 -16.75
CA MET B 240 0.67 21.00 -16.86
C MET B 240 0.24 21.15 -18.31
N THR B 241 1.16 20.91 -19.25
CA THR B 241 0.78 20.92 -20.66
C THR B 241 -0.03 19.69 -21.02
N TYR B 242 0.27 18.56 -20.40
CA TYR B 242 -0.41 17.30 -20.69
C TYR B 242 -0.71 16.60 -19.38
N ASP B 243 -1.84 15.89 -19.33
CA ASP B 243 -2.17 15.09 -18.16
C ASP B 243 -1.38 13.80 -18.18
N LEU B 244 -0.62 13.56 -17.12
CA LEU B 244 0.24 12.38 -17.05
C LEU B 244 0.07 11.71 -15.70
N ALA B 245 0.06 10.39 -15.67
CA ALA B 245 0.13 9.68 -14.41
C ALA B 245 1.51 9.87 -13.79
N SER B 246 1.53 10.15 -12.49
CA SER B 246 2.78 10.48 -11.82
C SER B 246 3.68 9.26 -11.64
N ALA B 247 3.07 8.10 -11.37
CA ALA B 247 3.83 6.89 -11.08
C ALA B 247 4.59 6.40 -12.30
N VAL B 248 4.06 6.65 -13.50
CA VAL B 248 4.74 6.27 -14.73
C VAL B 248 6.04 7.07 -14.90
N VAL B 249 5.96 8.38 -14.62
CA VAL B 249 7.13 9.25 -14.72
C VAL B 249 8.18 8.85 -13.69
N ARG B 250 7.74 8.57 -12.46
CA ARG B 250 8.66 8.15 -11.40
C ARG B 250 9.34 6.83 -11.74
N ILE B 251 8.58 5.88 -12.29
CA ILE B 251 9.16 4.56 -12.49
C ILE B 251 10.09 4.55 -13.70
N PHE B 252 9.82 5.38 -14.72
CA PHE B 252 10.78 5.43 -15.82
C PHE B 252 12.03 6.21 -15.46
N ASN B 253 11.91 7.21 -14.58
CA ASN B 253 13.10 7.87 -14.04
C ASN B 253 13.97 6.89 -13.25
N LEU B 254 13.34 6.02 -12.46
CA LEU B 254 14.09 5.03 -11.70
C LEU B 254 14.73 3.98 -12.60
N ILE B 255 14.04 3.57 -13.67
CA ILE B 255 14.59 2.58 -14.61
C ILE B 255 15.82 3.15 -15.32
N GLY B 256 15.76 4.42 -15.72
CA GLY B 256 16.92 5.06 -16.32
C GLY B 256 18.11 5.14 -15.36
N MET B 257 17.84 5.47 -14.09
CA MET B 257 18.92 5.53 -13.10
C MET B 257 19.54 4.16 -12.85
N MET B 258 18.71 3.10 -12.80
CA MET B 258 19.23 1.75 -12.56
C MET B 258 20.08 1.26 -13.71
N LEU B 259 19.66 1.52 -14.95
CA LEU B 259 20.45 1.11 -16.11
C LEU B 259 21.78 1.85 -16.16
N LEU B 260 21.77 3.14 -15.79
CA LEU B 260 23.03 3.89 -15.79
C LEU B 260 23.98 3.39 -14.70
N LEU B 261 23.45 3.02 -13.54
CA LEU B 261 24.32 2.52 -12.47
C LEU B 261 24.91 1.16 -12.80
N CYS B 262 24.13 0.29 -13.47
CA CYS B 262 24.67 -1.01 -13.87
C CYS B 262 25.75 -0.84 -14.94
N HIS B 263 25.55 0.08 -15.88
CA HIS B 263 26.56 0.36 -16.89
C HIS B 263 27.83 0.93 -16.27
N TRP B 264 27.72 1.71 -15.20
CA TRP B 264 28.93 2.17 -14.54
C TRP B 264 29.62 1.09 -13.74
N ASP B 265 28.88 0.17 -13.11
CA ASP B 265 29.51 -0.89 -12.33
C ASP B 265 30.30 -1.85 -13.21
N GLY B 266 29.82 -2.09 -14.44
CA GLY B 266 30.61 -2.92 -15.35
C GLY B 266 31.97 -2.34 -15.67
N CYS B 267 31.99 -1.05 -16.03
CA CYS B 267 33.25 -0.37 -16.34
C CYS B 267 34.14 -0.27 -15.11
N LEU B 268 33.55 -0.12 -13.93
CA LEU B 268 34.35 -0.04 -12.71
C LEU B 268 35.00 -1.37 -12.36
N GLN B 269 34.26 -2.47 -12.56
CA GLN B 269 34.81 -3.77 -12.21
C GLN B 269 35.77 -4.29 -13.26
N PHE B 270 35.83 -3.64 -14.43
CA PHE B 270 37.01 -3.88 -15.26
C PHE B 270 38.13 -2.90 -14.94
N LEU B 271 37.78 -1.71 -14.44
CA LEU B 271 38.78 -0.66 -14.25
C LEU B 271 39.71 -0.98 -13.08
N VAL B 272 39.18 -1.55 -12.02
CA VAL B 272 40.01 -1.79 -10.83
C VAL B 272 41.08 -2.87 -11.05
N PRO B 273 40.83 -4.03 -11.73
CA PRO B 273 41.99 -4.88 -12.07
C PRO B 273 42.90 -4.29 -13.13
N MET B 274 42.43 -3.33 -13.92
CA MET B 274 43.23 -2.68 -14.93
C MET B 274 44.37 -1.85 -14.34
N LEU B 275 44.10 -1.13 -13.26
CA LEU B 275 45.11 -0.26 -12.68
C LEU B 275 46.20 -1.02 -11.93
N GLN B 276 45.98 -2.29 -11.61
CA GLN B 276 46.96 -3.08 -10.88
C GLN B 276 47.79 -3.97 -11.78
N ASP B 277 47.77 -3.72 -13.10
CA ASP B 277 48.50 -4.49 -14.11
C ASP B 277 48.13 -5.98 -14.08
N PHE B 278 46.84 -6.26 -13.84
CA PHE B 278 46.21 -7.58 -13.87
C PHE B 278 46.89 -8.62 -12.99
N PRO B 279 46.69 -8.58 -11.67
CA PRO B 279 47.27 -9.61 -10.78
C PRO B 279 46.71 -10.98 -11.08
N PRO B 280 47.40 -12.05 -10.69
CA PRO B 280 46.90 -13.40 -11.00
C PRO B 280 45.71 -13.83 -10.17
N ASP B 281 45.28 -13.02 -9.20
CA ASP B 281 44.15 -13.41 -8.36
C ASP B 281 42.83 -12.92 -8.94
N CYS B 282 42.86 -11.91 -9.82
CA CYS B 282 41.63 -11.30 -10.30
C CYS B 282 40.96 -12.21 -11.32
N TRP B 283 39.68 -11.91 -11.60
CA TRP B 283 38.89 -12.80 -12.45
C TRP B 283 39.31 -12.72 -13.91
N VAL B 284 39.91 -11.61 -14.33
CA VAL B 284 40.34 -11.45 -15.72
C VAL B 284 41.47 -12.41 -16.03
N SER B 285 42.44 -12.53 -15.11
CA SER B 285 43.54 -13.45 -15.32
C SER B 285 43.12 -14.90 -15.14
N ILE B 286 42.11 -15.16 -14.31
CA ILE B 286 41.63 -16.52 -14.11
C ILE B 286 40.89 -17.02 -15.35
N ASN B 287 40.03 -16.18 -15.90
CA ASN B 287 39.26 -16.59 -17.07
C ASN B 287 40.04 -16.48 -18.38
N HIS B 288 41.31 -16.07 -18.32
CA HIS B 288 42.23 -16.01 -19.45
C HIS B 288 41.70 -15.12 -20.57
N MET B 289 41.33 -13.90 -20.20
CA MET B 289 40.67 -12.98 -21.12
C MET B 289 41.33 -11.61 -21.09
N VAL B 290 42.65 -11.59 -21.06
CA VAL B 290 43.36 -10.32 -21.16
C VAL B 290 43.43 -9.85 -22.61
N ASN B 291 43.68 -10.76 -23.54
CA ASN B 291 43.97 -10.41 -24.92
C ASN B 291 42.79 -10.66 -25.86
N HIS B 292 41.57 -10.47 -25.39
CA HIS B 292 40.42 -10.48 -26.29
C HIS B 292 40.08 -9.04 -26.68
N SER B 293 39.07 -8.88 -27.53
CA SER B 293 38.63 -7.55 -27.91
C SER B 293 37.86 -6.90 -26.77
N TRP B 294 37.54 -5.62 -26.94
CA TRP B 294 36.92 -4.88 -25.84
C TRP B 294 35.45 -5.24 -25.71
N GLY B 295 34.83 -5.77 -26.77
CA GLY B 295 33.44 -6.18 -26.68
C GLY B 295 33.26 -7.38 -25.77
N ARG B 296 34.16 -8.36 -25.87
CA ARG B 296 34.09 -9.55 -25.03
C ARG B 296 34.31 -9.20 -23.57
N GLN B 297 35.30 -8.34 -23.31
CA GLN B 297 35.61 -7.93 -21.95
C GLN B 297 34.49 -7.11 -21.35
N TYR B 298 33.88 -6.23 -22.15
CA TYR B 298 32.74 -5.46 -21.67
C TYR B 298 31.54 -6.37 -21.38
N SER B 299 31.33 -7.39 -22.20
CA SER B 299 30.21 -8.30 -21.96
C SER B 299 30.38 -9.08 -20.67
N HIS B 300 31.58 -9.63 -20.44
CA HIS B 300 31.80 -10.36 -19.20
C HIS B 300 31.79 -9.46 -17.97
N ALA B 301 32.30 -8.23 -18.10
CA ALA B 301 32.30 -7.33 -16.96
C ALA B 301 30.89 -6.86 -16.62
N LEU B 302 30.06 -6.60 -17.63
CA LEU B 302 28.68 -6.22 -17.38
C LEU B 302 27.88 -7.38 -16.83
N PHE B 303 28.18 -8.62 -17.24
CA PHE B 303 27.53 -9.77 -16.64
C PHE B 303 27.88 -9.92 -15.18
N LYS B 304 29.16 -9.71 -14.83
CA LYS B 304 29.58 -9.79 -13.44
C LYS B 304 28.91 -8.70 -12.60
N ALA B 305 28.82 -7.49 -13.14
CA ALA B 305 28.19 -6.39 -12.41
C ALA B 305 26.70 -6.60 -12.23
N MET B 306 26.03 -7.14 -13.25
CA MET B 306 24.59 -7.39 -13.12
C MET B 306 24.32 -8.58 -12.21
N SER B 307 25.22 -9.56 -12.16
CA SER B 307 25.04 -10.67 -11.24
C SER B 307 25.28 -10.24 -9.80
N HIS B 308 26.17 -9.28 -9.56
CA HIS B 308 26.27 -8.76 -8.20
C HIS B 308 25.09 -7.86 -7.87
N MET B 309 24.58 -7.12 -8.84
CA MET B 309 23.51 -6.15 -8.58
C MET B 309 22.18 -6.83 -8.31
N LEU B 310 21.85 -7.91 -9.01
CA LEU B 310 20.60 -8.62 -8.79
C LEU B 310 20.71 -9.71 -7.75
N CYS B 311 21.81 -9.74 -6.99
CA CYS B 311 22.04 -10.65 -5.85
C CYS B 311 21.99 -12.12 -6.28
N ILE B 312 22.96 -12.50 -7.11
CA ILE B 312 22.99 -13.84 -7.69
C ILE B 312 24.01 -14.74 -7.03
N GLY B 313 25.29 -14.38 -7.15
CA GLY B 313 26.36 -15.28 -6.80
C GLY B 313 27.13 -15.67 -8.04
N TYR B 314 28.33 -15.13 -8.21
CA TYR B 314 28.96 -15.12 -9.52
C TYR B 314 29.87 -16.29 -9.82
N GLY B 315 30.96 -16.42 -9.06
CA GLY B 315 32.05 -17.28 -9.50
C GLY B 315 32.09 -18.59 -8.75
N GLN B 316 33.15 -19.36 -9.03
CA GLN B 316 33.40 -20.58 -8.27
C GLN B 316 33.86 -20.25 -6.86
N GLN B 317 34.99 -19.55 -6.74
CA GLN B 317 35.55 -19.24 -5.45
C GLN B 317 34.92 -17.99 -4.87
N ALA B 318 35.15 -17.77 -3.58
CA ALA B 318 34.98 -16.46 -3.01
C ALA B 318 36.09 -15.54 -3.54
N PRO B 319 35.85 -14.23 -3.62
CA PRO B 319 36.90 -13.32 -4.09
C PRO B 319 38.06 -13.25 -3.11
N VAL B 320 39.26 -13.02 -3.64
CA VAL B 320 40.48 -13.20 -2.88
C VAL B 320 41.10 -11.84 -2.54
N GLY B 321 41.27 -10.99 -3.55
CA GLY B 321 41.92 -9.72 -3.33
C GLY B 321 41.02 -8.77 -2.56
N MET B 322 41.64 -7.79 -1.91
CA MET B 322 40.89 -6.83 -1.10
C MET B 322 40.11 -5.78 -1.89
N PRO B 323 40.57 -5.24 -3.03
CA PRO B 323 39.66 -4.40 -3.80
C PRO B 323 38.49 -5.15 -4.44
N ASP B 324 38.57 -6.47 -4.58
CA ASP B 324 37.43 -7.21 -5.12
C ASP B 324 36.30 -7.30 -4.11
N VAL B 325 36.63 -7.52 -2.83
CA VAL B 325 35.63 -7.79 -1.81
C VAL B 325 34.78 -6.55 -1.55
N TRP B 326 35.42 -5.39 -1.43
CA TRP B 326 34.67 -4.19 -1.08
C TRP B 326 33.86 -3.65 -2.25
N LEU B 327 34.37 -3.77 -3.48
CA LEU B 327 33.54 -3.43 -4.65
C LEU B 327 32.35 -4.36 -4.77
N THR B 328 32.56 -5.64 -4.48
CA THR B 328 31.48 -6.62 -4.50
C THR B 328 30.40 -6.26 -3.50
N MET B 329 30.79 -5.94 -2.27
CA MET B 329 29.84 -5.59 -1.22
C MET B 329 29.12 -4.28 -1.53
N LEU B 330 29.84 -3.30 -2.09
CA LEU B 330 29.24 -2.03 -2.46
C LEU B 330 28.19 -2.19 -3.55
N SER B 331 28.50 -2.99 -4.58
CA SER B 331 27.54 -3.21 -5.66
C SER B 331 26.35 -4.02 -5.19
N MET B 332 26.55 -4.96 -4.25
CA MET B 332 25.43 -5.70 -3.67
C MET B 332 24.48 -4.80 -2.90
N ILE B 333 25.03 -3.87 -2.10
CA ILE B 333 24.18 -2.96 -1.33
C ILE B 333 23.41 -2.00 -2.24
N VAL B 334 24.08 -1.46 -3.25
CA VAL B 334 23.42 -0.55 -4.19
C VAL B 334 22.32 -1.26 -4.97
N GLY B 335 22.58 -2.50 -5.39
CA GLY B 335 21.58 -3.25 -6.12
C GLY B 335 20.38 -3.63 -5.28
N ALA B 336 20.62 -3.97 -4.01
CA ALA B 336 19.51 -4.30 -3.11
C ALA B 336 18.61 -3.10 -2.86
N THR B 337 19.21 -1.92 -2.64
CA THR B 337 18.40 -0.74 -2.38
C THR B 337 17.63 -0.30 -3.63
N CYS B 338 18.26 -0.38 -4.81
CA CYS B 338 17.56 -0.01 -6.03
C CYS B 338 16.41 -0.98 -6.34
N TYR B 339 16.60 -2.26 -6.05
CA TYR B 339 15.52 -3.22 -6.33
C TYR B 339 14.38 -3.06 -5.33
N ALA B 340 14.69 -2.67 -4.09
CA ALA B 340 13.63 -2.39 -3.12
C ALA B 340 12.81 -1.18 -3.52
N MET B 341 13.47 -0.12 -4.02
CA MET B 341 12.71 1.04 -4.48
C MET B 341 11.92 0.72 -5.75
N PHE B 342 12.40 -0.20 -6.56
CA PHE B 342 11.65 -0.61 -7.74
C PHE B 342 10.39 -1.37 -7.37
N ILE B 343 10.47 -2.24 -6.36
CA ILE B 343 9.29 -2.93 -5.85
C ILE B 343 8.29 -1.93 -5.27
N GLY B 344 8.79 -0.90 -4.58
CA GLY B 344 7.91 0.12 -4.03
C GLY B 344 7.17 0.91 -5.10
N HIS B 345 7.88 1.30 -6.16
CA HIS B 345 7.21 2.02 -7.26
C HIS B 345 6.23 1.13 -8.01
N ALA B 346 6.55 -0.16 -8.16
CA ALA B 346 5.63 -1.07 -8.83
C ALA B 346 4.35 -1.27 -8.03
N THR B 347 4.47 -1.36 -6.70
CA THR B 347 3.29 -1.47 -5.86
C THR B 347 2.44 -0.21 -5.92
N ALA B 348 3.09 0.96 -5.86
CA ALA B 348 2.36 2.22 -5.94
C ALA B 348 1.70 2.43 -7.29
N LEU B 349 2.27 1.86 -8.36
CA LEU B 349 1.61 1.94 -9.66
C LEU B 349 0.45 0.97 -9.78
N ILE B 350 0.56 -0.22 -9.19
CA ILE B 350 -0.51 -1.21 -9.29
C ILE B 350 -1.73 -0.78 -8.48
N GLN B 351 -1.51 -0.14 -7.31
CA GLN B 351 -2.64 0.23 -6.48
C GLN B 351 -3.45 1.41 -7.02
N SER B 352 -3.07 1.99 -8.15
CA SER B 352 -3.80 3.11 -8.73
C SER B 352 -4.37 2.80 -10.10
N LEU B 353 -4.77 1.57 -10.37
CA LEU B 353 -5.31 1.23 -11.68
C LEU B 353 -6.83 1.12 -11.68
N ASP B 354 -7.40 0.53 -10.64
CA ASP B 354 -8.84 0.25 -10.57
C ASP B 354 -9.41 0.69 -9.23
N SER B 355 -9.13 1.94 -8.85
CA SER B 355 -9.58 2.48 -7.57
C SER B 355 -11.10 2.62 -7.51
N SER B 356 -11.74 2.88 -8.65
CA SER B 356 -13.19 3.00 -8.68
C SER B 356 -13.87 1.65 -8.49
N ARG B 357 -13.17 0.57 -8.81
CA ARG B 357 -13.68 -0.78 -8.56
C ARG B 357 -13.28 -1.30 -7.19
N ARG B 358 -12.49 -0.53 -6.44
CA ARG B 358 -12.05 -0.90 -5.11
C ARG B 358 -12.82 -0.16 -4.02
N GLN B 359 -13.16 1.10 -4.27
CA GLN B 359 -13.96 1.84 -3.31
C GLN B 359 -15.38 1.32 -3.22
N TYR B 360 -15.93 0.81 -4.33
CA TYR B 360 -17.22 0.13 -4.28
C TYR B 360 -17.14 -1.14 -3.45
N GLN B 361 -16.04 -1.86 -3.54
CA GLN B 361 -15.87 -3.08 -2.76
C GLN B 361 -15.80 -2.77 -1.27
N GLU B 362 -15.07 -1.72 -0.91
CA GLU B 362 -14.99 -1.32 0.50
C GLU B 362 -16.34 -0.84 1.04
N LYS B 363 -17.08 -0.09 0.21
CA LYS B 363 -18.39 0.38 0.64
C LYS B 363 -19.36 -0.79 0.82
N TYR B 364 -19.28 -1.79 -0.05
CA TYR B 364 -20.18 -2.94 0.11
C TYR B 364 -19.78 -3.81 1.31
N LYS B 365 -18.48 -3.83 1.65
CA LYS B 365 -18.07 -4.46 2.91
C LYS B 365 -18.72 -3.77 4.11
N GLN B 366 -18.75 -2.44 4.08
CA GLN B 366 -19.43 -1.70 5.15
C GLN B 366 -20.93 -1.97 5.17
N VAL B 367 -21.54 -2.15 3.99
CA VAL B 367 -22.97 -2.40 3.93
C VAL B 367 -23.31 -3.77 4.51
N GLU B 368 -22.55 -4.80 4.14
CA GLU B 368 -22.84 -6.13 4.68
C GLU B 368 -22.47 -6.22 6.15
N GLN B 369 -21.55 -5.37 6.60
CA GLN B 369 -21.30 -5.26 8.04
C GLN B 369 -22.51 -4.65 8.76
N TYR B 370 -23.13 -3.62 8.16
CA TYR B 370 -24.36 -3.07 8.71
C TYR B 370 -25.48 -4.11 8.72
N MET B 371 -25.50 -4.99 7.71
CA MET B 371 -26.46 -6.09 7.70
C MET B 371 -26.20 -7.03 8.87
N SER B 372 -24.93 -7.34 9.14
CA SER B 372 -24.61 -8.31 10.18
C SER B 372 -24.83 -7.73 11.58
N PHE B 373 -24.78 -6.40 11.71
CA PHE B 373 -24.93 -5.80 13.03
C PHE B 373 -26.37 -5.90 13.53
N HIS B 374 -27.34 -5.90 12.63
CA HIS B 374 -28.74 -5.94 13.03
C HIS B 374 -29.40 -7.29 12.82
N LYS B 375 -28.65 -8.27 12.31
CA LYS B 375 -29.10 -9.66 12.12
C LYS B 375 -30.33 -9.74 11.21
N LEU B 376 -30.13 -9.34 9.96
CA LEU B 376 -31.21 -9.33 9.00
C LEU B 376 -31.37 -10.73 8.39
N PRO B 377 -32.57 -11.07 7.91
CA PRO B 377 -32.74 -12.36 7.22
C PRO B 377 -32.02 -12.38 5.87
N ALA B 378 -31.91 -13.59 5.31
CA ALA B 378 -31.05 -13.79 4.15
C ALA B 378 -31.68 -13.24 2.88
N ASP B 379 -33.01 -13.33 2.75
CA ASP B 379 -33.70 -12.81 1.57
C ASP B 379 -33.58 -11.29 1.49
N THR B 380 -33.63 -10.61 2.64
CA THR B 380 -33.44 -9.17 2.66
C THR B 380 -32.01 -8.81 2.29
N ARG B 381 -31.04 -9.61 2.72
CA ARG B 381 -29.64 -9.33 2.41
C ARG B 381 -29.35 -9.49 0.92
N GLN B 382 -29.88 -10.55 0.31
CA GLN B 382 -29.68 -10.70 -1.13
C GLN B 382 -30.49 -9.67 -1.91
N ARG B 383 -31.58 -9.15 -1.33
CA ARG B 383 -32.31 -8.08 -1.97
C ARG B 383 -31.52 -6.76 -1.95
N ILE B 384 -30.83 -6.48 -0.84
CA ILE B 384 -29.93 -5.33 -0.80
C ILE B 384 -28.79 -5.50 -1.80
N HIS B 385 -28.27 -6.72 -1.93
CA HIS B 385 -27.20 -7.00 -2.87
C HIS B 385 -27.64 -6.75 -4.31
N GLU B 386 -28.85 -7.21 -4.66
CA GLU B 386 -29.38 -6.95 -6.00
C GLU B 386 -29.64 -5.46 -6.23
N TYR B 387 -30.10 -4.76 -5.19
CA TYR B 387 -30.34 -3.32 -5.32
C TYR B 387 -29.05 -2.55 -5.59
N TYR B 388 -27.96 -2.90 -4.90
CA TYR B 388 -26.72 -2.19 -5.15
C TYR B 388 -26.09 -2.58 -6.48
N GLU B 389 -26.28 -3.84 -6.91
CA GLU B 389 -25.81 -4.23 -8.24
C GLU B 389 -26.52 -3.46 -9.33
N HIS B 390 -27.82 -3.22 -9.17
CA HIS B 390 -28.53 -2.51 -10.22
C HIS B 390 -28.67 -1.02 -9.94
N ARG B 391 -28.04 -0.51 -8.88
CA ARG B 391 -27.93 0.92 -8.64
C ARG B 391 -26.57 1.48 -9.03
N TYR B 392 -25.48 0.85 -8.59
CA TYR B 392 -24.16 1.43 -8.83
C TYR B 392 -23.35 0.70 -9.89
N GLN B 393 -23.72 -0.53 -10.23
CA GLN B 393 -23.12 -1.34 -11.30
C GLN B 393 -21.62 -1.55 -11.07
N GLY B 394 -21.28 -1.86 -9.82
CA GLY B 394 -19.92 -2.18 -9.46
C GLY B 394 -18.95 -1.02 -9.56
N LYS B 395 -19.39 0.17 -9.15
CA LYS B 395 -18.66 1.39 -9.39
C LYS B 395 -19.12 2.47 -8.40
N MET B 396 -18.15 3.22 -7.85
CA MET B 396 -18.44 4.20 -6.81
C MET B 396 -18.38 5.60 -7.39
N PHE B 397 -19.44 6.38 -7.15
CA PHE B 397 -19.50 7.79 -7.52
C PHE B 397 -20.58 8.46 -6.68
N ASP B 398 -20.43 9.76 -6.46
CA ASP B 398 -21.32 10.54 -5.62
C ASP B 398 -21.97 11.62 -6.47
N GLU B 399 -23.23 11.39 -6.87
CA GLU B 399 -23.87 12.26 -7.87
C GLU B 399 -24.23 13.63 -7.29
N GLU B 400 -24.22 13.76 -5.97
CA GLU B 400 -24.54 15.05 -5.38
C GLU B 400 -23.34 16.00 -5.41
N SER B 401 -22.16 15.49 -5.05
CA SER B 401 -20.99 16.35 -4.97
C SER B 401 -20.46 16.71 -6.36
N ILE B 402 -20.63 15.82 -7.33
CA ILE B 402 -20.19 16.10 -8.69
C ILE B 402 -21.04 17.21 -9.29
N LEU B 403 -22.34 17.18 -9.06
CA LEU B 403 -23.18 18.28 -9.49
C LEU B 403 -22.97 19.51 -8.62
N GLY B 404 -22.41 19.33 -7.43
CA GLY B 404 -22.08 20.48 -6.60
C GLY B 404 -20.86 21.23 -7.12
N GLU B 405 -19.89 20.50 -7.67
CA GLU B 405 -18.61 21.13 -8.02
C GLU B 405 -18.70 21.88 -9.33
N LEU B 406 -19.64 21.53 -10.19
CA LEU B 406 -19.67 22.07 -11.55
C LEU B 406 -20.29 23.46 -11.58
N SER B 407 -20.16 24.12 -12.73
CA SER B 407 -20.78 25.40 -12.96
C SER B 407 -22.21 25.23 -13.45
N GLU B 408 -22.96 26.33 -13.47
CA GLU B 408 -24.41 26.24 -13.68
C GLU B 408 -24.84 25.94 -15.12
N PRO B 409 -24.35 26.62 -16.18
CA PRO B 409 -24.89 26.29 -17.52
C PRO B 409 -24.40 24.96 -18.04
N LEU B 410 -23.26 24.49 -17.54
CA LEU B 410 -22.80 23.15 -17.89
C LEU B 410 -23.70 22.08 -17.24
N ARG B 411 -24.17 22.34 -16.02
CA ARG B 411 -25.20 21.48 -15.43
C ARG B 411 -26.50 21.56 -16.22
N GLU B 412 -26.81 22.76 -16.76
CA GLU B 412 -27.99 22.88 -17.63
C GLU B 412 -27.83 22.06 -18.90
N GLU B 413 -26.60 21.97 -19.41
CA GLU B 413 -26.34 21.13 -20.59
C GLU B 413 -26.51 19.65 -20.27
N ILE B 414 -26.01 19.21 -19.11
CA ILE B 414 -26.13 17.80 -18.73
C ILE B 414 -27.59 17.43 -18.49
N ILE B 415 -28.35 18.33 -17.86
CA ILE B 415 -29.77 18.09 -17.63
C ILE B 415 -30.54 18.11 -18.95
N ASN B 416 -30.19 19.01 -19.87
CA ASN B 416 -30.87 19.05 -21.16
C ASN B 416 -30.56 17.83 -22.01
N PHE B 417 -29.42 17.18 -21.77
CA PHE B 417 -29.20 15.90 -22.45
C PHE B 417 -30.00 14.78 -21.81
N THR B 418 -29.88 14.62 -20.48
CA THR B 418 -30.49 13.46 -19.83
C THR B 418 -32.01 13.60 -19.74
N CYS B 419 -32.48 14.65 -19.09
CA CYS B 419 -33.89 14.97 -18.97
C CYS B 419 -34.27 15.85 -20.16
N ARG B 420 -35.43 16.51 -20.03
CA ARG B 420 -35.99 17.51 -20.95
C ARG B 420 -36.42 16.93 -22.29
N GLY B 421 -36.33 15.61 -22.44
CA GLY B 421 -37.01 14.90 -23.50
C GLY B 421 -38.17 14.09 -23.01
N LEU B 422 -38.20 13.80 -21.71
CA LEU B 422 -39.32 13.12 -21.08
C LEU B 422 -40.44 14.07 -20.68
N VAL B 423 -40.16 15.37 -20.62
CA VAL B 423 -41.19 16.36 -20.33
C VAL B 423 -41.59 17.05 -21.63
N ALA B 424 -41.32 16.37 -22.76
CA ALA B 424 -41.70 16.90 -24.06
C ALA B 424 -43.22 16.98 -24.19
N HIS B 425 -43.92 15.92 -23.79
CA HIS B 425 -45.37 16.00 -23.67
C HIS B 425 -45.75 16.73 -22.38
N MET B 426 -46.75 17.59 -22.49
CA MET B 426 -47.13 18.60 -21.49
C MET B 426 -45.91 19.45 -21.11
N ASP B 433 -43.06 28.87 -21.60
CA ASP B 433 -41.90 29.40 -20.89
C ASP B 433 -40.82 28.33 -20.81
N PRO B 434 -39.73 28.52 -21.56
CA PRO B 434 -38.61 27.56 -21.47
C PRO B 434 -37.88 27.62 -20.14
N SER B 435 -37.83 28.79 -19.50
CA SER B 435 -37.15 28.92 -18.22
C SER B 435 -37.89 28.16 -17.12
N PHE B 436 -39.22 28.13 -17.20
CA PHE B 436 -40.03 27.27 -16.34
C PHE B 436 -39.67 25.80 -16.51
N VAL B 437 -39.46 25.39 -17.76
CA VAL B 437 -39.12 24.00 -18.05
C VAL B 437 -37.73 23.67 -17.51
N THR B 438 -36.78 24.61 -17.63
CA THR B 438 -35.45 24.37 -17.10
C THR B 438 -35.44 24.34 -15.58
N ALA B 439 -36.28 25.15 -14.93
CA ALA B 439 -36.36 25.13 -13.48
C ALA B 439 -36.97 23.82 -12.97
N VAL B 440 -38.02 23.35 -13.64
CA VAL B 440 -38.61 22.04 -13.30
C VAL B 440 -37.60 20.92 -13.54
N LEU B 441 -36.81 21.04 -14.61
CA LEU B 441 -35.83 20.01 -14.92
C LEU B 441 -34.67 20.02 -13.92
N THR B 442 -34.35 21.19 -13.36
CA THR B 442 -33.34 21.23 -12.29
C THR B 442 -33.93 20.72 -10.98
N LYS B 443 -35.24 20.77 -10.82
CA LYS B 443 -35.86 20.30 -9.58
C LYS B 443 -36.14 18.79 -9.57
N LEU B 444 -35.42 17.98 -10.35
CA LEU B 444 -35.71 16.56 -10.43
C LEU B 444 -34.76 15.74 -9.55
N ARG B 445 -35.07 14.45 -9.41
CA ARG B 445 -34.28 13.53 -8.61
C ARG B 445 -34.32 12.15 -9.25
N PHE B 446 -33.24 11.38 -9.07
CA PHE B 446 -33.09 10.09 -9.73
C PHE B 446 -33.37 8.94 -8.77
N GLU B 447 -34.17 7.97 -9.22
CA GLU B 447 -34.59 6.85 -8.39
C GLU B 447 -34.51 5.55 -9.15
N VAL B 448 -34.20 4.46 -8.44
CA VAL B 448 -34.08 3.12 -9.01
C VAL B 448 -34.97 2.21 -8.17
N PHE B 449 -35.86 1.46 -8.81
CA PHE B 449 -36.76 0.56 -8.12
C PHE B 449 -36.52 -0.89 -8.53
N GLN B 450 -37.40 -1.77 -8.09
CA GLN B 450 -37.19 -3.20 -8.09
C GLN B 450 -38.52 -3.91 -8.31
N PRO B 451 -38.55 -5.06 -8.98
CA PRO B 451 -39.84 -5.74 -9.24
C PRO B 451 -40.46 -6.30 -7.97
N GLY B 452 -41.79 -6.17 -7.89
CA GLY B 452 -42.55 -6.47 -6.70
C GLY B 452 -42.69 -5.28 -5.78
N ASP B 453 -41.76 -4.33 -5.83
CA ASP B 453 -41.75 -3.18 -4.95
C ASP B 453 -42.70 -2.15 -5.53
N LEU B 454 -43.96 -2.20 -5.08
CA LEU B 454 -44.98 -1.28 -5.58
C LEU B 454 -44.77 0.11 -5.00
N VAL B 455 -44.97 1.13 -5.85
CA VAL B 455 -44.85 2.52 -5.41
C VAL B 455 -46.06 3.31 -5.88
N VAL B 456 -47.13 3.26 -5.06
CA VAL B 456 -48.02 4.33 -4.60
C VAL B 456 -48.91 3.67 -3.56
N ARG B 457 -49.43 4.45 -2.63
CA ARG B 457 -50.46 3.96 -1.73
C ARG B 457 -51.78 4.61 -2.13
N GLU B 458 -52.86 3.82 -2.07
CA GLU B 458 -54.17 4.34 -2.40
C GLU B 458 -54.65 5.29 -1.31
N GLY B 459 -54.84 6.55 -1.67
CA GLY B 459 -55.25 7.56 -0.73
C GLY B 459 -54.08 8.31 -0.12
N LYS B 464 -46.61 13.60 -5.03
CA LYS B 464 -45.35 13.26 -5.66
C LYS B 464 -45.59 12.64 -7.03
N MET B 465 -44.96 13.22 -8.05
CA MET B 465 -45.18 12.83 -9.44
C MET B 465 -43.92 12.17 -10.00
N TYR B 466 -44.11 11.20 -10.89
CA TYR B 466 -43.01 10.41 -11.43
C TYR B 466 -42.92 10.55 -12.94
N PHE B 467 -41.75 10.17 -13.47
CA PHE B 467 -41.54 9.98 -14.90
C PHE B 467 -40.85 8.65 -15.12
N ILE B 468 -41.00 8.09 -16.31
CA ILE B 468 -40.49 6.74 -16.60
C ILE B 468 -39.38 6.89 -17.64
N GLN B 469 -38.22 6.33 -17.32
CA GLN B 469 -37.14 6.25 -18.31
C GLN B 469 -37.03 4.85 -18.88
N HIS B 470 -37.03 3.82 -18.03
CA HIS B 470 -36.97 2.44 -18.49
C HIS B 470 -37.93 1.60 -17.68
N GLY B 471 -37.91 0.29 -17.95
CA GLY B 471 -38.67 -0.66 -17.16
C GLY B 471 -40.13 -0.74 -17.53
N LEU B 472 -40.84 -1.61 -16.82
CA LEU B 472 -42.26 -1.84 -17.00
C LEU B 472 -42.99 -1.57 -15.70
N LEU B 473 -44.15 -0.92 -15.79
CA LEU B 473 -44.96 -0.60 -14.64
C LEU B 473 -46.41 -0.94 -14.92
N SER B 474 -47.02 -1.70 -14.01
CA SER B 474 -48.40 -2.14 -14.15
C SER B 474 -49.26 -1.41 -13.14
N VAL B 475 -50.53 -1.21 -13.49
CA VAL B 475 -51.46 -0.53 -12.60
C VAL B 475 -52.57 -1.48 -12.18
N LEU B 485 -46.31 2.72 -17.96
CA LEU B 485 -46.27 1.39 -18.56
C LEU B 485 -44.99 1.18 -19.36
N THR B 486 -44.91 1.84 -20.52
CA THR B 486 -43.72 1.77 -21.36
C THR B 486 -42.78 2.90 -20.97
N ASP B 487 -41.71 3.08 -21.75
CA ASP B 487 -40.74 4.11 -21.46
C ASP B 487 -41.28 5.49 -21.80
N GLY B 488 -41.55 6.27 -20.75
CA GLY B 488 -42.04 7.63 -20.93
C GLY B 488 -43.52 7.76 -20.66
N SER B 489 -43.83 8.21 -19.44
CA SER B 489 -45.18 8.47 -18.95
C SER B 489 -45.09 9.29 -17.67
N TYR B 490 -46.23 9.70 -17.12
CA TYR B 490 -46.19 10.42 -15.86
C TYR B 490 -47.45 10.11 -15.05
N PHE B 491 -47.39 10.45 -13.77
CA PHE B 491 -48.43 10.12 -12.80
C PHE B 491 -49.00 11.43 -12.25
N GLY B 492 -49.99 11.98 -12.95
CA GLY B 492 -50.50 13.32 -12.67
C GLY B 492 -51.31 13.36 -11.39
N GLU B 493 -50.94 14.28 -10.51
CA GLU B 493 -51.63 14.44 -9.23
C GLU B 493 -52.43 15.74 -9.21
N SER B 505 -52.44 2.41 -7.19
CA SER B 505 -51.75 1.13 -7.12
C SER B 505 -50.95 0.85 -8.38
N VAL B 506 -49.66 1.17 -8.32
CA VAL B 506 -48.75 1.02 -9.45
C VAL B 506 -47.59 0.13 -9.01
N ARG B 507 -47.41 -0.97 -9.73
CA ARG B 507 -46.44 -1.99 -9.34
C ARG B 507 -45.33 -2.09 -10.37
N ALA B 508 -44.10 -2.16 -9.90
CA ALA B 508 -42.95 -2.31 -10.79
C ALA B 508 -42.81 -3.76 -11.20
N ASP B 509 -42.73 -4.01 -12.51
CA ASP B 509 -42.64 -5.38 -12.99
C ASP B 509 -41.19 -5.78 -13.24
N THR B 510 -40.32 -4.81 -13.53
CA THR B 510 -38.90 -5.05 -13.74
C THR B 510 -38.10 -3.96 -13.03
N TYR B 511 -36.81 -3.92 -13.32
CA TYR B 511 -35.94 -2.85 -12.89
C TYR B 511 -36.32 -1.55 -13.59
N CYS B 512 -36.63 -0.52 -12.81
CA CYS B 512 -37.16 0.73 -13.36
C CYS B 512 -36.32 1.90 -12.87
N ARG B 513 -35.96 2.78 -13.79
CA ARG B 513 -35.31 4.03 -13.45
C ARG B 513 -36.32 5.15 -13.62
N LEU B 514 -36.60 5.86 -12.53
CA LEU B 514 -37.66 6.85 -12.53
C LEU B 514 -37.15 8.20 -12.04
N TYR B 515 -37.98 9.22 -12.23
CA TYR B 515 -37.70 10.58 -11.81
C TYR B 515 -38.79 11.05 -10.85
N SER B 516 -38.55 12.19 -10.22
CA SER B 516 -39.48 12.70 -9.20
C SER B 516 -39.31 14.21 -9.07
N LEU B 517 -40.43 14.90 -8.82
CA LEU B 517 -40.45 16.36 -8.76
C LEU B 517 -41.34 16.93 -7.65
N SER B 518 -41.42 16.25 -6.49
CA SER B 518 -42.42 16.41 -5.42
C SER B 518 -42.85 17.84 -5.09
N VAL B 519 -44.14 17.98 -4.77
CA VAL B 519 -44.95 19.17 -5.03
C VAL B 519 -44.42 20.46 -4.39
N ASP B 520 -43.55 20.37 -3.38
CA ASP B 520 -42.97 21.56 -2.76
C ASP B 520 -42.06 22.31 -3.73
N HIS B 521 -41.20 21.57 -4.42
CA HIS B 521 -40.34 22.17 -5.43
C HIS B 521 -41.15 22.71 -6.60
N PHE B 522 -42.23 22.03 -6.96
CA PHE B 522 -43.10 22.49 -8.03
C PHE B 522 -43.80 23.79 -7.65
N ASN B 523 -44.19 23.92 -6.38
CA ASN B 523 -44.80 25.16 -5.91
C ASN B 523 -43.78 26.29 -5.84
N ALA B 524 -42.53 25.96 -5.52
CA ALA B 524 -41.47 26.96 -5.53
C ALA B 524 -41.19 27.45 -6.95
N VAL B 525 -41.23 26.55 -7.93
CA VAL B 525 -41.03 26.96 -9.32
C VAL B 525 -42.22 27.77 -9.83
N LEU B 526 -43.43 27.43 -9.35
CA LEU B 526 -44.61 28.25 -9.66
C LEU B 526 -44.50 29.64 -9.04
N GLU B 527 -43.92 29.73 -7.85
CA GLU B 527 -43.60 31.03 -7.26
C GLU B 527 -42.56 31.79 -8.07
N GLU B 528 -41.60 31.09 -8.66
CA GLU B 528 -40.62 31.73 -9.54
C GLU B 528 -41.23 32.06 -10.90
N GLY C 50 21.37 25.04 40.56
CA GLY C 50 20.66 23.85 40.97
C GLY C 50 19.35 23.66 40.23
N THR C 51 19.07 24.54 39.28
CA THR C 51 17.85 24.48 38.50
C THR C 51 17.99 23.60 37.26
N LEU C 52 19.11 22.89 37.10
CA LEU C 52 19.29 22.04 35.94
C LEU C 52 18.46 20.76 36.01
N LEU C 53 17.96 20.41 37.19
CA LEU C 53 17.15 19.21 37.32
C LEU C 53 15.70 19.45 36.93
N GLN C 54 15.26 20.69 36.90
CA GLN C 54 13.92 21.16 36.62
C GLN C 54 13.77 21.46 35.13
N PRO C 55 12.59 21.26 34.55
CA PRO C 55 12.40 21.59 33.13
C PRO C 55 12.34 23.09 32.92
N THR C 56 13.02 23.55 31.87
CA THR C 56 13.12 24.97 31.58
C THR C 56 11.97 25.39 30.67
N VAL C 57 12.04 26.62 30.16
CA VAL C 57 11.01 27.16 29.29
C VAL C 57 11.55 27.16 27.87
N ASN C 58 11.11 26.18 27.07
CA ASN C 58 11.52 26.09 25.67
C ASN C 58 10.29 26.14 24.78
N LYS C 59 10.48 25.92 23.47
CA LYS C 59 9.33 25.74 22.60
C LYS C 59 8.63 24.44 22.91
N PHE C 60 9.41 23.41 23.25
CA PHE C 60 8.84 22.09 23.53
C PHE C 60 8.05 22.10 24.83
N SER C 61 8.55 22.79 25.86
CA SER C 61 7.85 22.84 27.13
C SER C 61 6.54 23.62 27.01
N LEU C 62 6.53 24.66 26.18
CA LEU C 62 5.29 25.40 25.96
C LEU C 62 4.32 24.63 25.09
N ARG C 63 4.81 23.81 24.16
CA ARG C 63 3.89 22.98 23.38
C ARG C 63 3.32 21.84 24.22
N VAL C 64 4.08 21.32 25.17
CA VAL C 64 3.59 20.21 25.98
C VAL C 64 2.66 20.71 27.08
N PHE C 65 3.15 21.62 27.93
CA PHE C 65 2.38 21.94 29.13
C PHE C 65 1.40 23.08 28.89
N GLY C 66 1.72 23.99 27.99
CA GLY C 66 0.81 25.09 27.71
C GLY C 66 1.45 26.45 27.90
N SER C 67 0.97 27.22 28.87
CA SER C 67 1.48 28.55 29.12
C SER C 67 2.67 28.47 30.06
N HIS C 68 3.14 29.63 30.55
CA HIS C 68 4.23 29.65 31.51
C HIS C 68 3.77 29.18 32.89
N LYS C 69 2.47 29.31 33.18
CA LYS C 69 1.95 28.92 34.49
C LYS C 69 2.03 27.42 34.71
N ALA C 70 1.75 26.61 33.68
CA ALA C 70 1.87 25.17 33.82
C ALA C 70 3.32 24.75 33.99
N VAL C 71 4.24 25.46 33.34
CA VAL C 71 5.66 25.18 33.49
C VAL C 71 6.13 25.53 34.90
N GLU C 72 5.64 26.62 35.46
CA GLU C 72 5.99 26.97 36.83
C GLU C 72 5.37 26.01 37.84
N ILE C 73 4.17 25.50 37.55
CA ILE C 73 3.57 24.46 38.38
C ILE C 73 4.40 23.18 38.34
N GLU C 74 4.92 22.81 37.16
CA GLU C 74 5.78 21.64 37.07
C GLU C 74 7.11 21.85 37.79
N GLN C 75 7.66 23.07 37.74
CA GLN C 75 8.89 23.36 38.47
C GLN C 75 8.67 23.30 39.97
N GLU C 76 7.53 23.81 40.45
CA GLU C 76 7.21 23.70 41.87
C GLU C 76 6.90 22.26 42.26
N ARG C 77 6.40 21.46 41.33
CA ARG C 77 6.15 20.06 41.60
C ARG C 77 7.45 19.27 41.73
N VAL C 78 8.43 19.59 40.89
CA VAL C 78 9.75 18.97 41.01
C VAL C 78 10.44 19.41 42.31
N LYS C 79 10.38 20.71 42.61
CA LYS C 79 10.98 21.23 43.84
C LYS C 79 10.22 20.84 45.10
N SER C 80 8.98 20.34 44.98
CA SER C 80 8.18 19.97 46.12
C SER C 80 8.38 18.53 46.58
N ALA C 81 8.65 17.61 45.66
CA ALA C 81 9.07 16.27 46.06
C ALA C 81 10.45 16.34 46.69
N GLY C 82 10.56 15.88 47.93
CA GLY C 82 11.77 16.17 48.69
C GLY C 82 12.87 15.18 48.37
N ALA C 83 13.71 15.56 47.42
CA ALA C 83 14.77 14.73 46.87
C ALA C 83 15.63 15.58 45.94
N TRP C 84 16.68 14.98 45.37
CA TRP C 84 17.34 15.53 44.18
C TRP C 84 16.76 14.84 42.95
N ILE C 85 15.45 15.00 42.80
CA ILE C 85 14.71 14.32 41.74
C ILE C 85 15.09 14.93 40.39
N ILE C 86 15.15 14.10 39.36
CA ILE C 86 15.63 14.51 38.05
C ILE C 86 14.44 14.42 37.09
N HIS C 87 14.02 15.55 36.56
CA HIS C 87 12.87 15.55 35.67
C HIS C 87 13.31 15.11 34.27
N PRO C 88 12.54 14.25 33.61
CA PRO C 88 13.01 13.66 32.35
C PRO C 88 12.99 14.60 31.15
N TYR C 89 12.52 15.83 31.29
CA TYR C 89 12.63 16.81 30.22
C TYR C 89 13.64 17.91 30.52
N SER C 90 14.42 17.77 31.58
CA SER C 90 15.36 18.80 31.95
C SER C 90 16.60 18.75 31.07
N ASP C 91 17.52 19.68 31.32
CA ASP C 91 18.74 19.75 30.53
C ASP C 91 19.75 18.69 30.96
N PHE C 92 19.65 18.23 32.21
CA PHE C 92 20.65 17.29 32.74
C PHE C 92 20.55 15.93 32.08
N ARG C 93 19.32 15.45 31.86
CA ARG C 93 19.13 14.19 31.16
C ARG C 93 19.58 14.29 29.70
N PHE C 94 19.39 15.46 29.09
CA PHE C 94 19.85 15.66 27.71
C PHE C 94 21.37 15.60 27.63
N TYR C 95 22.06 16.33 28.52
CA TYR C 95 23.52 16.36 28.50
C TYR C 95 24.11 15.03 28.93
N TRP C 96 23.37 14.25 29.73
CA TRP C 96 23.86 12.94 30.12
C TRP C 96 23.68 11.91 29.01
N ASP C 97 22.49 11.90 28.39
CA ASP C 97 22.21 10.91 27.37
C ASP C 97 22.96 11.19 26.08
N LEU C 98 23.35 12.44 25.84
CA LEU C 98 24.20 12.74 24.69
C LEU C 98 25.58 12.09 24.83
N ILE C 99 26.10 12.00 26.05
CA ILE C 99 27.35 11.27 26.27
C ILE C 99 27.11 9.77 26.19
N MET C 100 25.99 9.32 26.77
CA MET C 100 25.75 7.89 26.86
C MET C 100 25.48 7.26 25.50
N LEU C 101 24.85 7.98 24.57
CA LEU C 101 24.63 7.41 23.24
C LEU C 101 25.93 7.24 22.48
N LEU C 102 26.87 8.18 22.66
CA LEU C 102 28.17 8.07 22.01
C LEU C 102 28.97 6.90 22.59
N LEU C 103 28.92 6.71 23.92
CA LEU C 103 29.60 5.56 24.50
C LEU C 103 28.95 4.24 24.09
N MET C 104 27.63 4.23 23.90
CA MET C 104 26.96 3.01 23.45
C MET C 104 27.34 2.64 22.03
N VAL C 105 27.39 3.62 21.13
CA VAL C 105 27.79 3.34 19.75
C VAL C 105 29.24 2.89 19.68
N GLY C 106 30.11 3.53 20.49
CA GLY C 106 31.50 3.14 20.54
C GLY C 106 31.72 1.73 21.05
N ASN C 107 31.02 1.35 22.13
CA ASN C 107 31.16 0.00 22.66
C ASN C 107 30.58 -1.03 21.71
N LEU C 108 29.38 -0.78 21.18
CA LEU C 108 28.73 -1.76 20.32
C LEU C 108 29.39 -1.90 18.95
N ILE C 109 30.27 -1.00 18.56
CA ILE C 109 31.11 -1.23 17.39
C ILE C 109 32.44 -1.87 17.76
N VAL C 110 33.10 -1.42 18.82
CA VAL C 110 34.48 -1.84 19.06
C VAL C 110 34.55 -3.23 19.71
N LEU C 111 33.65 -3.52 20.65
CA LEU C 111 33.82 -4.72 21.49
C LEU C 111 33.80 -6.08 20.79
N PRO C 112 32.95 -6.38 19.79
CA PRO C 112 33.08 -7.70 19.14
C PRO C 112 34.37 -7.86 18.35
N VAL C 113 34.81 -6.81 17.67
CA VAL C 113 36.08 -6.86 16.94
C VAL C 113 37.24 -7.02 17.90
N GLY C 114 37.16 -6.39 19.07
CA GLY C 114 38.21 -6.52 20.05
C GLY C 114 38.24 -7.87 20.74
N ILE C 115 37.09 -8.52 20.89
CA ILE C 115 37.07 -9.82 21.54
C ILE C 115 37.50 -10.92 20.58
N THR C 116 36.94 -10.93 19.37
CA THR C 116 37.13 -12.10 18.50
C THR C 116 38.50 -12.11 17.83
N PHE C 117 38.86 -11.03 17.14
CA PHE C 117 39.99 -11.11 16.23
C PHE C 117 41.35 -11.00 16.93
N PHE C 118 41.45 -10.22 18.01
CA PHE C 118 42.73 -10.08 18.67
C PHE C 118 43.05 -11.31 19.52
N LYS C 119 44.35 -11.53 19.72
CA LYS C 119 44.81 -12.73 20.43
C LYS C 119 45.00 -12.47 21.92
N GLU C 120 45.88 -11.54 22.26
CA GLU C 120 46.19 -11.23 23.65
C GLU C 120 45.30 -10.08 24.11
N GLU C 121 44.43 -10.36 25.09
CA GLU C 121 43.50 -9.37 25.62
C GLU C 121 44.04 -8.64 26.83
N ASN C 122 45.35 -8.70 27.07
CA ASN C 122 45.94 -8.05 28.23
C ASN C 122 46.66 -6.76 27.88
N SER C 123 46.29 -6.11 26.79
CA SER C 123 46.88 -4.81 26.48
C SER C 123 46.30 -3.76 27.43
N PRO C 124 47.11 -2.77 27.84
CA PRO C 124 46.63 -1.74 28.78
C PRO C 124 45.47 -0.87 28.28
N PRO C 125 45.45 -0.33 27.04
CA PRO C 125 44.32 0.58 26.72
C PRO C 125 42.99 -0.14 26.59
N TRP C 126 43.02 -1.45 26.30
CA TRP C 126 41.80 -2.25 26.32
C TRP C 126 41.21 -2.34 27.72
N ILE C 127 42.07 -2.53 28.73
CA ILE C 127 41.60 -2.62 30.11
C ILE C 127 41.11 -1.27 30.61
N VAL C 128 41.81 -0.19 30.20
CA VAL C 128 41.37 1.16 30.55
C VAL C 128 40.02 1.48 29.92
N PHE C 129 39.83 1.08 28.66
CA PHE C 129 38.57 1.28 27.96
C PHE C 129 37.42 0.54 28.61
N ASN C 130 37.66 -0.72 29.00
CA ASN C 130 36.62 -1.50 29.67
C ASN C 130 36.29 -0.94 31.06
N VAL C 131 37.31 -0.46 31.78
CA VAL C 131 37.07 0.07 33.12
C VAL C 131 36.27 1.37 33.05
N LEU C 132 36.59 2.25 32.09
CA LEU C 132 35.85 3.50 31.97
C LEU C 132 34.42 3.25 31.49
N SER C 133 34.23 2.29 30.58
CA SER C 133 32.88 1.95 30.13
C SER C 133 32.04 1.37 31.27
N ASP C 134 32.65 0.52 32.10
CA ASP C 134 31.92 -0.02 33.25
C ASP C 134 31.56 1.07 34.25
N THR C 135 32.45 2.05 34.44
CA THR C 135 32.17 3.15 35.36
C THR C 135 30.99 4.00 34.89
N PHE C 136 30.99 4.39 33.61
CA PHE C 136 29.89 5.22 33.13
C PHE C 136 28.57 4.45 33.05
N PHE C 137 28.62 3.18 32.64
CA PHE C 137 27.37 2.42 32.61
C PHE C 137 26.92 1.94 33.99
N LEU C 138 27.72 2.14 35.03
CA LEU C 138 27.20 1.97 36.38
C LEU C 138 26.59 3.25 36.91
N LEU C 139 27.22 4.40 36.62
CA LEU C 139 26.66 5.68 37.03
C LEU C 139 25.33 5.97 36.33
N ASP C 140 25.16 5.47 35.10
CA ASP C 140 23.88 5.64 34.41
C ASP C 140 22.78 4.83 35.09
N LEU C 141 23.13 3.67 35.66
CA LEU C 141 22.18 2.90 36.44
C LEU C 141 21.79 3.65 37.72
N VAL C 142 22.79 4.26 38.37
CA VAL C 142 22.54 5.04 39.58
C VAL C 142 21.62 6.22 39.28
N LEU C 143 21.80 6.85 38.12
CA LEU C 143 20.91 7.97 37.76
C LEU C 143 19.55 7.47 37.27
N ASN C 144 19.49 6.24 36.74
CA ASN C 144 18.20 5.68 36.33
C ASN C 144 17.36 5.31 37.54
N PHE C 145 17.99 5.15 38.71
CA PHE C 145 17.23 5.09 39.95
C PHE C 145 16.49 6.40 40.25
N ARG C 146 16.97 7.52 39.70
CA ARG C 146 16.52 8.82 40.20
C ARG C 146 15.69 9.58 39.17
N THR C 147 15.59 9.10 37.93
CA THR C 147 14.93 9.86 36.89
C THR C 147 13.41 9.71 36.97
N GLY C 148 12.71 10.64 36.33
CA GLY C 148 11.27 10.56 36.20
C GLY C 148 10.87 9.73 35.00
N ILE C 149 9.63 9.25 35.03
CA ILE C 149 9.12 8.29 34.06
C ILE C 149 7.87 8.85 33.39
N VAL C 150 7.93 9.02 32.08
CA VAL C 150 6.78 9.49 31.30
C VAL C 150 5.90 8.28 31.00
N VAL C 151 4.64 8.36 31.41
CA VAL C 151 3.70 7.25 31.19
C VAL C 151 2.63 7.66 30.19
N GLU C 156 3.62 12.74 34.15
CA GLU C 156 4.97 12.32 34.50
C GLU C 156 5.05 11.95 35.97
N ILE C 157 5.37 10.69 36.25
CA ILE C 157 5.48 10.19 37.63
C ILE C 157 6.79 10.70 38.20
N LEU C 158 6.72 11.75 39.02
CA LEU C 158 7.89 12.33 39.64
C LEU C 158 8.00 11.98 41.13
N LEU C 159 7.17 11.07 41.61
CA LEU C 159 7.25 10.63 43.00
C LEU C 159 8.47 9.73 43.15
N ALA C 160 9.46 10.20 43.93
CA ALA C 160 10.75 9.51 43.95
C ALA C 160 10.73 8.18 44.73
N PRO C 161 10.38 8.13 46.02
CA PRO C 161 10.69 6.91 46.78
C PRO C 161 9.79 5.71 46.50
N ARG C 162 8.63 5.92 45.89
CA ARG C 162 7.64 4.85 45.75
C ARG C 162 7.43 4.43 44.31
N ALA C 163 7.09 5.37 43.42
CA ALA C 163 6.71 5.01 42.06
C ALA C 163 7.91 4.60 41.22
N ILE C 164 8.99 5.39 41.29
CA ILE C 164 10.12 5.21 40.38
C ILE C 164 10.87 3.93 40.69
N ARG C 165 11.06 3.64 41.99
CA ARG C 165 11.82 2.46 42.39
C ARG C 165 11.08 1.17 42.02
N THR C 166 9.77 1.11 42.29
CA THR C 166 9.00 -0.08 41.96
C THR C 166 8.83 -0.25 40.45
N ARG C 167 8.61 0.85 39.72
CA ARG C 167 8.49 0.74 38.27
C ARG C 167 9.81 0.36 37.61
N TYR C 168 10.94 0.78 38.18
CA TYR C 168 12.22 0.42 37.57
C TYR C 168 12.62 -1.00 37.94
N LEU C 169 12.33 -1.43 39.17
CA LEU C 169 12.61 -2.82 39.55
C LEU C 169 11.69 -3.80 38.86
N ARG C 170 10.48 -3.38 38.47
CA ARG C 170 9.58 -4.29 37.80
C ARG C 170 9.92 -4.48 36.32
N THR C 171 10.40 -3.45 35.64
CA THR C 171 10.48 -3.48 34.18
C THR C 171 11.90 -3.75 33.72
N TRP C 172 12.87 -2.89 34.04
CA TRP C 172 14.17 -2.93 33.36
C TRP C 172 15.36 -2.81 34.30
N PHE C 173 15.31 -3.47 35.47
CA PHE C 173 16.47 -3.44 36.34
C PHE C 173 17.47 -4.53 35.98
N LEU C 174 16.97 -5.69 35.58
CA LEU C 174 17.81 -6.88 35.46
C LEU C 174 18.75 -6.78 34.26
N VAL C 175 18.23 -6.31 33.12
CA VAL C 175 19.04 -6.23 31.90
C VAL C 175 20.13 -5.17 32.06
N ASP C 176 19.80 -4.04 32.67
CA ASP C 176 20.80 -3.00 32.90
C ASP C 176 21.82 -3.45 33.94
N LEU C 177 21.39 -4.25 34.92
CA LEU C 177 22.31 -4.75 35.93
C LEU C 177 23.31 -5.74 35.33
N ILE C 178 22.83 -6.61 34.43
CA ILE C 178 23.70 -7.56 33.75
C ILE C 178 24.67 -6.83 32.83
N SER C 179 24.16 -5.90 32.01
CA SER C 179 25.02 -5.22 31.06
C SER C 179 25.91 -4.16 31.71
N SER C 180 25.70 -3.83 32.99
CA SER C 180 26.51 -2.79 33.61
C SER C 180 27.85 -3.32 34.08
N ILE C 181 27.85 -4.28 34.99
CA ILE C 181 29.05 -4.67 35.73
C ILE C 181 29.96 -5.55 34.89
N PRO C 182 31.28 -5.51 35.10
CA PRO C 182 32.16 -6.46 34.41
C PRO C 182 32.08 -7.86 35.01
N VAL C 183 31.47 -8.78 34.27
CA VAL C 183 31.23 -10.12 34.79
C VAL C 183 32.50 -10.97 34.67
N ASP C 184 33.26 -10.77 33.59
CA ASP C 184 34.39 -11.65 33.29
C ASP C 184 35.54 -11.46 34.28
N TYR C 185 35.76 -10.23 34.74
CA TYR C 185 36.88 -9.96 35.62
C TYR C 185 36.67 -10.54 37.00
N ILE C 186 35.40 -10.67 37.41
CA ILE C 186 35.09 -11.34 38.68
C ILE C 186 35.47 -12.82 38.61
N PHE C 187 35.11 -13.47 37.51
CA PHE C 187 35.48 -14.88 37.33
C PHE C 187 36.98 -15.04 37.16
N LEU C 188 37.65 -14.01 36.63
CA LEU C 188 39.10 -14.08 36.50
C LEU C 188 39.79 -13.93 37.85
N VAL C 189 39.25 -13.08 38.73
CA VAL C 189 39.82 -12.93 40.07
C VAL C 189 39.54 -14.17 40.92
N VAL C 190 38.34 -14.73 40.81
CA VAL C 190 37.98 -15.91 41.60
C VAL C 190 38.77 -17.14 41.12
N GLU C 191 38.69 -17.44 39.83
CA GLU C 191 39.43 -18.57 39.28
C GLU C 191 40.85 -18.18 38.91
N ARG C 205 43.97 -26.78 31.26
CA ARG C 205 42.58 -26.42 31.02
C ARG C 205 42.40 -24.91 31.00
N ALA C 206 43.47 -24.20 30.65
CA ALA C 206 43.42 -22.74 30.64
C ALA C 206 42.66 -22.21 29.43
N LEU C 207 42.68 -22.96 28.31
CA LEU C 207 42.02 -22.49 27.09
C LEU C 207 40.51 -22.48 27.24
N ARG C 208 39.96 -23.46 27.97
CA ARG C 208 38.54 -23.46 28.29
C ARG C 208 38.18 -22.28 29.17
N ILE C 209 39.08 -21.90 30.08
CA ILE C 209 38.86 -20.73 30.94
C ILE C 209 38.86 -19.45 30.12
N VAL C 210 39.79 -19.35 29.14
CA VAL C 210 39.86 -18.16 28.30
C VAL C 210 38.63 -18.05 27.41
N ARG C 211 38.18 -19.17 26.83
CA ARG C 211 36.96 -19.17 26.02
C ARG C 211 35.73 -18.85 26.86
N PHE C 212 35.69 -19.34 28.10
CA PHE C 212 34.57 -19.06 28.99
C PHE C 212 34.54 -17.59 29.38
N THR C 213 35.71 -16.98 29.59
CA THR C 213 35.75 -15.55 29.88
C THR C 213 35.40 -14.71 28.66
N LYS C 214 35.70 -15.20 27.44
CA LYS C 214 35.25 -14.48 26.25
C LYS C 214 33.74 -14.52 26.12
N ILE C 215 33.12 -15.68 26.39
CA ILE C 215 31.68 -15.78 26.33
C ILE C 215 31.02 -14.96 27.44
N LEU C 216 31.67 -14.86 28.60
CA LEU C 216 31.15 -13.98 29.66
C LEU C 216 31.32 -12.50 29.31
N SER C 217 32.42 -12.14 28.66
CA SER C 217 32.63 -10.75 28.25
C SER C 217 31.74 -10.33 27.11
N LEU C 218 31.13 -11.28 26.39
CA LEU C 218 30.10 -10.92 25.42
C LEU C 218 28.76 -10.54 26.06
N LEU C 219 28.65 -10.46 27.38
CA LEU C 219 27.43 -9.95 28.01
C LEU C 219 27.32 -8.44 27.96
N ARG C 220 28.34 -7.74 27.47
CA ARG C 220 28.28 -6.29 27.32
C ARG C 220 27.29 -5.84 26.25
N LEU C 221 26.87 -6.75 25.37
CA LEU C 221 26.01 -6.41 24.24
C LEU C 221 24.55 -6.30 24.61
N LEU C 222 24.20 -6.31 25.90
CA LEU C 222 22.84 -6.03 26.33
C LEU C 222 22.61 -4.55 26.59
N ARG C 223 23.48 -3.69 26.08
CA ARG C 223 23.29 -2.25 26.11
C ARG C 223 22.46 -1.77 24.93
N LEU C 224 22.16 -2.67 23.98
CA LEU C 224 21.28 -2.33 22.89
C LEU C 224 19.85 -2.05 23.36
N SER C 225 19.42 -2.73 24.43
CA SER C 225 18.10 -2.49 24.99
C SER C 225 17.99 -1.12 25.64
N ARG C 226 19.11 -0.53 26.03
CA ARG C 226 19.12 0.83 26.54
C ARG C 226 19.24 1.84 25.41
N LEU C 227 20.02 1.50 24.38
CA LEU C 227 20.17 2.37 23.22
C LEU C 227 18.84 2.57 22.50
N ILE C 228 18.07 1.48 22.33
CA ILE C 228 16.76 1.57 21.69
C ILE C 228 15.82 2.47 22.49
N ARG C 229 15.88 2.36 23.82
CA ARG C 229 15.01 3.13 24.68
C ARG C 229 15.33 4.62 24.61
N TYR C 230 16.61 4.98 24.72
CA TYR C 230 16.98 6.40 24.65
C TYR C 230 16.74 7.00 23.27
N ILE C 231 17.00 6.24 22.21
CA ILE C 231 16.74 6.75 20.86
C ILE C 231 15.25 6.99 20.64
N HIS C 232 14.41 6.07 21.10
CA HIS C 232 12.96 6.28 20.96
C HIS C 232 12.46 7.45 21.81
N GLN C 233 13.06 7.66 22.99
CA GLN C 233 12.66 8.82 23.81
C GLN C 233 13.02 10.13 23.14
N TRP C 234 14.25 10.27 22.64
CA TRP C 234 14.64 11.53 22.01
C TRP C 234 13.91 11.77 20.70
N GLU C 235 13.67 10.73 19.91
CA GLU C 235 13.02 10.99 18.64
C GLU C 235 11.51 11.12 18.82
N GLU C 236 10.98 10.67 19.96
CA GLU C 236 9.60 11.00 20.30
C GLU C 236 9.50 12.44 20.78
N ILE C 237 10.56 12.96 21.40
CA ILE C 237 10.59 14.38 21.74
C ILE C 237 10.70 15.22 20.48
N PHE C 238 11.52 14.81 19.52
CA PHE C 238 11.87 15.69 18.40
C PHE C 238 10.86 15.61 17.26
N HIS C 239 9.67 15.08 17.51
CA HIS C 239 8.60 15.28 16.53
C HIS C 239 7.85 16.57 16.81
N MET C 240 8.09 17.17 17.98
CA MET C 240 7.26 18.30 18.38
C MET C 240 8.05 19.60 18.27
N THR C 241 9.37 19.52 18.44
CA THR C 241 10.20 20.71 18.23
C THR C 241 10.32 21.03 16.75
N TYR C 242 10.35 20.01 15.90
CA TYR C 242 10.50 20.20 14.47
C TYR C 242 9.53 19.27 13.75
N ASP C 243 9.01 19.73 12.61
CA ASP C 243 8.15 18.88 11.79
C ASP C 243 9.00 17.91 10.99
N LEU C 244 8.73 16.62 11.17
CA LEU C 244 9.52 15.59 10.51
C LEU C 244 8.59 14.56 9.89
N ALA C 245 8.92 14.07 8.71
CA ALA C 245 8.22 12.94 8.16
C ALA C 245 8.53 11.69 8.97
N SER C 246 7.49 10.92 9.27
CA SER C 246 7.65 9.78 10.16
C SER C 246 8.39 8.62 9.49
N ALA C 247 8.14 8.43 8.19
CA ALA C 247 8.71 7.30 7.47
C ALA C 247 10.22 7.43 7.33
N VAL C 248 10.74 8.66 7.27
CA VAL C 248 12.17 8.88 7.20
C VAL C 248 12.85 8.42 8.48
N VAL C 249 12.24 8.77 9.63
CA VAL C 249 12.78 8.38 10.93
C VAL C 249 12.75 6.86 11.09
N ARG C 250 11.63 6.24 10.68
CA ARG C 250 11.51 4.79 10.77
C ARG C 250 12.54 4.08 9.88
N ILE C 251 12.76 4.60 8.68
CA ILE C 251 13.62 3.87 7.75
C ILE C 251 15.09 4.06 8.12
N PHE C 252 15.47 5.21 8.71
CA PHE C 252 16.85 5.33 9.14
C PHE C 252 17.12 4.54 10.43
N ASN C 253 16.11 4.40 11.28
CA ASN C 253 16.24 3.51 12.43
C ASN C 253 16.44 2.06 11.99
N LEU C 254 15.71 1.64 10.95
CA LEU C 254 15.86 0.28 10.44
C LEU C 254 17.21 0.08 9.77
N ILE C 255 17.72 1.09 9.04
CA ILE C 255 19.02 0.98 8.38
C ILE C 255 20.14 0.85 9.42
N GLY C 256 20.05 1.62 10.51
CA GLY C 256 21.02 1.48 11.59
C GLY C 256 21.00 0.10 12.23
N MET C 257 19.79 -0.45 12.45
CA MET C 257 19.68 -1.79 13.03
C MET C 257 20.24 -2.86 12.09
N MET C 258 19.99 -2.73 10.78
CA MET C 258 20.50 -3.72 9.81
C MET C 258 22.01 -3.70 9.73
N LEU C 259 22.61 -2.50 9.72
CA LEU C 259 24.07 -2.41 9.67
C LEU C 259 24.70 -2.99 10.93
N LEU C 260 24.07 -2.76 12.09
CA LEU C 260 24.62 -3.31 13.33
C LEU C 260 24.51 -4.83 13.36
N LEU C 261 23.42 -5.39 12.83
CA LEU C 261 23.29 -6.84 12.82
C LEU C 261 24.26 -7.51 11.86
N CYS C 262 24.53 -6.88 10.71
CA CYS C 262 25.52 -7.43 9.78
C CYS C 262 26.93 -7.38 10.38
N HIS C 263 27.25 -6.29 11.08
CA HIS C 263 28.54 -6.18 11.75
C HIS C 263 28.69 -7.22 12.85
N TRP C 264 27.60 -7.58 13.54
CA TRP C 264 27.71 -8.63 14.52
C TRP C 264 27.82 -10.02 13.90
N ASP C 265 27.15 -10.27 12.77
CA ASP C 265 27.24 -11.59 12.14
C ASP C 265 28.64 -11.88 11.61
N GLY C 266 29.34 -10.84 11.13
CA GLY C 266 30.73 -11.05 10.72
C GLY C 266 31.63 -11.52 11.85
N CYS C 267 31.55 -10.84 12.99
CA CYS C 267 32.35 -11.22 14.15
C CYS C 267 31.94 -12.57 14.70
N LEU C 268 30.66 -12.92 14.60
CA LEU C 268 30.20 -14.21 15.08
C LEU C 268 30.69 -15.35 14.20
N GLN C 269 30.71 -15.13 12.88
CA GLN C 269 31.13 -16.19 11.98
C GLN C 269 32.64 -16.32 11.92
N PHE C 270 33.38 -15.36 12.49
CA PHE C 270 34.77 -15.67 12.77
C PHE C 270 34.93 -16.26 14.17
N LEU C 271 34.02 -15.93 15.08
CA LEU C 271 34.19 -16.34 16.48
C LEU C 271 33.97 -17.83 16.66
N VAL C 272 33.01 -18.39 15.95
CA VAL C 272 32.68 -19.81 16.15
C VAL C 272 33.78 -20.76 15.67
N PRO C 273 34.47 -20.57 14.51
CA PRO C 273 35.65 -21.41 14.25
C PRO C 273 36.84 -21.10 15.15
N MET C 274 36.87 -19.92 15.77
CA MET C 274 37.94 -19.55 16.67
C MET C 274 37.95 -20.38 17.94
N LEU C 275 36.78 -20.66 18.51
CA LEU C 275 36.71 -21.39 19.77
C LEU C 275 37.01 -22.87 19.61
N GLN C 276 36.99 -23.40 18.39
CA GLN C 276 37.24 -24.82 18.15
C GLN C 276 38.67 -25.09 17.71
N ASP C 277 39.58 -24.12 17.88
CA ASP C 277 40.99 -24.20 17.48
C ASP C 277 41.16 -24.52 15.99
N PHE C 278 40.27 -23.94 15.16
CA PHE C 278 40.28 -23.98 13.70
C PHE C 278 40.32 -25.38 13.12
N PRO C 279 39.20 -26.11 13.10
CA PRO C 279 39.16 -27.45 12.49
C PRO C 279 39.42 -27.38 11.00
N PRO C 280 39.85 -28.48 10.38
CA PRO C 280 40.15 -28.43 8.93
C PRO C 280 38.93 -28.36 8.04
N ASP C 281 37.71 -28.42 8.60
CA ASP C 281 36.52 -28.37 7.77
C ASP C 281 36.02 -26.94 7.58
N CYS C 282 36.42 -26.02 8.47
CA CYS C 282 35.88 -24.68 8.44
C CYS C 282 36.49 -23.88 7.29
N TRP C 283 35.84 -22.75 6.96
CA TRP C 283 36.25 -21.99 5.78
C TRP C 283 37.58 -21.27 5.99
N VAL C 284 37.95 -20.99 7.24
CA VAL C 284 39.20 -20.30 7.52
C VAL C 284 40.39 -21.18 7.18
N SER C 285 40.31 -22.47 7.54
CA SER C 285 41.38 -23.39 7.21
C SER C 285 41.39 -23.76 5.73
N ILE C 286 40.24 -23.73 5.08
CA ILE C 286 40.18 -24.04 3.65
C ILE C 286 40.80 -22.92 2.83
N ASN C 287 40.45 -21.68 3.16
CA ASN C 287 40.98 -20.55 2.41
C ASN C 287 42.41 -20.17 2.81
N HIS C 288 43.01 -20.89 3.75
CA HIS C 288 44.40 -20.73 4.18
C HIS C 288 44.67 -19.31 4.70
N MET C 289 43.84 -18.87 5.63
CA MET C 289 43.87 -17.50 6.11
C MET C 289 43.87 -17.45 7.63
N VAL C 290 44.64 -18.34 8.26
CA VAL C 290 44.78 -18.28 9.70
C VAL C 290 45.79 -17.20 10.10
N ASN C 291 46.89 -17.08 9.36
CA ASN C 291 48.00 -16.23 9.75
C ASN C 291 48.06 -14.92 8.97
N HIS C 292 46.92 -14.36 8.60
CA HIS C 292 46.92 -13.01 8.04
C HIS C 292 46.61 -12.02 9.15
N SER C 293 46.59 -10.73 8.80
CA SER C 293 46.24 -9.71 9.78
C SER C 293 44.74 -9.72 10.05
N TRP C 294 44.33 -8.94 11.03
CA TRP C 294 42.93 -8.98 11.45
C TRP C 294 42.04 -8.23 10.47
N GLY C 295 42.61 -7.32 9.68
CA GLY C 295 41.82 -6.62 8.68
C GLY C 295 41.36 -7.53 7.57
N ARG C 296 42.25 -8.41 7.10
CA ARG C 296 41.90 -9.35 6.04
C ARG C 296 40.84 -10.33 6.51
N GLN C 297 41.01 -10.84 7.73
CA GLN C 297 40.06 -11.80 8.28
C GLN C 297 38.71 -11.16 8.53
N TYR C 298 38.70 -9.91 9.00
CA TYR C 298 37.44 -9.20 9.19
C TYR C 298 36.75 -8.93 7.85
N SER C 299 37.52 -8.62 6.81
CA SER C 299 36.92 -8.36 5.51
C SER C 299 36.27 -9.62 4.93
N HIS C 300 36.97 -10.75 5.00
CA HIS C 300 36.38 -11.99 4.49
C HIS C 300 35.20 -12.46 5.33
N ALA C 301 35.27 -12.27 6.66
CA ALA C 301 34.16 -12.69 7.50
C ALA C 301 32.93 -11.82 7.29
N LEU C 302 33.12 -10.52 7.11
CA LEU C 302 32.00 -9.64 6.84
C LEU C 302 31.42 -9.89 5.45
N PHE C 303 32.25 -10.27 4.47
CA PHE C 303 31.73 -10.65 3.17
C PHE C 303 30.89 -11.91 3.25
N LYS C 304 31.34 -12.90 4.03
CA LYS C 304 30.56 -14.12 4.21
C LYS C 304 29.23 -13.85 4.90
N ALA C 305 29.25 -12.99 5.92
CA ALA C 305 28.02 -12.65 6.64
C ALA C 305 27.05 -11.87 5.78
N MET C 306 27.56 -10.96 4.96
CA MET C 306 26.67 -10.19 4.09
C MET C 306 26.14 -11.04 2.94
N SER C 307 26.93 -12.01 2.49
CA SER C 307 26.43 -12.91 1.44
C SER C 307 25.37 -13.86 1.98
N HIS C 308 25.47 -14.26 3.26
CA HIS C 308 24.36 -15.03 3.82
C HIS C 308 23.15 -14.15 4.09
N MET C 309 23.38 -12.90 4.49
CA MET C 309 22.27 -12.03 4.87
C MET C 309 21.45 -11.57 3.67
N LEU C 310 22.08 -11.28 2.54
CA LEU C 310 21.36 -10.87 1.35
C LEU C 310 20.94 -12.02 0.46
N CYS C 311 21.04 -13.26 0.96
CA CYS C 311 20.58 -14.48 0.29
C CYS C 311 21.27 -14.71 -1.05
N ILE C 312 22.58 -14.93 -0.99
CA ILE C 312 23.41 -15.05 -2.18
C ILE C 312 23.78 -16.49 -2.49
N GLY C 313 24.53 -17.11 -1.60
CA GLY C 313 25.16 -18.38 -1.90
C GLY C 313 26.67 -18.21 -1.95
N TYR C 314 27.36 -18.69 -0.93
CA TYR C 314 28.72 -18.23 -0.68
C TYR C 314 29.82 -19.06 -1.32
N GLY C 315 29.94 -20.33 -0.92
CA GLY C 315 31.16 -21.06 -1.21
C GLY C 315 30.98 -22.06 -2.33
N GLN C 316 32.04 -22.85 -2.54
CA GLN C 316 31.96 -23.96 -3.49
C GLN C 316 31.09 -25.08 -2.93
N GLN C 317 31.48 -25.64 -1.79
CA GLN C 317 30.77 -26.75 -1.21
C GLN C 317 29.61 -26.27 -0.36
N ALA C 318 28.72 -27.19 -0.02
CA ALA C 318 27.83 -26.98 1.10
C ALA C 318 28.64 -27.03 2.40
N PRO C 319 28.20 -26.34 3.45
CA PRO C 319 28.93 -26.39 4.72
C PRO C 319 28.88 -27.78 5.34
N VAL C 320 29.93 -28.13 6.07
CA VAL C 320 30.14 -29.50 6.50
C VAL C 320 29.89 -29.64 8.00
N GLY C 321 30.51 -28.78 8.79
CA GLY C 321 30.39 -28.90 10.23
C GLY C 321 29.01 -28.46 10.70
N MET C 322 28.62 -28.95 11.88
CA MET C 322 27.30 -28.65 12.42
C MET C 322 27.13 -27.23 12.98
N PRO C 323 28.12 -26.58 13.62
CA PRO C 323 27.91 -25.17 13.93
C PRO C 323 27.90 -24.25 12.71
N ASP C 324 28.41 -24.68 11.56
CA ASP C 324 28.34 -23.85 10.37
C ASP C 324 26.92 -23.81 9.81
N VAL C 325 26.23 -24.95 9.81
CA VAL C 325 24.93 -25.06 9.16
C VAL C 325 23.89 -24.23 9.88
N TRP C 326 23.86 -24.31 11.21
CA TRP C 326 22.82 -23.61 11.95
C TRP C 326 23.05 -22.11 12.02
N LEU C 327 24.32 -21.67 12.10
CA LEU C 327 24.60 -20.24 11.98
C LEU C 327 24.24 -19.71 10.61
N THR C 328 24.50 -20.50 9.58
CA THR C 328 24.14 -20.13 8.22
C THR C 328 22.63 -19.95 8.08
N MET C 329 21.86 -20.90 8.60
CA MET C 329 20.40 -20.84 8.51
C MET C 329 19.84 -19.69 9.34
N LEU C 330 20.42 -19.44 10.51
CA LEU C 330 19.99 -18.34 11.35
C LEU C 330 20.22 -16.99 10.70
N SER C 331 21.40 -16.80 10.10
CA SER C 331 21.69 -15.55 9.42
C SER C 331 20.84 -15.36 8.17
N MET C 332 20.52 -16.46 7.47
CA MET C 332 19.62 -16.37 6.32
C MET C 332 18.22 -15.93 6.73
N ILE C 333 17.69 -16.48 7.83
CA ILE C 333 16.35 -16.10 8.28
C ILE C 333 16.30 -14.65 8.74
N VAL C 334 17.32 -14.22 9.50
CA VAL C 334 17.38 -12.84 9.98
C VAL C 334 17.50 -11.85 8.82
N GLY C 335 18.31 -12.20 7.82
CA GLY C 335 18.46 -11.32 6.67
C GLY C 335 17.22 -11.23 5.82
N ALA C 336 16.50 -12.35 5.67
CA ALA C 336 15.26 -12.34 4.90
C ALA C 336 14.19 -11.48 5.57
N THR C 337 14.06 -11.59 6.91
CA THR C 337 13.05 -10.80 7.59
C THR C 337 13.40 -9.31 7.59
N CYS C 338 14.69 -8.97 7.76
CA CYS C 338 15.09 -7.57 7.73
C CYS C 338 14.89 -6.96 6.34
N TYR C 339 15.15 -7.74 5.29
CA TYR C 339 14.97 -7.20 3.94
C TYR C 339 13.49 -7.05 3.60
N ALA C 340 12.64 -7.93 4.13
CA ALA C 340 11.20 -7.77 3.94
C ALA C 340 10.67 -6.52 4.63
N MET C 341 11.15 -6.25 5.86
CA MET C 341 10.71 -5.03 6.52
C MET C 341 11.28 -3.78 5.83
N PHE C 342 12.44 -3.90 5.20
CA PHE C 342 12.98 -2.76 4.47
C PHE C 342 12.15 -2.46 3.22
N ILE C 343 11.68 -3.50 2.52
CA ILE C 343 10.78 -3.31 1.39
C ILE C 343 9.47 -2.67 1.85
N GLY C 344 8.97 -3.08 3.01
CA GLY C 344 7.75 -2.50 3.55
C GLY C 344 7.89 -1.02 3.87
N HIS C 345 9.00 -0.64 4.50
CA HIS C 345 9.22 0.78 4.80
C HIS C 345 9.44 1.60 3.54
N ALA C 346 10.10 1.02 2.53
CA ALA C 346 10.30 1.75 1.27
C ALA C 346 8.99 1.99 0.55
N THR C 347 8.09 1.00 0.57
CA THR C 347 6.77 1.17 -0.04
C THR C 347 5.96 2.23 0.71
N ALA C 348 5.99 2.19 2.04
CA ALA C 348 5.26 3.18 2.83
C ALA C 348 5.82 4.58 2.67
N LEU C 349 7.12 4.70 2.38
CA LEU C 349 7.68 6.02 2.11
C LEU C 349 7.34 6.52 0.71
N ILE C 350 7.29 5.62 -0.28
CA ILE C 350 7.00 6.04 -1.64
C ILE C 350 5.53 6.45 -1.79
N GLN C 351 4.62 5.77 -1.08
CA GLN C 351 3.20 6.10 -1.23
C GLN C 351 2.80 7.42 -0.57
N SER C 352 3.72 8.13 0.08
CA SER C 352 3.40 9.40 0.73
C SER C 352 4.18 10.56 0.14
N LEU C 353 4.47 10.56 -1.15
CA LEU C 353 5.22 11.65 -1.75
C LEU C 353 4.35 12.61 -2.53
N ASP C 354 3.38 12.08 -3.27
CA ASP C 354 2.54 12.88 -4.17
C ASP C 354 1.07 12.53 -3.99
N SER C 355 0.61 12.55 -2.74
CA SER C 355 -0.77 12.20 -2.41
C SER C 355 -1.76 13.21 -2.98
N SER C 356 -1.37 14.48 -3.07
CA SER C 356 -2.25 15.49 -3.63
C SER C 356 -2.43 15.32 -5.13
N ARG C 357 -1.47 14.69 -5.79
CA ARG C 357 -1.60 14.37 -7.21
C ARG C 357 -2.24 13.02 -7.44
N ARG C 358 -2.54 12.27 -6.37
CA ARG C 358 -3.17 10.97 -6.45
C ARG C 358 -4.65 11.03 -6.11
N GLN C 359 -5.02 11.87 -5.15
CA GLN C 359 -6.42 12.04 -4.81
C GLN C 359 -7.20 12.71 -5.93
N TYR C 360 -6.56 13.63 -6.66
CA TYR C 360 -7.18 14.20 -7.85
C TYR C 360 -7.41 13.14 -8.91
N GLN C 361 -6.48 12.21 -9.06
CA GLN C 361 -6.62 11.14 -10.03
C GLN C 361 -7.79 10.23 -9.68
N GLU C 362 -7.91 9.89 -8.40
CA GLU C 362 -9.03 9.05 -7.96
C GLU C 362 -10.38 9.75 -8.12
N LYS C 363 -10.41 11.06 -7.81
CA LYS C 363 -11.64 11.82 -7.98
C LYS C 363 -12.04 11.91 -9.45
N TYR C 364 -11.07 12.06 -10.34
CA TYR C 364 -11.41 12.13 -11.76
C TYR C 364 -11.83 10.76 -12.31
N LYS C 365 -11.30 9.68 -11.74
CA LYS C 365 -11.82 8.34 -12.06
C LYS C 365 -13.30 8.24 -11.70
N GLN C 366 -13.67 8.75 -10.52
CA GLN C 366 -15.08 8.76 -10.14
C GLN C 366 -15.92 9.64 -11.06
N VAL C 367 -15.36 10.75 -11.53
CA VAL C 367 -16.10 11.65 -12.41
C VAL C 367 -16.36 10.99 -13.76
N GLU C 368 -15.35 10.36 -14.35
CA GLU C 368 -15.56 9.72 -15.64
C GLU C 368 -16.42 8.47 -15.50
N GLN C 369 -16.43 7.87 -14.31
CA GLN C 369 -17.39 6.80 -14.05
C GLN C 369 -18.83 7.33 -14.02
N TYR C 370 -19.03 8.51 -13.42
CA TYR C 370 -20.33 9.15 -13.47
C TYR C 370 -20.73 9.51 -14.90
N MET C 371 -19.74 9.87 -15.72
CA MET C 371 -20.01 10.11 -17.14
C MET C 371 -20.47 8.83 -17.82
N SER C 372 -19.83 7.70 -17.50
CA SER C 372 -20.15 6.46 -18.19
C SER C 372 -21.48 5.88 -17.72
N PHE C 373 -21.92 6.25 -16.51
CA PHE C 373 -23.17 5.69 -16.00
C PHE C 373 -24.38 6.27 -16.72
N HIS C 374 -24.29 7.50 -17.19
CA HIS C 374 -25.42 8.14 -17.84
C HIS C 374 -25.29 8.23 -19.35
N LYS C 375 -24.19 7.72 -19.91
CA LYS C 375 -23.93 7.64 -21.36
C LYS C 375 -23.97 9.02 -22.02
N LEU C 376 -23.02 9.86 -21.62
CA LEU C 376 -22.95 11.21 -22.13
C LEU C 376 -22.20 11.21 -23.47
N PRO C 377 -22.46 12.19 -24.34
CA PRO C 377 -21.70 12.29 -25.59
C PRO C 377 -20.25 12.70 -25.33
N ALA C 378 -19.43 12.56 -26.38
CA ALA C 378 -17.99 12.69 -26.22
C ALA C 378 -17.56 14.14 -26.05
N ASP C 379 -18.24 15.07 -26.74
CA ASP C 379 -17.91 16.49 -26.63
C ASP C 379 -18.20 17.02 -25.23
N THR C 380 -19.29 16.54 -24.61
CA THR C 380 -19.58 16.92 -23.23
C THR C 380 -18.55 16.35 -22.28
N ARG C 381 -18.06 15.14 -22.54
CA ARG C 381 -17.06 14.53 -21.66
C ARG C 381 -15.73 15.26 -21.73
N GLN C 382 -15.30 15.63 -22.94
CA GLN C 382 -14.05 16.40 -23.03
C GLN C 382 -14.24 17.82 -22.51
N ARG C 383 -15.48 18.34 -22.52
CA ARG C 383 -15.73 19.64 -21.92
C ARG C 383 -15.63 19.58 -20.39
N ILE C 384 -16.12 18.49 -19.79
CA ILE C 384 -15.94 18.29 -18.35
C ILE C 384 -14.45 18.13 -18.02
N HIS C 385 -13.71 17.44 -18.88
CA HIS C 385 -12.28 17.25 -18.67
C HIS C 385 -11.53 18.58 -18.70
N GLU C 386 -11.87 19.44 -19.66
CA GLU C 386 -11.26 20.77 -19.74
C GLU C 386 -11.64 21.63 -18.53
N TYR C 387 -12.90 21.50 -18.07
CA TYR C 387 -13.34 22.27 -16.91
C TYR C 387 -12.58 21.87 -15.65
N TYR C 388 -12.34 20.58 -15.44
CA TYR C 388 -11.61 20.19 -14.26
C TYR C 388 -10.12 20.51 -14.36
N GLU C 389 -9.57 20.46 -15.59
CA GLU C 389 -8.18 20.88 -15.77
C GLU C 389 -8.00 22.35 -15.45
N HIS C 390 -8.97 23.19 -15.82
CA HIS C 390 -8.80 24.61 -15.54
C HIS C 390 -9.51 25.06 -14.27
N ARG C 391 -10.07 24.13 -13.50
CA ARG C 391 -10.57 24.42 -12.16
C ARG C 391 -9.62 23.98 -11.06
N TYR C 392 -9.12 22.75 -11.11
CA TYR C 392 -8.30 22.24 -10.00
C TYR C 392 -6.82 22.15 -10.32
N GLN C 393 -6.45 22.17 -11.61
CA GLN C 393 -5.06 22.19 -12.09
C GLN C 393 -4.27 20.97 -11.59
N GLY C 394 -4.92 19.81 -11.66
CA GLY C 394 -4.28 18.56 -11.32
C GLY C 394 -3.95 18.41 -9.85
N LYS C 395 -4.85 18.86 -8.98
CA LYS C 395 -4.57 18.98 -7.56
C LYS C 395 -5.88 19.02 -6.78
N MET C 396 -5.92 18.29 -5.65
CA MET C 396 -7.14 18.14 -4.87
C MET C 396 -7.06 19.00 -3.62
N PHE C 397 -8.08 19.82 -3.40
CA PHE C 397 -8.24 20.61 -2.18
C PHE C 397 -9.70 21.01 -2.04
N ASP C 398 -10.13 21.24 -0.80
CA ASP C 398 -11.51 21.55 -0.49
C ASP C 398 -11.56 22.93 0.15
N GLU C 399 -11.95 23.94 -0.64
CA GLU C 399 -11.83 25.33 -0.20
C GLU C 399 -12.86 25.69 0.88
N GLU C 400 -13.88 24.86 1.05
CA GLU C 400 -14.88 25.15 2.08
C GLU C 400 -14.39 24.72 3.46
N SER C 401 -13.81 23.52 3.56
CA SER C 401 -13.40 23.00 4.86
C SER C 401 -12.14 23.70 5.37
N ILE C 402 -11.27 24.13 4.45
CA ILE C 402 -10.06 24.85 4.87
C ILE C 402 -10.42 26.21 5.44
N LEU C 403 -11.38 26.90 4.84
CA LEU C 403 -11.86 28.14 5.42
C LEU C 403 -12.72 27.87 6.64
N GLY C 404 -13.24 26.65 6.78
CA GLY C 404 -13.97 26.30 7.99
C GLY C 404 -13.06 26.11 9.18
N GLU C 405 -11.86 25.57 8.95
CA GLU C 405 -11.00 25.19 10.08
C GLU C 405 -10.27 26.39 10.67
N LEU C 406 -10.10 27.44 9.89
CA LEU C 406 -9.25 28.55 10.31
C LEU C 406 -9.98 29.49 11.27
N SER C 407 -9.22 30.40 11.87
CA SER C 407 -9.78 31.43 12.73
C SER C 407 -10.22 32.63 11.90
N GLU C 408 -10.96 33.53 12.54
CA GLU C 408 -11.65 34.59 11.80
C GLU C 408 -10.75 35.72 11.28
N PRO C 409 -9.85 36.35 12.07
CA PRO C 409 -9.08 37.46 11.48
C PRO C 409 -8.02 37.00 10.50
N LEU C 410 -7.58 35.75 10.62
CA LEU C 410 -6.68 35.20 9.62
C LEU C 410 -7.41 34.97 8.29
N ARG C 411 -8.68 34.57 8.35
CA ARG C 411 -9.50 34.55 7.14
C ARG C 411 -9.71 35.95 6.59
N GLU C 412 -9.83 36.95 7.49
CA GLU C 412 -9.92 38.34 7.04
C GLU C 412 -8.64 38.78 6.33
N GLU C 413 -7.49 38.27 6.78
CA GLU C 413 -6.22 38.57 6.12
C GLU C 413 -6.16 37.94 4.74
N ILE C 414 -6.60 36.69 4.62
CA ILE C 414 -6.58 36.00 3.31
C ILE C 414 -7.53 36.67 2.34
N ILE C 415 -8.71 37.08 2.82
CA ILE C 415 -9.67 37.78 1.97
C ILE C 415 -9.15 39.16 1.58
N ASN C 416 -8.49 39.86 2.51
CA ASN C 416 -7.95 41.18 2.19
C ASN C 416 -6.79 41.09 1.21
N PHE C 417 -6.10 39.95 1.16
CA PHE C 417 -5.11 39.79 0.10
C PHE C 417 -5.76 39.49 -1.24
N THR C 418 -6.64 38.47 -1.28
CA THR C 418 -7.17 38.03 -2.57
C THR C 418 -8.19 39.02 -3.13
N CYS C 419 -9.26 39.27 -2.38
CA CYS C 419 -10.28 40.24 -2.73
C CYS C 419 -9.86 41.60 -2.16
N ARG C 420 -10.84 42.51 -2.10
CA ARG C 420 -10.76 43.85 -1.49
C ARG C 420 -9.86 44.81 -2.26
N GLY C 421 -9.31 44.37 -3.39
CA GLY C 421 -8.74 45.26 -4.38
C GLY C 421 -9.58 45.41 -5.61
N LEU C 422 -10.50 44.47 -5.83
CA LEU C 422 -11.46 44.54 -6.92
C LEU C 422 -12.69 45.36 -6.57
N VAL C 423 -12.93 45.60 -5.28
CA VAL C 423 -14.04 46.45 -4.86
C VAL C 423 -13.48 47.82 -4.47
N ALA C 424 -12.29 48.14 -4.99
CA ALA C 424 -11.69 49.44 -4.74
C ALA C 424 -12.53 50.56 -5.36
N HIS C 425 -12.96 50.36 -6.60
CA HIS C 425 -13.94 51.27 -7.19
C HIS C 425 -15.33 50.93 -6.67
N MET C 426 -16.10 51.97 -6.36
CA MET C 426 -17.35 51.93 -5.59
C MET C 426 -17.14 51.18 -4.27
N ASP C 433 -17.65 53.04 5.39
CA ASP C 433 -17.63 52.01 6.42
C ASP C 433 -16.75 50.85 5.96
N PRO C 434 -15.59 50.70 6.59
CA PRO C 434 -14.72 49.56 6.25
C PRO C 434 -15.29 48.21 6.68
N SER C 435 -16.06 48.19 7.77
CA SER C 435 -16.65 46.94 8.24
C SER C 435 -17.70 46.42 7.27
N PHE C 436 -18.44 47.34 6.63
CA PHE C 436 -19.34 47.00 5.54
C PHE C 436 -18.58 46.34 4.39
N VAL C 437 -17.41 46.88 4.06
CA VAL C 437 -16.60 46.34 2.97
C VAL C 437 -16.08 44.95 3.33
N THR C 438 -15.68 44.75 4.59
CA THR C 438 -15.21 43.43 5.00
C THR C 438 -16.34 42.41 5.04
N ALA C 439 -17.55 42.83 5.40
CA ALA C 439 -18.69 41.92 5.40
C ALA C 439 -19.07 41.50 3.98
N VAL C 440 -19.07 42.47 3.05
CA VAL C 440 -19.32 42.16 1.64
C VAL C 440 -18.23 41.25 1.08
N LEU C 441 -16.98 41.48 1.51
CA LEU C 441 -15.87 40.66 1.02
C LEU C 441 -15.93 39.25 1.60
N THR C 442 -16.48 39.09 2.81
CA THR C 442 -16.69 37.74 3.33
C THR C 442 -17.88 37.07 2.67
N LYS C 443 -18.81 37.85 2.12
CA LYS C 443 -19.97 37.27 1.47
C LYS C 443 -19.73 36.90 -0.01
N LEU C 444 -18.49 36.65 -0.43
CA LEU C 444 -18.22 36.37 -1.83
C LEU C 444 -18.08 34.87 -2.09
N ARG C 445 -18.02 34.51 -3.38
CA ARG C 445 -17.89 33.13 -3.81
C ARG C 445 -17.05 33.08 -5.08
N PHE C 446 -16.33 31.98 -5.27
CA PHE C 446 -15.38 31.85 -6.37
C PHE C 446 -15.96 30.98 -7.49
N GLU C 447 -15.83 31.45 -8.74
CA GLU C 447 -16.40 30.77 -9.89
C GLU C 447 -15.42 30.76 -11.05
N VAL C 448 -15.47 29.69 -11.84
CA VAL C 448 -14.60 29.49 -13.01
C VAL C 448 -15.51 29.19 -14.19
N PHE C 449 -15.36 29.94 -15.28
CA PHE C 449 -16.17 29.75 -16.47
C PHE C 449 -15.32 29.33 -17.67
N GLN C 450 -15.94 29.30 -18.83
CA GLN C 450 -15.41 28.65 -20.01
C GLN C 450 -15.86 29.41 -21.26
N PRO C 451 -15.06 29.46 -22.32
CA PRO C 451 -15.45 30.23 -23.51
C PRO C 451 -16.62 29.60 -24.24
N GLY C 452 -17.51 30.46 -24.73
CA GLY C 452 -18.78 30.07 -25.30
C GLY C 452 -19.89 29.98 -24.27
N ASP C 453 -19.55 29.75 -23.01
CA ASP C 453 -20.52 29.57 -21.95
C ASP C 453 -20.94 30.96 -21.48
N LEU C 454 -22.02 31.48 -22.07
CA LEU C 454 -22.51 32.81 -21.74
C LEU C 454 -23.21 32.80 -20.39
N VAL C 455 -22.97 33.85 -19.60
CA VAL C 455 -23.61 33.99 -18.29
C VAL C 455 -24.21 35.38 -18.16
N VAL C 456 -25.45 35.52 -18.65
CA VAL C 456 -26.62 36.19 -18.09
C VAL C 456 -27.75 35.85 -19.04
N ARG C 457 -28.98 35.85 -18.55
CA ARG C 457 -30.14 35.77 -19.42
C ARG C 457 -30.82 37.13 -19.46
N GLU C 458 -31.29 37.52 -20.65
CA GLU C 458 -31.98 38.79 -20.79
C GLU C 458 -33.34 38.72 -20.12
N GLY C 459 -33.54 39.55 -19.11
CA GLY C 459 -34.77 39.56 -18.35
C GLY C 459 -34.72 38.66 -17.13
N LYS C 464 -28.01 38.90 -9.21
CA LYS C 464 -26.68 38.36 -8.96
C LYS C 464 -25.62 39.21 -9.67
N MET C 465 -24.64 39.68 -8.91
CA MET C 465 -23.63 40.60 -9.41
C MET C 465 -22.27 39.90 -9.45
N TYR C 466 -21.45 40.26 -10.42
CA TYR C 466 -20.16 39.61 -10.66
C TYR C 466 -19.01 40.59 -10.54
N PHE C 467 -17.81 40.04 -10.37
CA PHE C 467 -16.56 40.78 -10.50
C PHE C 467 -15.61 39.99 -11.37
N ILE C 468 -14.66 40.66 -11.98
CA ILE C 468 -13.76 40.04 -12.96
C ILE C 468 -12.35 40.05 -12.37
N GLN C 469 -11.74 38.86 -12.33
CA GLN C 469 -10.33 38.79 -11.95
C GLN C 469 -9.45 38.58 -13.17
N HIS C 470 -9.81 37.65 -14.05
CA HIS C 470 -9.04 37.41 -15.27
C HIS C 470 -10.00 37.21 -16.42
N GLY C 471 -9.42 36.89 -17.58
CA GLY C 471 -10.21 36.53 -18.75
C GLY C 471 -10.78 37.71 -19.50
N LEU C 472 -11.50 37.39 -20.57
CA LEU C 472 -12.16 38.36 -21.43
C LEU C 472 -13.65 38.08 -21.47
N LEU C 473 -14.45 39.14 -21.42
CA LEU C 473 -15.90 39.03 -21.46
C LEU C 473 -16.46 40.04 -22.43
N SER C 474 -17.31 39.56 -23.35
CA SER C 474 -17.91 40.41 -24.37
C SER C 474 -19.38 40.57 -24.07
N VAL C 475 -19.94 41.71 -24.49
CA VAL C 475 -21.36 41.98 -24.27
C VAL C 475 -22.08 42.09 -25.61
N LEU C 485 -15.13 43.31 -19.23
CA LEU C 485 -14.29 43.20 -20.43
C LEU C 485 -12.86 42.81 -20.06
N THR C 486 -12.13 43.76 -19.48
CA THR C 486 -10.77 43.51 -19.03
C THR C 486 -10.80 43.04 -17.58
N ASP C 487 -9.62 42.92 -16.97
CA ASP C 487 -9.54 42.46 -15.60
C ASP C 487 -9.99 43.54 -14.63
N GLY C 488 -11.16 43.31 -14.01
CA GLY C 488 -11.69 44.24 -13.03
C GLY C 488 -12.82 45.08 -13.58
N SER C 489 -14.05 44.64 -13.27
CA SER C 489 -15.29 45.30 -13.64
C SER C 489 -16.43 44.69 -12.82
N TYR C 490 -17.63 45.23 -12.95
CA TYR C 490 -18.76 44.63 -12.25
C TYR C 490 -20.03 44.81 -13.07
N PHE C 491 -21.06 44.05 -12.69
CA PHE C 491 -22.32 43.97 -13.42
C PHE C 491 -23.43 44.46 -12.49
N GLY C 492 -23.66 45.77 -12.47
CA GLY C 492 -24.54 46.41 -11.50
C GLY C 492 -26.00 46.11 -11.79
N GLU C 493 -26.69 45.62 -10.77
CA GLU C 493 -28.11 45.28 -10.89
C GLU C 493 -28.97 46.27 -10.09
N SER C 505 -26.81 40.12 -21.89
CA SER C 505 -26.10 39.15 -22.73
C SER C 505 -24.59 39.36 -22.65
N VAL C 506 -23.95 38.58 -21.78
CA VAL C 506 -22.51 38.67 -21.54
C VAL C 506 -21.90 37.30 -21.80
N ARG C 507 -20.95 37.26 -22.72
CA ARG C 507 -20.38 36.00 -23.18
C ARG C 507 -18.91 35.91 -22.80
N ALA C 508 -18.50 34.76 -22.28
CA ALA C 508 -17.10 34.54 -21.93
C ALA C 508 -16.31 34.19 -23.17
N ASP C 509 -15.22 34.91 -23.41
CA ASP C 509 -14.42 34.68 -24.61
C ASP C 509 -13.25 33.74 -24.31
N THR C 510 -12.78 33.72 -23.06
CA THR C 510 -11.70 32.83 -22.64
C THR C 510 -12.05 32.23 -21.29
N TYR C 511 -11.07 31.60 -20.67
CA TYR C 511 -11.16 31.12 -19.30
C TYR C 511 -11.23 32.30 -18.35
N CYS C 512 -12.28 32.37 -17.54
CA CYS C 512 -12.53 33.53 -16.69
C CYS C 512 -12.72 33.08 -15.25
N ARG C 513 -12.05 33.76 -14.33
CA ARG C 513 -12.25 33.57 -12.91
C ARG C 513 -13.05 34.75 -12.38
N LEU C 514 -14.23 34.47 -11.83
CA LEU C 514 -15.14 35.53 -11.44
C LEU C 514 -15.57 35.36 -9.99
N TYR C 515 -16.21 36.40 -9.46
CA TYR C 515 -16.73 36.42 -8.11
C TYR C 515 -18.24 36.68 -8.15
N SER C 516 -18.89 36.52 -7.00
CA SER C 516 -20.34 36.65 -6.92
C SER C 516 -20.75 37.00 -5.50
N LEU C 517 -21.80 37.81 -5.39
CA LEU C 517 -22.27 38.32 -4.10
C LEU C 517 -23.79 38.37 -3.95
N SER C 518 -24.52 37.42 -4.54
CA SER C 518 -25.97 37.42 -4.82
C SER C 518 -26.87 38.01 -3.74
N VAL C 519 -27.93 38.69 -4.18
CA VAL C 519 -28.54 39.83 -3.48
C VAL C 519 -29.06 39.53 -2.08
N ASP C 520 -29.27 38.25 -1.73
CA ASP C 520 -29.72 37.89 -0.38
C ASP C 520 -28.65 38.21 0.66
N HIS C 521 -27.40 37.83 0.36
CA HIS C 521 -26.29 38.15 1.25
C HIS C 521 -26.05 39.65 1.32
N PHE C 522 -26.25 40.35 0.21
CA PHE C 522 -26.10 41.80 0.19
C PHE C 522 -27.16 42.48 1.04
N ASN C 523 -28.38 41.94 1.03
CA ASN C 523 -29.44 42.48 1.88
C ASN C 523 -29.19 42.17 3.35
N ALA C 524 -28.59 41.01 3.63
CA ALA C 524 -28.22 40.69 5.00
C ALA C 524 -27.12 41.62 5.52
N VAL C 525 -26.16 41.97 4.66
CA VAL C 525 -25.11 42.90 5.06
C VAL C 525 -25.68 44.31 5.21
N LEU C 526 -26.67 44.68 4.39
CA LEU C 526 -27.36 45.95 4.58
C LEU C 526 -28.15 45.97 5.88
N GLU C 527 -28.71 44.84 6.27
CA GLU C 527 -29.32 44.71 7.59
C GLU C 527 -28.30 44.84 8.72
N GLU C 528 -27.09 44.34 8.51
CA GLU C 528 -26.02 44.51 9.49
C GLU C 528 -25.46 45.93 9.45
N GLY D 50 -24.41 -31.77 33.55
CA GLY D 50 -24.82 -32.00 32.18
C GLY D 50 -25.00 -30.72 31.38
N THR D 51 -24.71 -29.59 32.01
CA THR D 51 -24.83 -28.30 31.36
C THR D 51 -23.58 -27.89 30.60
N LEU D 52 -22.59 -28.77 30.47
CA LEU D 52 -21.38 -28.43 29.74
C LEU D 52 -21.59 -28.40 28.23
N LEU D 53 -22.67 -28.98 27.74
CA LEU D 53 -22.94 -28.97 26.31
C LEU D 53 -23.58 -27.67 25.85
N GLN D 54 -24.16 -26.92 26.75
CA GLN D 54 -24.88 -25.67 26.54
C GLN D 54 -23.95 -24.48 26.70
N PRO D 55 -24.17 -23.40 25.95
CA PRO D 55 -23.31 -22.22 26.11
C PRO D 55 -23.59 -21.49 27.41
N THR D 56 -22.52 -21.08 28.09
CA THR D 56 -22.64 -20.44 29.39
C THR D 56 -22.76 -18.92 29.20
N VAL D 57 -22.68 -18.19 30.30
CA VAL D 57 -22.79 -16.74 30.28
C VAL D 57 -21.40 -16.16 30.48
N ASN D 58 -20.81 -15.68 29.38
CA ASN D 58 -19.48 -15.07 29.43
C ASN D 58 -19.56 -13.66 28.89
N LYS D 59 -18.42 -13.00 28.73
CA LYS D 59 -18.40 -11.74 28.01
C LYS D 59 -18.70 -11.95 26.53
N PHE D 60 -18.21 -13.07 25.98
CA PHE D 60 -18.40 -13.36 24.57
C PHE D 60 -19.85 -13.69 24.27
N SER D 61 -20.50 -14.45 25.15
CA SER D 61 -21.90 -14.80 24.92
C SER D 61 -22.81 -13.58 25.01
N LEU D 62 -22.49 -12.65 25.92
CA LEU D 62 -23.26 -11.43 26.00
C LEU D 62 -22.98 -10.49 24.83
N ARG D 63 -21.76 -10.50 24.29
CA ARG D 63 -21.51 -9.68 23.10
C ARG D 63 -22.17 -10.26 21.87
N VAL D 64 -22.29 -11.59 21.78
CA VAL D 64 -22.89 -12.21 20.61
C VAL D 64 -24.40 -12.14 20.67
N PHE D 65 -24.99 -12.69 21.74
CA PHE D 65 -26.44 -12.87 21.72
C PHE D 65 -27.17 -11.66 22.29
N GLY D 66 -26.55 -10.93 23.21
CA GLY D 66 -27.19 -9.76 23.76
C GLY D 66 -27.31 -9.80 25.27
N SER D 67 -28.55 -9.85 25.77
CA SER D 67 -28.78 -9.87 27.20
C SER D 67 -28.76 -11.31 27.71
N HIS D 68 -29.16 -11.51 28.96
CA HIS D 68 -29.23 -12.85 29.51
C HIS D 68 -30.41 -13.64 28.94
N LYS D 69 -31.44 -12.93 28.47
CA LYS D 69 -32.63 -13.59 27.95
C LYS D 69 -32.34 -14.35 26.66
N ALA D 70 -31.53 -13.77 25.77
CA ALA D 70 -31.14 -14.46 24.54
C ALA D 70 -30.29 -15.67 24.83
N VAL D 71 -29.45 -15.60 25.87
CA VAL D 71 -28.63 -16.73 26.26
C VAL D 71 -29.48 -17.85 26.84
N GLU D 72 -30.51 -17.49 27.61
CA GLU D 72 -31.42 -18.51 28.14
C GLU D 72 -32.29 -19.10 27.04
N ILE D 73 -32.64 -18.31 26.02
CA ILE D 73 -33.35 -18.84 24.86
C ILE D 73 -32.47 -19.84 24.10
N GLU D 74 -31.17 -19.53 23.97
CA GLU D 74 -30.27 -20.46 23.31
C GLU D 74 -30.06 -21.74 24.12
N GLN D 75 -30.03 -21.61 25.45
CA GLN D 75 -29.91 -22.80 26.30
C GLN D 75 -31.15 -23.67 26.20
N GLU D 76 -32.33 -23.06 26.16
CA GLU D 76 -33.56 -23.81 25.97
C GLU D 76 -33.65 -24.39 24.57
N ARG D 77 -33.02 -23.74 23.59
CA ARG D 77 -33.00 -24.27 22.24
C ARG D 77 -32.10 -25.50 22.14
N VAL D 78 -30.97 -25.48 22.84
CA VAL D 78 -30.10 -26.64 22.88
C VAL D 78 -30.77 -27.78 23.64
N LYS D 79 -31.39 -27.48 24.77
CA LYS D 79 -32.08 -28.50 25.56
C LYS D 79 -33.39 -28.97 24.92
N SER D 80 -33.90 -28.27 23.91
CA SER D 80 -35.14 -28.63 23.26
C SER D 80 -34.97 -29.58 22.09
N ALA D 81 -33.86 -29.49 21.35
CA ALA D 81 -33.56 -30.51 20.36
C ALA D 81 -33.20 -31.80 21.08
N GLY D 82 -33.94 -32.87 20.78
CA GLY D 82 -33.86 -34.06 21.60
C GLY D 82 -32.69 -34.93 21.20
N ALA D 83 -31.57 -34.72 21.89
CA ALA D 83 -30.28 -35.35 21.62
C ALA D 83 -29.30 -34.98 22.72
N TRP D 84 -28.08 -35.53 22.65
CA TRP D 84 -26.95 -34.96 23.39
C TRP D 84 -26.19 -34.03 22.45
N ILE D 85 -26.91 -33.00 21.99
CA ILE D 85 -26.36 -32.07 21.01
C ILE D 85 -25.30 -31.20 21.68
N ILE D 86 -24.26 -30.87 20.93
CA ILE D 86 -23.10 -30.16 21.46
C ILE D 86 -23.07 -28.79 20.80
N HIS D 87 -23.25 -27.74 21.60
CA HIS D 87 -23.27 -26.39 21.04
C HIS D 87 -21.84 -25.92 20.80
N PRO D 88 -21.56 -25.28 19.66
CA PRO D 88 -20.17 -24.97 19.30
C PRO D 88 -19.55 -23.84 20.08
N TYR D 89 -20.27 -23.18 20.97
CA TYR D 89 -19.68 -22.19 21.84
C TYR D 89 -19.59 -22.63 23.29
N SER D 90 -19.88 -23.90 23.56
CA SER D 90 -19.87 -24.40 24.93
C SER D 90 -18.45 -24.65 25.41
N ASP D 91 -18.34 -25.07 26.67
CA ASP D 91 -17.02 -25.34 27.25
C ASP D 91 -16.45 -26.67 26.78
N PHE D 92 -17.32 -27.59 26.37
CA PHE D 92 -16.87 -28.93 26.02
C PHE D 92 -16.06 -28.93 24.72
N ARG D 93 -16.50 -28.15 23.73
CA ARG D 93 -15.74 -28.02 22.49
C ARG D 93 -14.41 -27.31 22.73
N PHE D 94 -14.38 -26.36 23.67
CA PHE D 94 -13.13 -25.69 24.00
C PHE D 94 -12.14 -26.65 24.63
N TYR D 95 -12.59 -27.42 25.63
CA TYR D 95 -11.70 -28.35 26.31
C TYR D 95 -11.30 -29.51 25.42
N TRP D 96 -12.14 -29.84 24.43
CA TRP D 96 -11.77 -30.90 23.48
C TRP D 96 -10.77 -30.41 22.45
N ASP D 97 -11.02 -29.23 21.88
CA ASP D 97 -10.14 -28.72 20.83
C ASP D 97 -8.81 -28.27 21.37
N LEU D 98 -8.73 -27.90 22.65
CA LEU D 98 -7.44 -27.60 23.25
C LEU D 98 -6.54 -28.83 23.30
N ILE D 99 -7.11 -30.01 23.51
CA ILE D 99 -6.32 -31.24 23.44
C ILE D 99 -6.01 -31.57 21.99
N MET D 100 -6.99 -31.39 21.10
CA MET D 100 -6.81 -31.82 19.71
C MET D 100 -5.78 -30.97 18.98
N LEU D 101 -5.65 -29.68 19.30
CA LEU D 101 -4.63 -28.86 18.65
C LEU D 101 -3.23 -29.27 19.06
N LEU D 102 -3.06 -29.66 20.32
CA LEU D 102 -1.76 -30.14 20.79
C LEU D 102 -1.39 -31.46 20.13
N LEU D 103 -2.36 -32.37 20.00
CA LEU D 103 -2.08 -33.64 19.30
C LEU D 103 -1.79 -33.41 17.82
N MET D 104 -2.44 -32.42 17.20
CA MET D 104 -2.19 -32.12 15.79
C MET D 104 -0.78 -31.58 15.58
N VAL D 105 -0.34 -30.65 16.45
CA VAL D 105 1.00 -30.11 16.31
C VAL D 105 2.05 -31.19 16.58
N GLY D 106 1.80 -32.04 17.58
CA GLY D 106 2.71 -33.14 17.86
C GLY D 106 2.84 -34.13 16.72
N ASN D 107 1.71 -34.52 16.12
CA ASN D 107 1.77 -35.46 14.99
C ASN D 107 2.41 -34.81 13.76
N LEU D 108 2.01 -33.59 13.42
CA LEU D 108 2.54 -32.95 12.23
C LEU D 108 4.00 -32.54 12.35
N ILE D 109 4.57 -32.53 13.54
CA ILE D 109 6.01 -32.38 13.67
C ILE D 109 6.73 -33.73 13.71
N VAL D 110 6.20 -34.70 14.46
CA VAL D 110 6.97 -35.92 14.71
C VAL D 110 6.90 -36.90 13.54
N LEU D 111 5.74 -37.05 12.90
CA LEU D 111 5.54 -38.14 11.94
C LEU D 111 6.43 -38.16 10.69
N PRO D 112 6.74 -37.05 10.01
CA PRO D 112 7.67 -37.18 8.87
C PRO D 112 9.08 -37.57 9.27
N VAL D 113 9.58 -37.03 10.39
CA VAL D 113 10.90 -37.39 10.89
C VAL D 113 10.93 -38.86 11.30
N GLY D 114 9.82 -39.34 11.89
CA GLY D 114 9.77 -40.73 12.27
C GLY D 114 9.63 -41.70 11.11
N ILE D 115 9.00 -41.27 10.02
CA ILE D 115 8.87 -42.16 8.88
C ILE D 115 10.15 -42.20 8.06
N THR D 116 10.71 -41.05 7.74
CA THR D 116 11.80 -41.01 6.76
C THR D 116 13.13 -41.48 7.34
N PHE D 117 13.58 -40.86 8.44
CA PHE D 117 14.96 -41.04 8.86
C PHE D 117 15.22 -42.35 9.59
N PHE D 118 14.26 -42.85 10.36
CA PHE D 118 14.49 -44.08 11.11
C PHE D 118 14.39 -45.29 10.20
N LYS D 119 15.09 -46.36 10.58
CA LYS D 119 15.16 -47.56 9.75
C LYS D 119 14.09 -48.58 10.13
N GLU D 120 14.11 -49.05 11.37
CA GLU D 120 13.16 -50.05 11.84
C GLU D 120 11.97 -49.36 12.48
N GLU D 121 10.79 -49.54 11.88
CA GLU D 121 9.56 -48.92 12.36
C GLU D 121 8.78 -49.81 13.30
N ASN D 122 9.40 -50.84 13.84
CA ASN D 122 8.72 -51.77 14.73
C ASN D 122 9.06 -51.54 16.20
N SER D 123 9.47 -50.33 16.57
CA SER D 123 9.70 -50.04 17.98
C SER D 123 8.36 -49.91 18.70
N PRO D 124 8.26 -50.35 19.95
CA PRO D 124 6.98 -50.29 20.69
C PRO D 124 6.42 -48.89 20.92
N PRO D 125 7.19 -47.85 21.34
CA PRO D 125 6.51 -46.57 21.62
C PRO D 125 5.99 -45.88 20.37
N TRP D 126 6.58 -46.18 19.21
CA TRP D 126 6.05 -45.67 17.95
C TRP D 126 4.67 -46.25 17.66
N ILE D 127 4.49 -47.54 17.91
CA ILE D 127 3.21 -48.19 17.68
C ILE D 127 2.17 -47.70 18.68
N VAL D 128 2.59 -47.50 19.93
CA VAL D 128 1.69 -46.95 20.96
C VAL D 128 1.25 -45.54 20.60
N PHE D 129 2.20 -44.73 20.11
CA PHE D 129 1.92 -43.35 19.70
C PHE D 129 0.93 -43.31 18.54
N ASN D 130 1.13 -44.17 17.54
CA ASN D 130 0.21 -44.22 16.40
C ASN D 130 -1.16 -44.72 16.80
N VAL D 131 -1.24 -45.69 17.72
CA VAL D 131 -2.53 -46.23 18.15
C VAL D 131 -3.32 -45.18 18.92
N LEU D 132 -2.64 -44.44 19.81
CA LEU D 132 -3.34 -43.42 20.59
C LEU D 132 -3.78 -42.25 19.70
N SER D 133 -2.94 -41.87 18.73
CA SER D 133 -3.33 -40.81 17.80
C SER D 133 -4.52 -41.24 16.95
N ASP D 134 -4.56 -42.49 16.50
CA ASP D 134 -5.70 -42.97 15.72
C ASP D 134 -6.97 -43.00 16.57
N THR D 135 -6.85 -43.34 17.85
CA THR D 135 -8.00 -43.37 18.74
C THR D 135 -8.59 -41.98 18.94
N PHE D 136 -7.75 -40.99 19.25
CA PHE D 136 -8.27 -39.63 19.47
C PHE D 136 -8.79 -39.02 18.18
N PHE D 137 -8.11 -39.23 17.05
CA PHE D 137 -8.64 -38.67 15.81
C PHE D 137 -9.81 -39.46 15.24
N LEU D 138 -10.15 -40.60 15.81
CA LEU D 138 -11.44 -41.22 15.48
C LEU D 138 -12.56 -40.69 16.37
N LEU D 139 -12.27 -40.50 17.66
CA LEU D 139 -13.27 -39.93 18.56
C LEU D 139 -13.62 -38.49 18.19
N ASP D 140 -12.67 -37.76 17.62
CA ASP D 140 -12.97 -36.40 17.17
C ASP D 140 -13.92 -36.42 15.97
N LEU D 141 -13.81 -37.44 15.12
CA LEU D 141 -14.77 -37.61 14.04
C LEU D 141 -16.16 -37.93 14.57
N VAL D 142 -16.21 -38.79 15.60
CA VAL D 142 -17.48 -39.15 16.22
C VAL D 142 -18.14 -37.92 16.85
N LEU D 143 -17.34 -37.04 17.45
CA LEU D 143 -17.91 -35.81 18.02
C LEU D 143 -18.22 -34.78 16.94
N ASN D 144 -17.53 -34.83 15.80
CA ASN D 144 -17.85 -33.92 14.70
C ASN D 144 -19.15 -34.31 14.03
N PHE D 145 -19.60 -35.54 14.23
CA PHE D 145 -20.98 -35.89 13.87
C PHE D 145 -22.01 -35.13 14.71
N ARG D 146 -21.62 -34.68 15.91
CA ARG D 146 -22.61 -34.23 16.88
C ARG D 146 -22.56 -32.73 17.14
N THR D 147 -21.56 -32.03 16.62
CA THR D 147 -21.38 -30.63 16.96
C THR D 147 -22.31 -29.73 16.14
N GLY D 148 -22.51 -28.51 16.62
CA GLY D 148 -23.26 -27.51 15.89
C GLY D 148 -22.37 -26.76 14.92
N ILE D 149 -23.02 -26.13 13.94
CA ILE D 149 -22.33 -25.51 12.81
C ILE D 149 -22.74 -24.05 12.72
N VAL D 150 -21.76 -23.15 12.86
CA VAL D 150 -22.00 -21.72 12.71
C VAL D 150 -21.97 -21.38 11.23
N VAL D 151 -23.05 -20.79 10.74
CA VAL D 151 -23.16 -20.43 9.33
C VAL D 151 -23.17 -18.92 9.16
N GLU D 156 -26.94 -20.34 14.28
CA GLU D 156 -26.26 -21.61 14.53
C GLU D 156 -27.22 -22.77 14.30
N ILE D 157 -26.89 -23.63 13.34
CA ILE D 157 -27.73 -24.78 12.99
C ILE D 157 -27.50 -25.84 14.07
N LEU D 158 -28.44 -25.96 15.00
CA LEU D 158 -28.36 -26.93 16.08
C LEU D 158 -29.30 -28.11 15.87
N LEU D 159 -29.93 -28.21 14.70
CA LEU D 159 -30.80 -29.34 14.39
C LEU D 159 -29.93 -30.57 14.16
N ALA D 160 -30.04 -31.56 15.05
CA ALA D 160 -29.10 -32.68 15.02
C ALA D 160 -29.32 -33.65 13.87
N PRO D 161 -30.49 -34.31 13.71
CA PRO D 161 -30.54 -35.45 12.80
C PRO D 161 -30.54 -35.10 11.32
N ARG D 162 -30.84 -33.87 10.94
CA ARG D 162 -31.03 -33.51 9.54
C ARG D 162 -29.97 -32.57 9.01
N ALA D 163 -29.77 -31.42 9.66
CA ALA D 163 -28.88 -30.41 9.11
C ALA D 163 -27.42 -30.79 9.26
N ILE D 164 -27.03 -31.25 10.46
CA ILE D 164 -25.61 -31.46 10.77
C ILE D 164 -25.05 -32.63 9.99
N ARG D 165 -25.82 -33.72 9.87
CA ARG D 165 -25.34 -34.90 9.16
C ARG D 165 -25.16 -34.64 7.68
N THR D 166 -26.14 -33.99 7.05
CA THR D 166 -26.03 -33.69 5.62
C THR D 166 -24.96 -32.66 5.33
N ARG D 167 -24.84 -31.63 6.18
CA ARG D 167 -23.80 -30.62 5.98
C ARG D 167 -22.41 -31.20 6.20
N TYR D 168 -22.27 -32.16 7.12
CA TYR D 168 -20.94 -32.73 7.35
C TYR D 168 -20.58 -33.75 6.28
N LEU D 169 -21.56 -34.53 5.81
CA LEU D 169 -21.29 -35.46 4.72
C LEU D 169 -21.06 -34.75 3.40
N ARG D 170 -21.62 -33.57 3.22
CA ARG D 170 -21.40 -32.84 1.97
C ARG D 170 -20.04 -32.17 1.89
N THR D 171 -19.53 -31.65 3.02
CA THR D 171 -18.38 -30.76 2.96
C THR D 171 -17.10 -31.48 3.35
N TRP D 172 -16.98 -32.02 4.57
CA TRP D 172 -15.69 -32.44 5.09
C TRP D 172 -15.72 -33.80 5.77
N PHE D 173 -16.42 -34.78 5.20
CA PHE D 173 -16.39 -36.11 5.80
C PHE D 173 -15.23 -36.93 5.26
N LEU D 174 -14.90 -36.75 3.98
CA LEU D 174 -13.97 -37.65 3.31
C LEU D 174 -12.55 -37.44 3.77
N VAL D 175 -12.13 -36.18 3.91
CA VAL D 175 -10.76 -35.87 4.31
C VAL D 175 -10.49 -36.30 5.75
N ASP D 176 -11.47 -36.08 6.63
CA ASP D 176 -11.32 -36.51 8.01
C ASP D 176 -11.37 -38.03 8.12
N LEU D 177 -12.14 -38.69 7.25
CA LEU D 177 -12.20 -40.15 7.26
C LEU D 177 -10.88 -40.76 6.80
N ILE D 178 -10.26 -40.17 5.78
CA ILE D 178 -8.96 -40.63 5.30
C ILE D 178 -7.89 -40.40 6.36
N SER D 179 -7.84 -39.19 6.92
CA SER D 179 -6.80 -38.87 7.89
C SER D 179 -7.03 -39.50 9.25
N SER D 180 -8.21 -40.08 9.50
CA SER D 180 -8.48 -40.65 10.82
C SER D 180 -7.86 -42.04 10.98
N ILE D 181 -8.30 -43.00 10.15
CA ILE D 181 -8.02 -44.41 10.38
C ILE D 181 -6.59 -44.76 9.98
N PRO D 182 -5.97 -45.76 10.62
CA PRO D 182 -4.66 -46.23 10.15
C PRO D 182 -4.77 -47.08 8.90
N VAL D 183 -4.33 -46.52 7.76
CA VAL D 183 -4.49 -47.20 6.48
C VAL D 183 -3.42 -48.27 6.29
N ASP D 184 -2.20 -47.98 6.77
CA ASP D 184 -1.05 -48.83 6.50
C ASP D 184 -1.15 -50.17 7.22
N TYR D 185 -1.70 -50.17 8.44
CA TYR D 185 -1.76 -51.39 9.23
C TYR D 185 -2.77 -52.38 8.65
N ILE D 186 -3.81 -51.87 7.98
CA ILE D 186 -4.76 -52.75 7.29
C ILE D 186 -4.08 -53.49 6.15
N PHE D 187 -3.27 -52.76 5.36
CA PHE D 187 -2.53 -53.39 4.26
C PHE D 187 -1.46 -54.32 4.80
N LEU D 188 -0.95 -54.04 6.00
CA LEU D 188 0.04 -54.94 6.59
C LEU D 188 -0.60 -56.23 7.08
N VAL D 189 -1.81 -56.14 7.64
CA VAL D 189 -2.52 -57.34 8.08
C VAL D 189 -2.98 -58.18 6.88
N VAL D 190 -3.46 -57.51 5.83
CA VAL D 190 -3.94 -58.24 4.65
C VAL D 190 -2.78 -58.88 3.89
N GLU D 191 -1.78 -58.09 3.55
CA GLU D 191 -0.61 -58.63 2.84
C GLU D 191 0.42 -59.17 3.83
N ARG D 205 10.39 -59.28 -2.71
CA ARG D 205 9.64 -58.07 -3.03
C ARG D 205 9.12 -57.40 -1.76
N ALA D 206 9.83 -57.61 -0.66
CA ALA D 206 9.42 -57.04 0.61
C ALA D 206 9.73 -55.55 0.69
N LEU D 207 10.77 -55.09 -0.01
CA LEU D 207 11.16 -53.68 0.06
C LEU D 207 10.13 -52.79 -0.61
N ARG D 208 9.53 -53.27 -1.70
CA ARG D 208 8.43 -52.54 -2.33
C ARG D 208 7.22 -52.46 -1.41
N ILE D 209 6.98 -53.51 -0.63
CA ILE D 209 5.90 -53.51 0.34
C ILE D 209 6.16 -52.51 1.45
N VAL D 210 7.41 -52.43 1.93
CA VAL D 210 7.77 -51.49 2.99
C VAL D 210 7.66 -50.05 2.49
N ARG D 211 8.13 -49.79 1.26
CA ARG D 211 8.01 -48.46 0.68
C ARG D 211 6.55 -48.08 0.44
N PHE D 212 5.73 -49.05 0.03
CA PHE D 212 4.31 -48.80 -0.19
C PHE D 212 3.59 -48.51 1.12
N THR D 213 3.98 -49.20 2.20
CA THR D 213 3.40 -48.89 3.51
C THR D 213 3.87 -47.55 4.04
N LYS D 214 5.09 -47.11 3.70
CA LYS D 214 5.51 -45.77 4.08
C LYS D 214 4.71 -44.70 3.36
N ILE D 215 4.47 -44.90 2.07
CA ILE D 215 3.66 -43.94 1.31
C ILE D 215 2.20 -43.96 1.80
N LEU D 216 1.70 -45.11 2.22
CA LEU D 216 0.35 -45.15 2.81
C LEU D 216 0.31 -44.50 4.19
N SER D 217 1.36 -44.66 4.98
CA SER D 217 1.41 -44.03 6.30
C SER D 217 1.62 -42.52 6.22
N LEU D 218 2.05 -42.00 5.07
CA LEU D 218 2.06 -40.55 4.88
C LEU D 218 0.66 -39.95 4.64
N LEU D 219 -0.42 -40.73 4.73
CA LEU D 219 -1.76 -40.15 4.64
C LEU D 219 -2.20 -39.50 5.94
N ARG D 220 -1.42 -39.60 7.01
CA ARG D 220 -1.73 -38.93 8.26
C ARG D 220 -1.64 -37.41 8.17
N LEU D 221 -1.00 -36.88 7.13
CA LEU D 221 -0.76 -35.45 7.01
C LEU D 221 -1.95 -34.69 6.45
N LEU D 222 -3.12 -35.31 6.34
CA LEU D 222 -4.34 -34.60 5.99
C LEU D 222 -5.08 -34.08 7.22
N ARG D 223 -4.41 -34.02 8.36
CA ARG D 223 -4.94 -33.38 9.55
C ARG D 223 -4.70 -31.88 9.56
N LEU D 224 -3.92 -31.39 8.59
CA LEU D 224 -3.71 -29.96 8.43
C LEU D 224 -5.01 -29.25 8.05
N SER D 225 -5.88 -29.92 7.30
CA SER D 225 -7.17 -29.32 6.94
C SER D 225 -8.09 -29.19 8.13
N ARG D 226 -7.87 -29.97 9.18
CA ARG D 226 -8.63 -29.81 10.41
C ARG D 226 -7.98 -28.78 11.32
N LEU D 227 -6.65 -28.74 11.34
CA LEU D 227 -5.93 -27.75 12.14
C LEU D 227 -6.24 -26.33 11.69
N ILE D 228 -6.28 -26.11 10.37
CA ILE D 228 -6.62 -24.79 9.82
C ILE D 228 -8.02 -24.38 10.22
N ARG D 229 -8.95 -25.33 10.20
CA ARG D 229 -10.35 -25.05 10.52
C ARG D 229 -10.51 -24.68 11.99
N TYR D 230 -9.91 -25.46 12.91
CA TYR D 230 -10.02 -25.14 14.33
C TYR D 230 -9.29 -23.86 14.71
N ILE D 231 -8.14 -23.59 14.10
CA ILE D 231 -7.43 -22.35 14.39
C ILE D 231 -8.23 -21.14 13.92
N HIS D 232 -8.83 -21.22 12.73
CA HIS D 232 -9.66 -20.11 12.26
C HIS D 232 -10.90 -19.92 13.10
N GLN D 233 -11.49 -21.00 13.61
CA GLN D 233 -12.66 -20.86 14.48
C GLN D 233 -12.30 -20.17 15.80
N TRP D 234 -11.22 -20.61 16.45
CA TRP D 234 -10.86 -20.00 17.74
C TRP D 234 -10.39 -18.55 17.57
N GLU D 235 -9.66 -18.25 16.50
CA GLU D 235 -9.17 -16.89 16.39
C GLU D 235 -10.26 -15.98 15.82
N GLU D 236 -11.30 -16.55 15.22
CA GLU D 236 -12.47 -15.74 14.92
C GLU D 236 -13.29 -15.48 16.17
N ILE D 237 -13.26 -16.39 17.14
CA ILE D 237 -13.88 -16.12 18.43
C ILE D 237 -13.10 -15.04 19.18
N PHE D 238 -11.77 -15.11 19.14
CA PHE D 238 -10.97 -14.28 20.04
C PHE D 238 -10.70 -12.88 19.47
N HIS D 239 -11.46 -12.45 18.47
CA HIS D 239 -11.43 -11.04 18.12
C HIS D 239 -12.44 -10.26 18.95
N MET D 240 -13.34 -10.97 19.63
CA MET D 240 -14.44 -10.29 20.28
C MET D 240 -14.25 -10.27 21.78
N THR D 241 -13.56 -11.27 22.33
CA THR D 241 -13.23 -11.25 23.75
C THR D 241 -12.13 -10.23 24.03
N TYR D 242 -11.19 -10.06 23.11
CA TYR D 242 -10.08 -9.13 23.28
C TYR D 242 -9.87 -8.37 22.00
N ASP D 243 -9.46 -7.10 22.12
CA ASP D 243 -9.13 -6.31 20.95
C ASP D 243 -7.75 -6.69 20.43
N LEU D 244 -7.69 -7.10 19.16
CA LEU D 244 -6.45 -7.56 18.58
C LEU D 244 -6.27 -6.91 17.21
N ALA D 245 -5.04 -6.52 16.90
CA ALA D 245 -4.74 -6.10 15.54
C ALA D 245 -4.82 -7.31 14.60
N SER D 246 -5.46 -7.10 13.46
CA SER D 246 -5.72 -8.20 12.55
C SER D 246 -4.45 -8.66 11.83
N ALA D 247 -3.57 -7.72 11.49
CA ALA D 247 -2.38 -8.02 10.72
C ALA D 247 -1.40 -8.88 11.51
N VAL D 248 -1.39 -8.73 12.83
CA VAL D 248 -0.53 -9.55 13.68
C VAL D 248 -0.96 -11.01 13.63
N VAL D 249 -2.28 -11.24 13.71
CA VAL D 249 -2.82 -12.59 13.66
C VAL D 249 -2.54 -13.23 12.30
N ARG D 250 -2.73 -12.45 11.22
CA ARG D 250 -2.48 -12.96 9.88
C ARG D 250 -1.01 -13.31 9.68
N ILE D 251 -0.11 -12.46 10.19
CA ILE D 251 1.30 -12.68 9.90
C ILE D 251 1.86 -13.82 10.74
N PHE D 252 1.34 -14.03 11.96
CA PHE D 252 1.82 -15.19 12.72
C PHE D 252 1.23 -16.49 12.18
N ASN D 253 0.01 -16.45 11.64
CA ASN D 253 -0.53 -17.63 10.94
C ASN D 253 0.33 -17.98 9.73
N LEU D 254 0.78 -16.98 8.98
CA LEU D 254 1.63 -17.23 7.82
C LEU D 254 3.00 -17.75 8.22
N ILE D 255 3.57 -17.24 9.32
CA ILE D 255 4.88 -17.70 9.80
C ILE D 255 4.81 -19.16 10.23
N GLY D 256 3.73 -19.54 10.91
CA GLY D 256 3.56 -20.94 11.27
C GLY D 256 3.43 -21.85 10.06
N MET D 257 2.69 -21.40 9.04
CA MET D 257 2.56 -22.19 7.81
C MET D 257 3.89 -22.34 7.07
N MET D 258 4.69 -21.26 7.03
CA MET D 258 5.98 -21.32 6.34
C MET D 258 6.96 -22.24 7.04
N LEU D 259 7.00 -22.20 8.38
CA LEU D 259 7.89 -23.09 9.12
C LEU D 259 7.48 -24.55 8.94
N LEU D 260 6.17 -24.82 8.90
CA LEU D 260 5.72 -26.20 8.71
C LEU D 260 6.06 -26.70 7.31
N LEU D 261 5.95 -25.84 6.30
CA LEU D 261 6.27 -26.27 4.94
C LEU D 261 7.77 -26.51 4.75
N CYS D 262 8.62 -25.70 5.39
CA CYS D 262 10.05 -25.93 5.31
C CYS D 262 10.44 -27.24 6.02
N HIS D 263 9.81 -27.52 7.16
CA HIS D 263 10.06 -28.77 7.87
C HIS D 263 9.61 -29.97 7.05
N TRP D 264 8.54 -29.84 6.27
CA TRP D 264 8.16 -30.94 5.41
C TRP D 264 9.07 -31.11 4.20
N ASP D 265 9.58 -30.02 3.64
CA ASP D 265 10.47 -30.14 2.48
C ASP D 265 11.79 -30.80 2.83
N GLY D 266 12.28 -30.57 4.06
CA GLY D 266 13.49 -31.29 4.50
C GLY D 266 13.32 -32.80 4.52
N CYS D 267 12.22 -33.26 5.13
CA CYS D 267 11.94 -34.69 5.21
C CYS D 267 11.66 -35.27 3.84
N LEU D 268 11.05 -34.48 2.94
CA LEU D 268 10.76 -34.97 1.60
C LEU D 268 12.04 -35.13 0.78
N GLN D 269 12.97 -34.19 0.92
CA GLN D 269 14.20 -34.25 0.14
C GLN D 269 15.19 -35.26 0.71
N PHE D 270 14.94 -35.76 1.92
CA PHE D 270 15.66 -36.98 2.29
C PHE D 270 14.87 -38.23 1.89
N LEU D 271 13.55 -38.12 1.81
CA LEU D 271 12.71 -39.29 1.57
C LEU D 271 12.84 -39.81 0.14
N VAL D 272 12.96 -38.91 -0.82
CA VAL D 272 13.00 -39.35 -2.22
C VAL D 272 14.28 -40.11 -2.58
N PRO D 273 15.51 -39.71 -2.15
CA PRO D 273 16.65 -40.62 -2.36
C PRO D 273 16.60 -41.88 -1.52
N MET D 274 15.84 -41.88 -0.43
CA MET D 274 15.70 -43.05 0.43
C MET D 274 14.98 -44.20 -0.26
N LEU D 275 13.94 -43.91 -1.02
CA LEU D 275 13.15 -44.96 -1.65
C LEU D 275 13.85 -45.59 -2.85
N GLN D 276 14.90 -44.97 -3.37
CA GLN D 276 15.62 -45.49 -4.53
C GLN D 276 16.89 -46.23 -4.14
N ASP D 277 17.04 -46.57 -2.86
CA ASP D 277 18.22 -47.28 -2.31
C ASP D 277 19.52 -46.52 -2.58
N PHE D 278 19.45 -45.17 -2.48
CA PHE D 278 20.56 -44.23 -2.57
C PHE D 278 21.40 -44.38 -3.84
N PRO D 279 20.93 -43.91 -4.99
CA PRO D 279 21.73 -43.95 -6.22
C PRO D 279 23.00 -43.12 -6.10
N PRO D 280 24.02 -43.38 -6.92
CA PRO D 280 25.27 -42.62 -6.78
C PRO D 280 25.19 -41.19 -7.31
N ASP D 281 24.05 -40.79 -7.90
CA ASP D 281 23.94 -39.45 -8.42
C ASP D 281 23.39 -38.47 -7.39
N CYS D 282 22.71 -38.98 -6.35
CA CYS D 282 22.04 -38.11 -5.40
C CYS D 282 23.04 -37.47 -4.46
N TRP D 283 22.59 -36.42 -3.76
CA TRP D 283 23.50 -35.62 -2.94
C TRP D 283 23.97 -36.38 -1.69
N VAL D 284 23.17 -37.34 -1.23
CA VAL D 284 23.53 -38.10 -0.03
C VAL D 284 24.74 -38.97 -0.30
N SER D 285 24.78 -39.63 -1.45
CA SER D 285 25.92 -40.45 -1.81
C SER D 285 27.14 -39.61 -2.18
N ILE D 286 26.92 -38.41 -2.71
CA ILE D 286 28.04 -37.55 -3.08
C ILE D 286 28.72 -37.01 -1.82
N ASN D 287 27.93 -36.54 -0.86
CA ASN D 287 28.50 -35.98 0.36
C ASN D 287 28.95 -37.03 1.36
N HIS D 288 28.81 -38.33 1.02
CA HIS D 288 29.28 -39.47 1.82
C HIS D 288 28.67 -39.46 3.22
N MET D 289 27.35 -39.37 3.27
CA MET D 289 26.64 -39.22 4.52
C MET D 289 25.48 -40.20 4.62
N VAL D 290 25.72 -41.45 4.22
CA VAL D 290 24.71 -42.48 4.39
C VAL D 290 24.71 -43.00 5.82
N ASN D 291 25.90 -43.19 6.40
CA ASN D 291 26.05 -43.88 7.67
C ASN D 291 26.31 -42.92 8.84
N HIS D 292 25.75 -41.72 8.80
CA HIS D 292 25.78 -40.86 9.97
C HIS D 292 24.50 -41.03 10.78
N SER D 293 24.39 -40.32 11.89
CA SER D 293 23.17 -40.37 12.68
C SER D 293 22.07 -39.56 12.00
N TRP D 294 20.87 -39.66 12.55
CA TRP D 294 19.72 -39.03 11.90
C TRP D 294 19.72 -37.53 12.11
N GLY D 295 20.40 -37.06 13.16
CA GLY D 295 20.48 -35.62 13.39
C GLY D 295 21.29 -34.90 12.33
N ARG D 296 22.41 -35.50 11.93
CA ARG D 296 23.26 -34.92 10.89
C ARG D 296 22.54 -34.89 9.55
N GLN D 297 21.86 -35.99 9.22
CA GLN D 297 21.14 -36.09 7.96
C GLN D 297 19.97 -35.13 7.93
N TYR D 298 19.27 -34.97 9.05
CA TYR D 298 18.18 -34.01 9.12
C TYR D 298 18.68 -32.59 9.00
N SER D 299 19.84 -32.29 9.58
CA SER D 299 20.39 -30.94 9.49
C SER D 299 20.78 -30.59 8.06
N HIS D 300 21.45 -31.51 7.36
CA HIS D 300 21.82 -31.22 5.97
C HIS D 300 20.60 -31.18 5.05
N ALA D 301 19.60 -32.03 5.29
CA ALA D 301 18.40 -32.02 4.45
C ALA D 301 17.59 -30.76 4.66
N LEU D 302 17.49 -30.28 5.91
CA LEU D 302 16.78 -29.04 6.18
C LEU D 302 17.53 -27.85 5.62
N PHE D 303 18.87 -27.88 5.63
CA PHE D 303 19.63 -26.82 5.01
C PHE D 303 19.41 -26.77 3.50
N LYS D 304 19.37 -27.94 2.86
CA LYS D 304 19.10 -27.99 1.42
C LYS D 304 17.71 -27.49 1.09
N ALA D 305 16.72 -27.86 1.90
CA ALA D 305 15.35 -27.41 1.66
C ALA D 305 15.20 -25.91 1.90
N MET D 306 15.86 -25.36 2.91
CA MET D 306 15.76 -23.94 3.15
C MET D 306 16.54 -23.14 2.12
N SER D 307 17.63 -23.70 1.58
CA SER D 307 18.35 -23.01 0.53
C SER D 307 17.58 -23.03 -0.78
N HIS D 308 16.79 -24.06 -1.04
CA HIS D 308 15.91 -23.99 -2.21
C HIS D 308 14.73 -23.06 -1.96
N MET D 309 14.23 -23.02 -0.74
CA MET D 309 13.04 -22.23 -0.45
C MET D 309 13.31 -20.73 -0.46
N LEU D 310 14.47 -20.29 0.03
CA LEU D 310 14.81 -18.87 0.04
C LEU D 310 15.55 -18.44 -1.21
N CYS D 311 15.57 -19.29 -2.25
CA CYS D 311 16.12 -18.98 -3.58
C CYS D 311 17.61 -18.63 -3.51
N ILE D 312 18.41 -19.63 -3.12
CA ILE D 312 19.84 -19.41 -2.89
C ILE D 312 20.68 -19.97 -4.02
N GLY D 313 20.65 -21.29 -4.20
CA GLY D 313 21.60 -21.97 -5.05
C GLY D 313 22.49 -22.85 -4.21
N TYR D 314 22.29 -24.16 -4.30
CA TYR D 314 22.79 -25.05 -3.26
C TYR D 314 24.16 -25.66 -3.53
N GLY D 315 24.27 -26.45 -4.58
CA GLY D 315 25.43 -27.32 -4.70
C GLY D 315 26.44 -26.84 -5.71
N GLN D 316 27.45 -27.68 -5.93
CA GLN D 316 28.41 -27.40 -7.00
C GLN D 316 27.77 -27.60 -8.36
N GLN D 317 27.33 -28.82 -8.64
CA GLN D 317 26.76 -29.14 -9.94
C GLN D 317 25.28 -28.76 -10.01
N ALA D 318 24.75 -28.73 -11.21
CA ALA D 318 23.32 -28.81 -11.39
C ALA D 318 22.85 -30.22 -11.01
N PRO D 319 21.60 -30.37 -10.56
CA PRO D 319 21.11 -31.73 -10.22
C PRO D 319 20.98 -32.60 -11.46
N VAL D 320 21.18 -33.90 -11.26
CA VAL D 320 21.35 -34.82 -12.38
C VAL D 320 20.11 -35.70 -12.55
N GLY D 321 19.66 -36.31 -11.47
CA GLY D 321 18.53 -37.23 -11.58
C GLY D 321 17.23 -36.48 -11.80
N MET D 322 16.26 -37.18 -12.36
CA MET D 322 14.97 -36.56 -12.66
C MET D 322 14.07 -36.30 -11.46
N PRO D 323 14.00 -37.14 -10.42
CA PRO D 323 13.26 -36.69 -9.23
C PRO D 323 13.91 -35.55 -8.48
N ASP D 324 15.20 -35.29 -8.67
CA ASP D 324 15.81 -34.14 -8.01
C ASP D 324 15.38 -32.82 -8.63
N VAL D 325 15.27 -32.78 -9.96
CA VAL D 325 15.01 -31.54 -10.67
C VAL D 325 13.60 -31.03 -10.38
N TRP D 326 12.61 -31.92 -10.41
CA TRP D 326 11.24 -31.48 -10.23
C TRP D 326 10.93 -31.13 -8.79
N LEU D 327 11.50 -31.85 -7.82
CA LEU D 327 11.37 -31.45 -6.42
C LEU D 327 12.03 -30.11 -6.17
N THR D 328 13.19 -29.88 -6.80
CA THR D 328 13.88 -28.61 -6.68
C THR D 328 13.02 -27.46 -7.21
N MET D 329 12.44 -27.65 -8.40
CA MET D 329 11.60 -26.61 -9.00
C MET D 329 10.33 -26.37 -8.20
N LEU D 330 9.74 -27.44 -7.66
CA LEU D 330 8.53 -27.31 -6.86
C LEU D 330 8.80 -26.53 -5.57
N SER D 331 9.91 -26.86 -4.89
CA SER D 331 10.24 -26.13 -3.67
C SER D 331 10.61 -24.68 -3.94
N MET D 332 11.24 -24.41 -5.08
CA MET D 332 11.55 -23.03 -5.46
C MET D 332 10.27 -22.21 -5.68
N ILE D 333 9.28 -22.79 -6.37
CA ILE D 333 8.04 -22.07 -6.63
C ILE D 333 7.26 -21.83 -5.33
N VAL D 334 7.18 -22.84 -4.46
CA VAL D 334 6.49 -22.69 -3.19
C VAL D 334 7.16 -21.64 -2.31
N GLY D 335 8.49 -21.64 -2.28
CA GLY D 335 9.20 -20.67 -1.47
C GLY D 335 9.06 -19.25 -1.99
N ALA D 336 9.05 -19.09 -3.31
CA ALA D 336 8.88 -17.76 -3.90
C ALA D 336 7.49 -17.20 -3.60
N THR D 337 6.45 -18.03 -3.70
CA THR D 337 5.10 -17.53 -3.42
C THR D 337 4.91 -17.22 -1.94
N CYS D 338 5.46 -18.04 -1.06
CA CYS D 338 5.35 -17.78 0.38
C CYS D 338 6.10 -16.51 0.77
N TYR D 339 7.26 -16.27 0.16
CA TYR D 339 8.01 -15.07 0.50
C TYR D 339 7.34 -13.82 -0.04
N ALA D 340 6.66 -13.93 -1.19
CA ALA D 340 5.90 -12.80 -1.71
C ALA D 340 4.72 -12.45 -0.81
N MET D 341 4.01 -13.47 -0.31
CA MET D 341 2.91 -13.19 0.61
C MET D 341 3.42 -12.65 1.95
N PHE D 342 4.64 -13.04 2.35
CA PHE D 342 5.21 -12.49 3.57
C PHE D 342 5.56 -11.02 3.41
N ILE D 343 6.08 -10.64 2.25
CA ILE D 343 6.33 -9.21 1.97
C ILE D 343 5.03 -8.43 1.96
N GLY D 344 3.97 -9.02 1.41
CA GLY D 344 2.66 -8.35 1.40
C GLY D 344 2.10 -8.13 2.79
N HIS D 345 2.19 -9.13 3.66
CA HIS D 345 1.72 -8.96 5.04
C HIS D 345 2.57 -7.98 5.82
N ALA D 346 3.89 -7.95 5.55
CA ALA D 346 4.75 -7.00 6.25
C ALA D 346 4.43 -5.56 5.84
N THR D 347 4.14 -5.34 4.55
CA THR D 347 3.75 -4.02 4.09
C THR D 347 2.42 -3.58 4.69
N ALA D 348 1.45 -4.51 4.72
CA ALA D 348 0.14 -4.18 5.29
C ALA D 348 0.22 -3.95 6.80
N LEU D 349 1.19 -4.56 7.48
CA LEU D 349 1.36 -4.26 8.90
C LEU D 349 2.07 -2.93 9.13
N ILE D 350 3.03 -2.57 8.27
CA ILE D 350 3.76 -1.33 8.46
C ILE D 350 2.87 -0.13 8.16
N GLN D 351 1.98 -0.24 7.17
CA GLN D 351 1.14 0.91 6.82
C GLN D 351 0.05 1.22 7.83
N SER D 352 -0.09 0.44 8.90
CA SER D 352 -1.10 0.69 9.91
C SER D 352 -0.53 0.98 11.28
N LEU D 353 0.63 1.65 11.36
CA LEU D 353 1.23 1.94 12.65
C LEU D 353 1.02 3.39 13.07
N ASP D 354 1.15 4.33 12.14
CA ASP D 354 1.09 5.74 12.43
C ASP D 354 0.17 6.47 11.46
N SER D 355 -1.05 5.94 11.32
CA SER D 355 -2.02 6.51 10.40
C SER D 355 -2.49 7.91 10.82
N SER D 356 -2.53 8.17 12.12
CA SER D 356 -2.92 9.49 12.60
C SER D 356 -1.86 10.53 12.32
N ARG D 357 -0.60 10.11 12.16
CA ARG D 357 0.46 11.01 11.76
C ARG D 357 0.63 11.10 10.26
N ARG D 358 -0.15 10.32 9.51
CA ARG D 358 -0.12 10.31 8.06
C ARG D 358 -1.28 11.08 7.44
N GLN D 359 -2.45 11.00 8.08
CA GLN D 359 -3.60 11.75 7.59
C GLN D 359 -3.42 13.25 7.80
N TYR D 360 -2.73 13.64 8.88
CA TYR D 360 -2.38 15.04 9.06
C TYR D 360 -1.43 15.52 7.96
N GLN D 361 -0.50 14.66 7.56
CA GLN D 361 0.44 15.01 6.50
C GLN D 361 -0.27 15.21 5.18
N GLU D 362 -1.22 14.32 4.86
CA GLU D 362 -1.99 14.45 3.63
C GLU D 362 -2.88 15.70 3.64
N LYS D 363 -3.48 15.99 4.80
CA LYS D 363 -4.31 17.20 4.90
C LYS D 363 -3.47 18.45 4.76
N TYR D 364 -2.25 18.47 5.30
CA TYR D 364 -1.43 19.66 5.14
C TYR D 364 -0.89 19.79 3.72
N LYS D 365 -0.70 18.68 3.01
CA LYS D 365 -0.41 18.75 1.58
C LYS D 365 -1.54 19.44 0.82
N GLN D 366 -2.79 19.09 1.16
CA GLN D 366 -3.93 19.76 0.54
C GLN D 366 -3.99 21.24 0.90
N VAL D 367 -3.59 21.59 2.13
CA VAL D 367 -3.63 22.99 2.56
C VAL D 367 -2.60 23.82 1.81
N GLU D 368 -1.38 23.31 1.68
CA GLU D 368 -0.36 24.07 0.97
C GLU D 368 -0.63 24.08 -0.53
N GLN D 369 -1.36 23.09 -1.03
CA GLN D 369 -1.85 23.16 -2.40
C GLN D 369 -2.88 24.27 -2.59
N TYR D 370 -3.77 24.44 -1.61
CA TYR D 370 -4.71 25.56 -1.62
C TYR D 370 -3.98 26.89 -1.53
N MET D 371 -2.86 26.92 -0.80
CA MET D 371 -2.02 28.12 -0.77
C MET D 371 -1.43 28.41 -2.14
N SER D 372 -0.98 27.37 -2.84
CA SER D 372 -0.32 27.58 -4.12
C SER D 372 -1.32 27.94 -5.22
N PHE D 373 -2.59 27.56 -5.04
CA PHE D 373 -3.57 27.84 -6.09
C PHE D 373 -3.92 29.32 -6.16
N HIS D 374 -3.85 30.01 -5.03
CA HIS D 374 -4.23 31.43 -5.00
C HIS D 374 -3.03 32.37 -4.92
N LYS D 375 -1.81 31.82 -4.90
CA LYS D 375 -0.55 32.58 -4.91
C LYS D 375 -0.45 33.55 -3.72
N LEU D 376 -0.41 32.97 -2.53
CA LEU D 376 -0.35 33.76 -1.32
C LEU D 376 1.10 34.15 -1.02
N PRO D 377 1.33 35.25 -0.30
CA PRO D 377 2.69 35.61 0.09
C PRO D 377 3.27 34.64 1.11
N ALA D 378 4.58 34.74 1.31
CA ALA D 378 5.29 33.73 2.10
C ALA D 378 5.02 33.87 3.59
N ASP D 379 4.88 35.11 4.08
CA ASP D 379 4.60 35.33 5.49
C ASP D 379 3.23 34.79 5.89
N THR D 380 2.24 34.92 4.99
CA THR D 380 0.93 34.34 5.25
C THR D 380 0.99 32.83 5.25
N ARG D 381 1.83 32.23 4.38
CA ARG D 381 1.92 30.78 4.33
C ARG D 381 2.58 30.22 5.58
N GLN D 382 3.65 30.86 6.07
CA GLN D 382 4.25 30.39 7.30
C GLN D 382 3.36 30.68 8.51
N ARG D 383 2.49 31.69 8.40
CA ARG D 383 1.54 31.93 9.48
C ARG D 383 0.46 30.84 9.52
N ILE D 384 0.00 30.36 8.36
CA ILE D 384 -0.90 29.21 8.31
C ILE D 384 -0.22 27.97 8.86
N HIS D 385 1.07 27.80 8.55
CA HIS D 385 1.83 26.65 9.04
C HIS D 385 1.94 26.67 10.56
N GLU D 386 2.22 27.83 11.15
CA GLU D 386 2.27 27.97 12.60
C GLU D 386 0.91 27.74 13.22
N TYR D 387 -0.16 28.21 12.57
CA TYR D 387 -1.51 28.01 13.08
C TYR D 387 -1.89 26.54 13.14
N TYR D 388 -1.54 25.77 12.10
CA TYR D 388 -1.88 24.35 12.13
C TYR D 388 -0.99 23.57 13.08
N GLU D 389 0.27 24.00 13.25
CA GLU D 389 1.13 23.37 14.24
C GLU D 389 0.58 23.57 15.66
N HIS D 390 0.06 24.75 15.94
CA HIS D 390 -0.44 24.98 17.29
C HIS D 390 -1.94 24.76 17.42
N ARG D 391 -2.60 24.28 16.37
CA ARG D 391 -3.98 23.84 16.45
C ARG D 391 -4.12 22.32 16.54
N TYR D 392 -3.44 21.57 15.66
CA TYR D 392 -3.64 20.13 15.63
C TYR D 392 -2.48 19.33 16.20
N GLN D 393 -1.30 19.94 16.34
CA GLN D 393 -0.11 19.36 16.96
C GLN D 393 0.33 18.07 16.26
N GLY D 394 0.31 18.12 14.93
CA GLY D 394 0.78 17.02 14.12
C GLY D 394 -0.08 15.77 14.19
N LYS D 395 -1.40 15.96 14.22
CA LYS D 395 -2.33 14.87 14.50
C LYS D 395 -3.70 15.22 13.98
N MET D 396 -4.38 14.25 13.36
CA MET D 396 -5.66 14.49 12.70
C MET D 396 -6.78 13.91 13.55
N PHE D 397 -7.79 14.74 13.82
CA PHE D 397 -9.01 14.32 14.50
C PHE D 397 -10.11 15.33 14.20
N ASP D 398 -11.36 14.87 14.26
CA ASP D 398 -12.52 15.70 13.93
C ASP D 398 -13.41 15.81 15.16
N GLU D 399 -13.32 16.95 15.85
CA GLU D 399 -13.97 17.08 17.15
C GLU D 399 -15.48 17.16 17.05
N GLU D 400 -16.01 17.43 15.85
CA GLU D 400 -17.46 17.51 15.69
C GLU D 400 -18.07 16.12 15.59
N SER D 401 -17.47 15.23 14.80
CA SER D 401 -18.06 13.93 14.57
C SER D 401 -17.88 13.02 15.77
N ILE D 402 -16.79 13.20 16.53
CA ILE D 402 -16.56 12.39 17.72
C ILE D 402 -17.58 12.74 18.79
N LEU D 403 -17.88 14.03 18.95
CA LEU D 403 -18.97 14.41 19.86
C LEU D 403 -20.33 14.07 19.27
N GLY D 404 -20.40 13.88 17.96
CA GLY D 404 -21.65 13.43 17.37
C GLY D 404 -21.94 11.97 17.66
N GLU D 405 -20.91 11.14 17.71
CA GLU D 405 -21.13 9.70 17.80
C GLU D 405 -21.46 9.26 19.22
N LEU D 406 -21.05 10.04 20.22
CA LEU D 406 -21.16 9.61 21.60
C LEU D 406 -22.57 9.80 22.15
N SER D 407 -22.83 9.23 23.32
CA SER D 407 -24.08 9.40 24.02
C SER D 407 -24.06 10.68 24.85
N GLU D 408 -25.23 11.07 25.34
CA GLU D 408 -25.39 12.39 25.95
C GLU D 408 -24.76 12.54 27.34
N PRO D 409 -24.99 11.67 28.34
CA PRO D 409 -24.39 11.95 29.66
C PRO D 409 -22.88 11.74 29.69
N LEU D 410 -22.37 10.93 28.79
CA LEU D 410 -20.92 10.80 28.66
C LEU D 410 -20.30 12.07 28.08
N ARG D 411 -20.99 12.72 27.15
CA ARG D 411 -20.58 14.05 26.71
C ARG D 411 -20.69 15.06 27.85
N GLU D 412 -21.70 14.91 28.71
CA GLU D 412 -21.80 15.76 29.88
C GLU D 412 -20.62 15.56 30.83
N GLU D 413 -20.13 14.32 30.92
CA GLU D 413 -18.95 14.04 31.74
C GLU D 413 -17.70 14.68 31.15
N ILE D 414 -17.53 14.59 29.83
CA ILE D 414 -16.35 15.18 29.18
C ILE D 414 -16.39 16.71 29.31
N ILE D 415 -17.56 17.30 29.15
CA ILE D 415 -17.70 18.75 29.30
C ILE D 415 -17.48 19.17 30.75
N ASN D 416 -17.97 18.38 31.71
CA ASN D 416 -17.76 18.71 33.12
C ASN D 416 -16.30 18.56 33.54
N PHE D 417 -15.54 17.73 32.83
CA PHE D 417 -14.10 17.72 33.09
C PHE D 417 -13.41 18.92 32.47
N THR D 418 -13.62 19.17 31.17
CA THR D 418 -12.86 20.20 30.49
C THR D 418 -13.33 21.60 30.88
N CYS D 419 -14.61 21.90 30.66
CA CYS D 419 -15.22 23.15 31.05
C CYS D 419 -15.76 22.99 32.46
N ARG D 420 -16.65 23.93 32.83
CA ARG D 420 -17.42 23.96 34.08
C ARG D 420 -16.57 24.22 35.31
N GLY D 421 -15.27 24.46 35.13
CA GLY D 421 -14.44 25.05 36.14
C GLY D 421 -14.06 26.47 35.84
N LEU D 422 -14.19 26.87 34.58
CA LEU D 422 -13.97 28.25 34.17
C LEU D 422 -15.19 29.13 34.35
N VAL D 423 -16.37 28.53 34.51
CA VAL D 423 -17.59 29.28 34.77
C VAL D 423 -17.93 29.15 36.26
N ALA D 424 -16.92 28.84 37.07
CA ALA D 424 -17.09 28.76 38.51
C ALA D 424 -17.43 30.12 39.10
N HIS D 425 -16.71 31.15 38.68
CA HIS D 425 -17.11 32.51 39.02
C HIS D 425 -18.24 32.96 38.11
N MET D 426 -19.23 33.64 38.70
CA MET D 426 -20.55 33.93 38.12
C MET D 426 -21.20 32.66 37.60
N ASP D 433 -29.26 27.27 39.42
CA ASP D 433 -29.73 26.21 38.54
C ASP D 433 -28.54 25.51 37.88
N PRO D 434 -28.27 24.27 38.30
CA PRO D 434 -27.18 23.52 37.66
C PRO D 434 -27.48 23.12 36.23
N SER D 435 -28.75 22.89 35.90
CA SER D 435 -29.12 22.52 34.54
C SER D 435 -28.88 23.67 33.57
N PHE D 436 -29.10 24.90 34.02
CA PHE D 436 -28.72 26.09 33.27
C PHE D 436 -27.23 26.11 32.98
N VAL D 437 -26.42 25.76 33.98
CA VAL D 437 -24.97 25.75 33.83
C VAL D 437 -24.55 24.67 32.84
N THR D 438 -25.19 23.51 32.88
CA THR D 438 -24.86 22.44 31.94
C THR D 438 -25.29 22.79 30.52
N ALA D 439 -26.40 23.49 30.36
CA ALA D 439 -26.84 23.90 29.03
C ALA D 439 -25.89 24.95 28.43
N VAL D 440 -25.46 25.92 29.26
CA VAL D 440 -24.47 26.90 28.82
C VAL D 440 -23.14 26.22 28.48
N LEU D 441 -22.77 25.20 29.27
CA LEU D 441 -21.52 24.49 29.01
C LEU D 441 -21.59 23.64 27.76
N THR D 442 -22.78 23.15 27.41
CA THR D 442 -22.94 22.45 26.13
C THR D 442 -22.98 23.42 24.97
N LYS D 443 -23.33 24.68 25.23
CA LYS D 443 -23.39 25.66 24.15
C LYS D 443 -22.05 26.35 23.87
N LEU D 444 -20.92 25.72 24.21
CA LEU D 444 -19.61 26.36 24.03
C LEU D 444 -18.93 25.90 22.75
N ARG D 445 -17.83 26.58 22.40
CA ARG D 445 -17.04 26.29 21.21
C ARG D 445 -15.57 26.55 21.50
N PHE D 446 -14.69 25.81 20.84
CA PHE D 446 -13.25 25.86 21.11
C PHE D 446 -12.53 26.67 20.03
N GLU D 447 -11.65 27.58 20.46
CA GLU D 447 -10.95 28.47 19.54
C GLU D 447 -9.48 28.58 19.94
N VAL D 448 -8.62 28.76 18.93
CA VAL D 448 -7.18 28.88 19.11
C VAL D 448 -6.75 30.15 18.39
N PHE D 449 -6.04 31.03 19.07
CA PHE D 449 -5.60 32.30 18.48
C PHE D 449 -4.07 32.37 18.46
N GLN D 450 -3.56 33.54 18.10
CA GLN D 450 -2.18 33.73 17.71
C GLN D 450 -1.73 35.14 18.14
N PRO D 451 -0.46 35.32 18.50
CA PRO D 451 -0.01 36.64 18.97
C PRO D 451 0.00 37.68 17.86
N GLY D 452 -0.40 38.90 18.20
CA GLY D 452 -0.64 39.96 17.24
C GLY D 452 -2.06 39.98 16.71
N ASP D 453 -2.72 38.83 16.71
CA ASP D 453 -4.07 38.70 16.14
C ASP D 453 -5.05 39.18 17.21
N LEU D 454 -5.39 40.46 17.15
CA LEU D 454 -6.30 41.05 18.13
C LEU D 454 -7.74 40.60 17.86
N VAL D 455 -8.47 40.31 18.93
CA VAL D 455 -9.87 39.92 18.83
C VAL D 455 -10.72 40.74 19.80
N VAL D 456 -11.13 41.92 19.34
CA VAL D 456 -12.45 42.56 19.43
C VAL D 456 -12.32 43.81 18.57
N ARG D 457 -13.44 44.30 18.03
CA ARG D 457 -13.45 45.61 17.40
C ARG D 457 -14.21 46.57 18.31
N GLU D 458 -13.71 47.80 18.38
CA GLU D 458 -14.37 48.81 19.20
C GLU D 458 -15.67 49.25 18.55
N GLY D 459 -16.78 48.99 19.24
CA GLY D 459 -18.09 49.31 18.71
C GLY D 459 -18.72 48.14 17.98
N LYS D 464 -20.68 38.59 21.54
CA LYS D 464 -19.92 37.36 21.68
C LYS D 464 -18.98 37.44 22.89
N MET D 465 -19.09 36.47 23.78
CA MET D 465 -18.36 36.46 25.04
C MET D 465 -17.32 35.35 25.02
N TYR D 466 -16.19 35.58 25.69
CA TYR D 466 -15.06 34.66 25.68
C TYR D 466 -14.73 34.18 27.08
N PHE D 467 -13.98 33.08 27.15
CA PHE D 467 -13.33 32.61 28.37
C PHE D 467 -11.88 32.27 28.05
N ILE D 468 -11.03 32.30 29.07
CA ILE D 468 -9.60 32.13 28.88
C ILE D 468 -9.20 30.82 29.55
N GLN D 469 -8.53 29.95 28.77
CA GLN D 469 -7.94 28.76 29.36
C GLN D 469 -6.44 28.89 29.53
N HIS D 470 -5.74 29.39 28.50
CA HIS D 470 -4.31 29.59 28.59
C HIS D 470 -3.95 30.93 27.93
N GLY D 471 -2.65 31.20 27.86
CA GLY D 471 -2.15 32.35 27.14
C GLY D 471 -2.26 33.65 27.90
N LEU D 472 -1.81 34.71 27.24
CA LEU D 472 -1.82 36.06 27.78
C LEU D 472 -2.62 36.97 26.85
N LEU D 473 -3.43 37.85 27.43
CA LEU D 473 -4.24 38.78 26.68
C LEU D 473 -4.12 40.17 27.29
N SER D 474 -3.81 41.15 26.45
CA SER D 474 -3.64 42.53 26.89
C SER D 474 -4.80 43.36 26.37
N VAL D 475 -5.14 44.41 27.11
CA VAL D 475 -6.23 45.30 26.72
C VAL D 475 -5.69 46.69 26.44
N LEU D 485 -6.61 38.37 30.93
CA LEU D 485 -5.19 38.56 31.16
C LEU D 485 -4.51 37.23 31.48
N THR D 486 -4.75 36.72 32.68
CA THR D 486 -4.19 35.43 33.08
C THR D 486 -5.17 34.32 32.71
N ASP D 487 -4.88 33.11 33.16
CA ASP D 487 -5.74 31.97 32.84
C ASP D 487 -7.03 32.02 33.64
N GLY D 488 -8.13 32.31 32.94
CA GLY D 488 -9.45 32.35 33.55
C GLY D 488 -9.95 33.76 33.77
N SER D 489 -10.79 34.19 32.83
CA SER D 489 -11.46 35.49 32.85
C SER D 489 -12.58 35.48 31.82
N TYR D 490 -13.36 36.56 31.74
CA TYR D 490 -14.40 36.61 30.73
C TYR D 490 -14.60 38.05 30.27
N PHE D 491 -15.29 38.20 29.15
CA PHE D 491 -15.49 39.48 28.48
C PHE D 491 -16.99 39.77 28.44
N GLY D 492 -17.50 40.38 29.51
CA GLY D 492 -18.93 40.56 29.72
C GLY D 492 -19.52 41.60 28.77
N GLU D 493 -20.56 41.20 28.07
CA GLU D 493 -21.23 42.09 27.13
C GLU D 493 -22.62 42.48 27.63
N SER D 505 -10.78 46.62 22.69
CA SER D 505 -9.47 46.37 22.12
C SER D 505 -8.67 45.40 22.99
N VAL D 506 -8.72 44.12 22.62
CA VAL D 506 -8.07 43.04 23.36
C VAL D 506 -7.13 42.33 22.42
N ARG D 507 -5.85 42.29 22.76
CA ARG D 507 -4.82 41.76 21.88
C ARG D 507 -4.20 40.52 22.49
N ALA D 508 -4.01 39.49 21.67
CA ALA D 508 -3.38 38.25 22.11
C ALA D 508 -1.87 38.43 22.12
N ASP D 509 -1.24 38.13 23.25
CA ASP D 509 0.21 38.30 23.36
C ASP D 509 0.94 37.01 23.06
N THR D 510 0.30 35.87 23.31
CA THR D 510 0.87 34.55 23.02
C THR D 510 -0.20 33.68 22.38
N TYR D 511 0.12 32.39 22.28
CA TYR D 511 -0.83 31.37 21.88
C TYR D 511 -1.91 31.21 22.92
N CYS D 512 -3.17 31.39 22.54
CA CYS D 512 -4.27 31.42 23.48
C CYS D 512 -5.34 30.43 23.07
N ARG D 513 -5.81 29.63 24.02
CA ARG D 513 -6.95 28.76 23.80
C ARG D 513 -8.16 29.35 24.51
N LEU D 514 -9.20 29.67 23.75
CA LEU D 514 -10.33 30.39 24.30
C LEU D 514 -11.62 29.65 24.01
N TYR D 515 -12.69 30.10 24.67
CA TYR D 515 -14.03 29.56 24.51
C TYR D 515 -14.98 30.67 24.05
N SER D 516 -16.19 30.28 23.65
CA SER D 516 -17.15 31.22 23.11
C SER D 516 -18.56 30.69 23.29
N LEU D 517 -19.50 31.59 23.54
CA LEU D 517 -20.89 31.23 23.83
C LEU D 517 -21.93 32.16 23.20
N SER D 518 -21.67 32.68 21.98
CA SER D 518 -22.34 33.81 21.32
C SER D 518 -23.85 33.90 21.49
N VAL D 519 -24.35 35.14 21.59
CA VAL D 519 -25.55 35.50 22.36
C VAL D 519 -26.83 34.80 21.91
N ASP D 520 -26.87 34.24 20.69
CA ASP D 520 -28.05 33.52 20.22
C ASP D 520 -28.27 32.23 21.02
N HIS D 521 -27.19 31.48 21.25
CA HIS D 521 -27.28 30.27 22.07
C HIS D 521 -27.60 30.61 23.51
N PHE D 522 -27.08 31.73 24.01
CA PHE D 522 -27.37 32.17 25.37
C PHE D 522 -28.83 32.55 25.52
N ASN D 523 -29.42 33.17 24.48
CA ASN D 523 -30.84 33.51 24.52
C ASN D 523 -31.70 32.25 24.41
N ALA D 524 -31.23 31.25 23.66
CA ALA D 524 -31.95 29.98 23.61
C ALA D 524 -31.93 29.27 24.95
N VAL D 525 -30.80 29.32 25.66
CA VAL D 525 -30.72 28.70 26.99
C VAL D 525 -31.57 29.49 27.99
N LEU D 526 -31.64 30.82 27.83
CA LEU D 526 -32.56 31.61 28.66
C LEU D 526 -34.01 31.28 28.37
N GLU D 527 -34.33 30.97 27.12
CA GLU D 527 -35.66 30.46 26.79
C GLU D 527 -35.92 29.09 27.39
N GLU D 528 -34.90 28.25 27.49
CA GLU D 528 -35.03 26.96 28.17
C GLU D 528 -35.07 27.13 29.69
CAH VXI E . -17.65 -18.13 -12.12
CAI VXI E . -17.63 -16.80 -11.57
CAJ VXI E . -19.13 -18.62 -12.19
CAK VXI E . -18.21 -16.71 -10.25
CAL VXI E . -16.86 -18.36 -13.53
CAM VXI E . -19.66 -17.23 -10.28
CAN VXI E . -20.89 -18.90 -10.93
CAO VXI E . -16.85 -16.88 -15.10
CAP VXI E . -21.42 -19.33 -9.56
CAQ VXI E . -15.08 -16.84 -13.80
CAR VXI E . -16.42 -17.50 -16.37
CAS VXI E . -14.43 -15.90 -14.22
CAT VXI E . -14.71 -17.01 -16.85
CAU VXI E . -13.75 -16.16 -15.58
CAV VXI E . -22.93 -19.09 -9.45
CAW VXI E . -14.17 -17.24 -18.02
CAX VXI E . -12.53 -15.76 -15.82
CAY VXI E . -23.80 -20.00 -10.03
CAZ VXI E . -12.76 -16.78 -18.28
CBA VXI E . -23.41 -17.97 -8.81
CBB VXI E . -11.92 -16.03 -17.15
CBC VXI E . -25.16 -19.79 -9.95
CBD VXI E . -24.78 -17.76 -8.73
CBE VXI E . -25.65 -18.66 -9.30
CBF VXI E . -12.11 -15.90 -20.36
CBG VXI E . -9.82 -15.29 -16.29
CBH VXI E . -25.59 -21.50 -11.56
CBI VXI E . -27.54 -18.43 -7.90
NAF VXI E . -19.73 -18.53 -10.88
NAG VXI E . -16.22 -17.22 -14.22
OAA VXI E . -14.60 -17.37 -12.86
OAB VXI E . -12.16 -17.01 -19.52
OAC VXI E . -10.60 -15.61 -17.40
OAD VXI E . -26.07 -20.70 -10.53
OAE VXI E . -27.04 -18.45 -9.21
CAH VXI F . 3.47 13.05 -24.59
CAI VXI F . 2.70 13.15 -23.37
CAJ VXI F . 2.76 13.89 -25.70
CAK VXI F . 1.34 12.69 -23.52
CAL VXI F . 5.06 13.38 -24.49
CAM VXI F . 0.63 13.48 -24.63
CAN VXI F . 0.84 14.12 -26.70
CAO VXI F . 5.84 14.94 -23.22
CAP VXI F . -0.39 13.41 -27.28
CAQ VXI F . 5.92 12.94 -22.34
CAR VXI F . 7.23 15.28 -23.63
CAS VXI F . 6.37 13.12 -21.22
CAT VXI F . 8.47 14.65 -22.43
CAU VXI F . 7.87 13.49 -21.20
CAV VXI F . -1.43 14.41 -27.74
CAW VXI F . 9.74 14.98 -22.43
CAX VXI F . 8.67 12.99 -20.30
CAY VXI F . -1.28 15.04 -28.97
CAZ VXI F . 10.66 14.39 -21.40
CBA VXI F . -2.53 14.71 -26.94
CBB VXI F . 10.11 13.37 -20.31
CBC VXI F . -2.22 15.96 -29.40
CBD VXI F . -3.47 15.64 -27.38
CBE VXI F . -3.31 16.25 -28.59
CBF VXI F . 12.36 15.66 -20.40
CBG VXI F . 10.52 11.69 -18.66
CBH VXI F . -0.79 16.68 -31.18
CBI VXI F . -5.56 16.66 -29.19
NAF VXI F . 1.39 13.46 -25.86
NAG VXI F . 5.65 13.83 -23.21
OAA VXI F . 5.65 11.81 -22.56
OAB VXI F . 12.01 14.74 -21.38
OAC VXI F . 10.98 12.82 -19.34
OAD VXI F . -2.08 16.61 -30.64
OAE VXI F . -4.27 17.19 -29.03
CAH VXI G . 16.93 18.69 12.30
CAI VXI G . 15.53 18.43 12.08
CAJ VXI G . 17.11 20.19 12.68
CAK VXI G . 14.94 19.25 11.05
CAL VXI G . 17.73 17.69 13.32
CAM VXI G . 15.14 20.73 11.40
CAN VXI G . 16.64 22.20 11.98
CAO VXI G . 16.81 16.90 15.11
CAP VXI G . 16.53 23.13 10.77
CAQ VXI G . 16.75 15.55 13.39
CAR VXI G . 17.86 16.39 16.02
CAS VXI G . 16.13 14.58 13.80
CAT VXI G . 17.88 14.54 16.06
CAU VXI G . 16.91 13.71 14.80
CAV VXI G . 15.97 24.48 11.18
CAW VXI G . 18.55 13.84 16.94
CAX VXI G . 16.86 12.41 14.75
CAY VXI G . 16.81 25.42 11.75
CAZ VXI G . 18.49 12.33 16.87
CBA VXI G . 14.63 24.78 10.97
CBB VXI G . 17.62 11.60 15.73
CBC VXI G . 16.32 26.66 12.13
CBD VXI G . 14.14 26.02 11.35
CBE VXI G . 14.97 26.95 11.93
CBF VXI G . 18.42 11.01 18.80
CBG VXI G . 17.11 9.64 14.50
CBH VXI G . 18.31 27.15 13.36
CBI VXI G . 13.96 28.97 11.25
NAF VXI G . 16.52 21.03 11.67
NAG VXI G . 16.99 16.62 14.03
OAA VXI G . 17.06 15.46 12.25
OAB VXI G . 19.20 11.56 17.80
OAC VXI G . 17.58 10.20 15.69
OAD VXI G . 17.15 27.62 12.73
OAE VXI G . 14.47 28.21 12.32
CAH VXI H . -4.18 -12.49 24.76
CAI VXI H . -4.80 -11.52 23.89
CAJ VXI H . -4.77 -12.32 26.20
CAK VXI H . -4.60 -10.15 24.31
CAL VXI H . -4.18 -14.05 24.28
CAM VXI H . -5.14 -9.97 25.74
CAN VXI H . -5.08 -10.82 27.76
CAO VXI H . -5.85 -14.92 23.24
CAP VXI H . -4.49 -9.61 28.49
CAQ VXI H . -4.26 -14.22 21.92
CAR VXI H . -5.76 -16.39 23.28
CAS VXI H . -4.67 -14.44 20.80
CAT VXI H . -5.28 -17.10 21.65
CAU VXI H . -4.72 -15.93 20.42
CAV VXI H . -5.52 -9.02 29.46
CAW VXI H . -5.34 -18.38 21.35
CAX VXI H . -4.35 -16.33 19.23
CAY VXI H . -5.71 -9.62 30.69
CAZ VXI H . -4.91 -18.84 19.98
CBA VXI H . -6.25 -7.90 29.10
CBB VXI H . -4.41 -17.78 18.89
CBC VXI H . -6.63 -9.10 31.58
CBD VXI H . -7.18 -7.38 29.99
CBE VXI H . -7.37 -7.97 31.22
CBF VXI H . -6.05 -20.55 18.85
CBG VXI H . -3.19 -17.34 16.89
CBH VXI H . -6.49 -11.03 32.97
CBI VXI H . -8.02 -6.14 32.53
NAF VXI H . -4.60 -10.96 26.64
NAG VXI H . -4.88 -14.42 23.03
OAA VXI H . -3.19 -13.70 21.93
OAB VXI H . -4.95 -20.20 19.65
OAC VXI H . -4.02 -18.21 17.62
OAD VXI H . -6.84 -9.68 32.84
OAE VXI H . -8.30 -7.45 32.12
#